data_5CJ5
#
_entry.id   5CJ5
#
_cell.length_a   197.639
_cell.length_b   197.639
_cell.length_c   105.623
_cell.angle_alpha   90.000
_cell.angle_beta   90.000
_cell.angle_gamma   120.000
#
_symmetry.space_group_name_H-M   'P 6'
#
_entity_poly.entity_id   1
_entity_poly.type   'polypeptide(L)'
_entity_poly.pdbx_seq_one_letter_code
;GSVAGRIVIDDVQPVVSNGRYPAKAVVGEVVPVAATVWREGHDAVAATLVVRYHGTTYPDLADPPPGVPGADRTAVPIGD
VMTPAAPVKPQRLPMSPGHTPDVFHGHFTPDRVGLWTYRVDGWGDPIASWRHNVTAKLDAGQGESELNNDLLVGARLLER
AATGVPRELREALLEAAAALRAPGDPFTRAGAALSAEVSDLLAEYPLREFVTRGEQYGVWVDRPEARFSSWYEMFPRSTG
GWDAEGRPVHGTFATAAEALPRIARMGFDVVYLPPIHPIGKVHRKGRNNSVTAAPGDVGSPWAIGSDEGGHDAVHPQLGT
IEDFDEFVASARDLGLEVALDLALQCAPDHPWAREHPEWFTVLPDGSIAYAENPPKKYQDIYPLNFDNDPAGIYQEVLRV
VRFWISHGVNIFRVDNPHTKPPNFWAWLIGQIKNENPDVLFLSEAFTRPARLYGLAKLGFTQSYTYFTWRTSKWELTEFG
QEIAAKADIARPNLFVNTPDILHESLQHGGPGMFAIRAVLAATMGPAWGVYSGYELFENQPVRPGSEEYLNSEKYELRPR
DFESALARGESLEPFLTRLNEIRRLHPALRELRTIRFHHVDNDALLAYSKFDPGTGDTVLVVVTLNPFGAEEATLWLDMP
ELGMEPYDRFWVRDEITGEEYQWGQANYVRLDPAKAVAHVLNMPLIPADKRLQLLRRE
;
_entity_poly.pdbx_strand_id   A,B
#
# COMPACT_ATOMS: atom_id res chain seq x y z
N SER A 2 2.04 -4.45 -10.93
CA SER A 2 0.98 -3.53 -11.32
C SER A 2 1.19 -2.97 -12.72
N VAL A 3 0.49 -3.60 -13.69
CA VAL A 3 0.54 -3.23 -15.10
C VAL A 3 -0.86 -3.16 -15.72
N ALA A 4 -0.92 -2.71 -16.96
CA ALA A 4 -2.17 -2.63 -17.71
C ALA A 4 -2.07 -3.47 -18.98
N GLY A 5 -3.20 -4.02 -19.42
CA GLY A 5 -3.23 -4.89 -20.57
C GLY A 5 -4.54 -5.66 -20.77
N ARG A 6 -4.51 -6.73 -21.57
CA ARG A 6 -5.72 -7.49 -21.93
C ARG A 6 -6.38 -7.98 -20.67
N ILE A 7 -5.50 -8.40 -19.77
CA ILE A 7 -5.81 -8.73 -18.40
C ILE A 7 -5.05 -7.71 -17.58
N VAL A 8 -5.72 -7.14 -16.60
CA VAL A 8 -5.06 -6.17 -15.76
C VAL A 8 -4.57 -6.87 -14.48
N ILE A 9 -3.28 -6.79 -14.23
CA ILE A 9 -2.71 -7.45 -13.07
C ILE A 9 -2.26 -6.51 -11.97
N ASP A 10 -3.17 -6.10 -11.09
CA ASP A 10 -2.78 -5.12 -10.07
C ASP A 10 -2.63 -5.72 -8.66
N ASP A 11 -1.79 -5.08 -7.85
CA ASP A 11 -1.56 -5.44 -6.45
C ASP A 11 -1.02 -6.86 -6.27
N VAL A 12 0.17 -7.10 -6.82
CA VAL A 12 0.85 -8.39 -6.85
C VAL A 12 1.87 -8.50 -5.72
N GLN A 13 1.54 -9.16 -4.62
CA GLN A 13 2.49 -9.23 -3.52
C GLN A 13 3.36 -10.47 -3.65
N PRO A 14 4.61 -10.42 -3.14
CA PRO A 14 5.27 -9.26 -2.53
C PRO A 14 6.21 -8.47 -3.46
N VAL A 15 6.20 -7.15 -3.30
CA VAL A 15 7.13 -6.24 -4.00
C VAL A 15 7.56 -5.19 -2.99
N VAL A 16 8.88 -4.97 -2.87
CA VAL A 16 9.40 -4.06 -1.85
C VAL A 16 9.80 -2.67 -2.38
N SER A 17 9.15 -1.64 -1.82
CA SER A 17 9.38 -0.25 -2.17
C SER A 17 9.22 -0.07 -3.63
N ASN A 18 8.20 -0.74 -4.15
CA ASN A 18 7.80 -0.72 -5.55
C ASN A 18 8.83 -1.41 -6.46
N GLY A 19 9.71 -2.22 -5.86
CA GLY A 19 10.76 -2.93 -6.57
C GLY A 19 12.22 -2.46 -6.50
N ARG A 20 12.50 -1.34 -5.82
CA ARG A 20 13.88 -0.87 -5.65
C ARG A 20 14.71 -1.88 -4.89
N TYR A 21 14.02 -2.85 -4.31
CA TYR A 21 14.67 -3.96 -3.65
C TYR A 21 13.93 -5.28 -4.00
N PRO A 22 14.60 -6.43 -3.82
CA PRO A 22 13.89 -7.73 -3.83
C PRO A 22 13.24 -8.09 -2.50
N ALA A 23 12.31 -9.04 -2.48
CA ALA A 23 11.82 -9.61 -1.22
C ALA A 23 12.92 -10.53 -0.71
N LYS A 24 12.87 -10.98 0.54
CA LYS A 24 13.99 -11.75 1.05
C LYS A 24 13.46 -13.08 1.56
N ALA A 25 14.15 -14.16 1.22
CA ALA A 25 13.66 -15.50 1.50
C ALA A 25 14.83 -16.41 1.80
N VAL A 26 14.52 -17.63 2.21
CA VAL A 26 15.57 -18.58 2.37
C VAL A 26 15.28 -19.72 1.41
N VAL A 27 16.26 -20.59 1.15
CA VAL A 27 16.04 -21.67 0.21
C VAL A 27 15.11 -22.67 0.84
N GLY A 28 14.39 -23.39 -0.01
CA GLY A 28 13.47 -24.43 0.41
C GLY A 28 12.31 -23.93 1.25
N GLU A 29 11.99 -22.65 1.09
CA GLU A 29 10.88 -22.03 1.82
C GLU A 29 9.73 -21.71 0.89
N VAL A 30 8.52 -22.06 1.31
CA VAL A 30 7.41 -21.75 0.44
C VAL A 30 7.24 -20.28 0.50
N VAL A 31 7.32 -19.67 -0.66
CA VAL A 31 7.05 -18.28 -0.76
C VAL A 31 5.79 -18.15 -1.56
N PRO A 32 4.79 -17.48 -0.99
CA PRO A 32 3.51 -17.16 -1.60
C PRO A 32 3.55 -15.86 -2.39
N VAL A 33 2.81 -15.78 -3.49
CA VAL A 33 2.65 -14.49 -4.14
C VAL A 33 1.16 -14.35 -4.46
N ALA A 34 0.57 -13.27 -3.98
CA ALA A 34 -0.85 -13.05 -4.14
C ALA A 34 -1.05 -11.94 -5.19
N ALA A 35 -2.23 -11.89 -5.80
CA ALA A 35 -2.46 -10.95 -6.89
C ALA A 35 -3.92 -10.76 -7.29
N THR A 36 -4.44 -9.55 -7.12
CA THR A 36 -5.74 -9.24 -7.69
C THR A 36 -5.58 -9.06 -9.19
N VAL A 37 -6.47 -9.63 -9.99
CA VAL A 37 -6.47 -9.34 -11.43
C VAL A 37 -7.89 -9.36 -11.97
N TRP A 38 -8.15 -8.54 -12.98
CA TRP A 38 -9.52 -8.45 -13.47
C TRP A 38 -9.66 -8.12 -14.99
N ARG A 39 -10.92 -8.07 -15.43
CA ARG A 39 -11.30 -8.01 -16.85
C ARG A 39 -12.68 -7.43 -17.16
N GLU A 40 -13.24 -7.84 -18.28
CA GLU A 40 -14.57 -7.42 -18.66
C GLU A 40 -15.62 -8.53 -18.88
N GLY A 41 -16.88 -8.13 -18.92
CA GLY A 41 -17.97 -9.06 -19.19
C GLY A 41 -18.26 -9.93 -17.99
N HIS A 42 -18.37 -11.24 -18.22
CA HIS A 42 -18.58 -12.14 -17.09
C HIS A 42 -17.88 -13.48 -17.21
N ASP A 43 -17.14 -13.62 -18.29
CA ASP A 43 -16.41 -14.83 -18.61
C ASP A 43 -15.22 -15.11 -17.67
N ALA A 44 -14.90 -16.39 -17.50
CA ALA A 44 -13.79 -16.89 -16.67
C ALA A 44 -12.38 -16.29 -16.97
N VAL A 45 -11.62 -16.00 -15.91
CA VAL A 45 -10.24 -15.49 -16.03
C VAL A 45 -9.18 -16.39 -15.36
N ALA A 46 -7.95 -16.44 -15.90
CA ALA A 46 -6.88 -17.26 -15.29
C ALA A 46 -5.45 -16.66 -15.29
N ALA A 47 -4.53 -17.32 -14.56
CA ALA A 47 -3.18 -16.78 -14.33
C ALA A 47 -2.05 -17.81 -14.12
N THR A 48 -0.81 -17.31 -14.02
CA THR A 48 0.42 -18.12 -14.00
C THR A 48 1.54 -17.54 -13.13
N LEU A 49 2.30 -18.40 -12.47
CA LEU A 49 3.41 -17.93 -11.66
C LEU A 49 4.76 -18.41 -12.15
N VAL A 50 5.38 -17.59 -12.98
CA VAL A 50 6.64 -17.96 -13.57
C VAL A 50 7.83 -17.74 -12.64
N VAL A 51 8.57 -18.81 -12.30
CA VAL A 51 9.79 -18.65 -11.48
C VAL A 51 11.06 -19.35 -12.07
N ARG A 52 12.10 -18.55 -12.34
CA ARG A 52 13.38 -18.99 -12.96
C ARG A 52 14.59 -18.55 -12.12
N TYR A 53 15.71 -19.25 -12.25
CA TYR A 53 16.90 -18.92 -11.47
C TYR A 53 17.92 -18.12 -12.28
N HIS A 54 18.43 -17.08 -11.64
CA HIS A 54 19.37 -16.14 -12.23
C HIS A 54 20.66 -16.00 -11.42
N GLY A 55 21.31 -17.15 -11.23
CA GLY A 55 22.60 -17.23 -10.56
C GLY A 55 22.82 -16.50 -9.26
N THR A 56 24.04 -16.00 -9.07
CA THR A 56 24.55 -15.52 -7.79
C THR A 56 25.01 -14.08 -7.88
N THR A 57 24.83 -13.49 -9.06
CA THR A 57 25.29 -12.14 -9.31
C THR A 57 24.45 -11.15 -8.56
N TYR A 58 25.12 -10.26 -7.88
CA TYR A 58 24.36 -9.44 -7.01
C TYR A 58 24.11 -8.06 -7.58
N PRO A 59 22.83 -7.69 -7.61
CA PRO A 59 22.36 -6.38 -8.04
C PRO A 59 22.70 -5.32 -7.01
N ASP A 60 23.26 -4.19 -7.47
CA ASP A 60 23.49 -3.00 -6.65
C ASP A 60 22.19 -2.21 -6.40
N LEU A 61 21.68 -2.21 -5.16
CA LEU A 61 20.38 -1.60 -4.86
C LEU A 61 20.41 -0.12 -4.45
N ALA A 62 21.61 0.40 -4.18
CA ALA A 62 21.76 1.85 -3.98
C ALA A 62 22.83 2.46 -4.91
N ASP A 63 22.53 3.63 -5.48
CA ASP A 63 23.45 4.38 -6.34
C ASP A 63 24.67 4.83 -5.52
N PRO A 64 25.88 4.37 -5.88
CA PRO A 64 27.08 4.80 -5.16
C PRO A 64 27.51 6.25 -5.49
N PRO A 65 28.31 6.88 -4.61
CA PRO A 65 29.00 8.18 -4.70
C PRO A 65 29.99 8.30 -5.89
N PRO A 66 30.41 9.53 -6.24
CA PRO A 66 31.13 9.83 -7.49
C PRO A 66 32.36 9.02 -7.89
N GLY A 67 33.43 9.02 -7.11
CA GLY A 67 34.61 8.30 -7.52
C GLY A 67 34.41 6.81 -7.41
N VAL A 68 33.69 6.44 -6.36
CA VAL A 68 33.44 5.04 -6.06
C VAL A 68 32.44 4.45 -7.07
N PRO A 69 32.71 3.22 -7.54
CA PRO A 69 32.01 2.54 -8.65
C PRO A 69 30.56 2.15 -8.40
N GLY A 70 29.84 1.81 -9.48
CA GLY A 70 28.46 1.38 -9.40
C GLY A 70 28.27 0.05 -8.67
N PRO A 90 13.06 -21.49 -16.42
CA PRO A 90 11.73 -20.89 -16.29
C PRO A 90 10.60 -21.92 -16.05
N GLN A 91 9.88 -21.71 -14.96
CA GLN A 91 8.88 -22.66 -14.49
C GLN A 91 7.55 -21.95 -14.35
N ARG A 92 6.72 -22.15 -15.35
CA ARG A 92 5.31 -21.77 -15.36
C ARG A 92 4.67 -22.39 -14.11
N LEU A 93 4.07 -21.62 -13.19
CA LEU A 93 3.43 -22.29 -12.06
C LEU A 93 1.97 -21.90 -11.87
N PRO A 94 1.21 -22.68 -11.07
CA PRO A 94 -0.22 -22.38 -11.07
C PRO A 94 -0.62 -21.43 -9.94
N MET A 95 -1.74 -20.76 -10.15
CA MET A 95 -2.31 -19.84 -9.16
C MET A 95 -3.78 -20.17 -8.91
N SER A 96 -4.07 -20.71 -7.73
CA SER A 96 -5.45 -21.07 -7.39
C SER A 96 -6.16 -19.93 -6.70
N PRO A 97 -7.35 -19.60 -7.20
CA PRO A 97 -8.14 -18.51 -6.64
C PRO A 97 -8.43 -18.78 -5.18
N GLY A 98 -8.68 -17.73 -4.43
CA GLY A 98 -8.89 -17.86 -3.00
C GLY A 98 -10.33 -17.81 -2.56
N HIS A 99 -10.66 -16.78 -1.80
CA HIS A 99 -12.01 -16.58 -1.31
C HIS A 99 -12.23 -15.05 -1.20
N THR A 100 -11.21 -14.27 -1.57
CA THR A 100 -11.27 -12.80 -1.70
C THR A 100 -11.50 -12.38 -3.16
N PRO A 101 -12.46 -11.47 -3.40
CA PRO A 101 -12.83 -11.20 -4.80
C PRO A 101 -11.67 -10.80 -5.72
N ASP A 102 -11.36 -11.70 -6.67
CA ASP A 102 -10.36 -11.51 -7.73
C ASP A 102 -8.89 -11.57 -7.34
N VAL A 103 -8.56 -11.94 -6.10
CA VAL A 103 -7.16 -12.15 -5.76
C VAL A 103 -6.80 -13.62 -5.88
N PHE A 104 -5.57 -13.91 -6.29
CA PHE A 104 -5.14 -15.27 -6.58
C PHE A 104 -3.93 -15.67 -5.76
N HIS A 105 -3.74 -16.96 -5.52
CA HIS A 105 -2.61 -17.40 -4.71
C HIS A 105 -1.83 -18.57 -5.30
N GLY A 106 -0.56 -18.32 -5.63
CA GLY A 106 0.39 -19.36 -5.99
C GLY A 106 1.48 -19.42 -4.95
N HIS A 107 2.51 -20.22 -5.18
CA HIS A 107 3.44 -20.52 -4.09
C HIS A 107 4.72 -21.11 -4.67
N PHE A 108 5.84 -20.44 -4.47
CA PHE A 108 7.04 -21.11 -4.90
C PHE A 108 8.03 -21.25 -3.74
N THR A 109 8.85 -22.29 -3.87
CA THR A 109 9.86 -22.69 -2.90
C THR A 109 11.24 -22.82 -3.59
N PRO A 110 12.16 -21.89 -3.30
CA PRO A 110 13.38 -21.85 -4.10
C PRO A 110 14.42 -22.84 -3.59
N ASP A 111 15.00 -23.62 -4.50
CA ASP A 111 15.93 -24.67 -4.10
C ASP A 111 17.37 -24.20 -4.12
N ARG A 112 17.68 -23.22 -4.94
CA ARG A 112 19.06 -22.80 -5.03
C ARG A 112 19.21 -21.44 -4.47
N VAL A 113 20.39 -21.17 -3.95
CA VAL A 113 20.69 -19.87 -3.40
C VAL A 113 21.26 -19.04 -4.52
N GLY A 114 20.77 -17.81 -4.66
CA GLY A 114 21.22 -16.95 -5.71
C GLY A 114 20.03 -16.16 -6.18
N LEU A 115 20.14 -15.51 -7.34
CA LEU A 115 19.10 -14.57 -7.70
C LEU A 115 17.92 -15.25 -8.35
N TRP A 116 16.76 -15.04 -7.74
CA TRP A 116 15.48 -15.54 -8.20
C TRP A 116 14.48 -14.35 -8.31
N THR A 117 13.56 -14.38 -9.28
CA THR A 117 12.49 -13.35 -9.36
C THR A 117 11.17 -13.76 -10.03
N TYR A 118 10.04 -13.38 -9.43
CA TYR A 118 8.72 -13.87 -9.85
C TYR A 118 7.97 -12.91 -10.78
N ARG A 119 7.40 -13.47 -11.84
CA ARG A 119 6.63 -12.67 -12.77
C ARG A 119 5.29 -13.34 -13.02
N VAL A 120 4.25 -12.53 -12.91
CA VAL A 120 2.90 -13.01 -12.98
C VAL A 120 2.30 -12.76 -14.36
N ASP A 121 1.73 -13.82 -14.93
CA ASP A 121 1.11 -13.82 -16.26
C ASP A 121 -0.39 -13.97 -16.18
N GLY A 122 -1.11 -13.20 -16.99
CA GLY A 122 -2.56 -13.24 -16.98
C GLY A 122 -3.26 -13.60 -18.28
N TRP A 123 -4.07 -14.65 -18.25
CA TRP A 123 -4.78 -15.07 -19.44
C TRP A 123 -6.19 -15.56 -19.13
N GLY A 124 -7.17 -15.09 -19.91
CA GLY A 124 -8.56 -15.48 -19.76
C GLY A 124 -8.71 -16.92 -20.20
N ASP A 125 -9.56 -17.69 -19.51
CA ASP A 125 -9.73 -19.12 -19.83
C ASP A 125 -11.18 -19.62 -20.05
N PRO A 126 -11.44 -20.22 -21.23
CA PRO A 126 -12.70 -20.78 -21.76
C PRO A 126 -12.97 -22.28 -21.49
N ILE A 127 -11.94 -23.12 -21.29
CA ILE A 127 -12.18 -24.54 -21.08
C ILE A 127 -13.21 -24.68 -19.97
N ALA A 128 -13.00 -23.91 -18.90
CA ALA A 128 -13.83 -23.97 -17.69
C ALA A 128 -15.17 -23.18 -17.72
N SER A 129 -15.33 -22.19 -18.61
CA SER A 129 -16.57 -21.39 -18.63
C SER A 129 -17.77 -22.12 -19.28
N TRP A 130 -17.45 -22.98 -20.24
CA TRP A 130 -18.48 -23.78 -20.90
C TRP A 130 -18.57 -25.13 -20.16
N ARG A 131 -17.43 -25.63 -19.67
CA ARG A 131 -17.44 -26.84 -18.86
C ARG A 131 -18.25 -26.61 -17.60
N HIS A 132 -18.39 -25.35 -17.19
CA HIS A 132 -19.36 -25.04 -16.15
C HIS A 132 -20.73 -24.89 -16.75
N ASN A 133 -20.78 -24.41 -17.99
CA ASN A 133 -22.04 -24.04 -18.61
C ASN A 133 -22.79 -25.32 -18.86
N VAL A 134 -22.05 -26.34 -19.28
CA VAL A 134 -22.55 -27.69 -19.36
C VAL A 134 -23.15 -28.12 -18.02
N THR A 135 -22.51 -27.75 -16.91
CA THR A 135 -22.99 -28.21 -15.62
C THR A 135 -24.35 -27.62 -15.32
N ALA A 136 -24.42 -26.31 -15.52
CA ALA A 136 -25.60 -25.53 -15.15
C ALA A 136 -26.84 -25.79 -16.00
N LYS A 137 -26.63 -25.99 -17.30
CA LYS A 137 -27.76 -26.10 -18.22
C LYS A 137 -28.49 -27.44 -18.21
N LEU A 138 -27.82 -28.52 -17.83
CA LEU A 138 -28.53 -29.79 -17.78
C LEU A 138 -29.05 -30.23 -16.41
N ASP A 139 -28.53 -29.64 -15.32
CA ASP A 139 -29.13 -29.83 -13.99
C ASP A 139 -30.28 -28.85 -13.85
N ALA A 140 -30.37 -27.92 -14.81
CA ALA A 140 -31.53 -27.06 -14.94
C ALA A 140 -32.52 -27.70 -15.90
N GLY A 141 -32.13 -28.83 -16.46
CA GLY A 141 -33.06 -29.62 -17.25
C GLY A 141 -33.24 -29.18 -18.69
N GLN A 142 -32.24 -29.44 -19.51
CA GLN A 142 -32.24 -29.10 -20.93
C GLN A 142 -31.72 -30.29 -21.76
N GLY A 143 -32.09 -30.35 -23.03
CA GLY A 143 -31.65 -31.46 -23.88
C GLY A 143 -30.54 -31.04 -24.82
N GLU A 144 -30.40 -31.75 -25.94
CA GLU A 144 -29.39 -31.41 -26.96
C GLU A 144 -29.92 -30.25 -27.82
N SER A 145 -31.24 -30.12 -27.84
CA SER A 145 -31.96 -29.11 -28.61
C SER A 145 -31.40 -27.69 -28.48
N GLU A 146 -31.41 -27.17 -27.27
CA GLU A 146 -31.10 -25.76 -27.04
C GLU A 146 -29.60 -25.40 -27.10
N LEU A 147 -28.73 -26.33 -26.72
CA LEU A 147 -27.34 -25.95 -26.48
C LEU A 147 -26.31 -26.17 -27.59
N ASN A 148 -26.68 -26.74 -28.73
CA ASN A 148 -25.63 -27.29 -29.60
C ASN A 148 -25.00 -26.12 -30.37
N ASN A 149 -25.54 -24.93 -30.20
CA ASN A 149 -24.84 -23.79 -30.73
C ASN A 149 -23.63 -23.66 -29.83
N ASP A 150 -23.84 -23.93 -28.54
CA ASP A 150 -22.77 -23.83 -27.56
C ASP A 150 -21.67 -24.94 -27.60
N LEU A 151 -21.97 -26.17 -28.03
CA LEU A 151 -20.89 -27.18 -28.09
C LEU A 151 -20.20 -27.41 -29.43
N LEU A 152 -20.80 -26.97 -30.53
CA LEU A 152 -20.10 -27.06 -31.82
C LEU A 152 -18.87 -26.15 -31.84
N VAL A 153 -18.81 -25.25 -30.86
CA VAL A 153 -17.63 -24.46 -30.63
C VAL A 153 -16.69 -25.37 -29.91
N GLY A 154 -17.24 -26.21 -29.05
CA GLY A 154 -16.46 -27.08 -28.20
C GLY A 154 -15.54 -28.02 -28.95
N ALA A 155 -15.98 -28.47 -30.10
CA ALA A 155 -15.09 -29.25 -30.94
C ALA A 155 -14.11 -28.26 -31.54
N ARG A 156 -14.61 -27.07 -31.90
CA ARG A 156 -13.74 -26.03 -32.46
C ARG A 156 -12.94 -25.43 -31.33
N LEU A 157 -13.43 -25.62 -30.10
CA LEU A 157 -12.72 -25.23 -28.90
C LEU A 157 -11.52 -26.12 -28.77
N LEU A 158 -11.76 -27.42 -28.89
CA LEU A 158 -10.67 -28.35 -28.66
C LEU A 158 -9.85 -28.48 -29.94
N GLU A 159 -10.27 -27.81 -31.01
CA GLU A 159 -9.46 -27.76 -32.23
C GLU A 159 -8.11 -27.03 -32.17
N ARG A 160 -7.97 -25.95 -31.41
CA ARG A 160 -6.63 -25.37 -31.24
C ARG A 160 -6.00 -25.79 -29.91
N ALA A 161 -6.84 -26.26 -28.99
CA ALA A 161 -6.32 -26.85 -27.75
C ALA A 161 -5.51 -28.02 -28.19
N ALA A 162 -5.88 -28.51 -29.37
CA ALA A 162 -5.16 -29.50 -30.09
C ALA A 162 -3.79 -28.99 -30.55
N THR A 163 -3.80 -27.79 -31.13
CA THR A 163 -2.57 -27.16 -31.62
C THR A 163 -1.65 -26.87 -30.46
N GLY A 164 -2.21 -26.86 -29.25
CA GLY A 164 -1.38 -26.62 -28.09
C GLY A 164 -0.98 -27.84 -27.26
N VAL A 165 -1.03 -29.04 -27.84
CA VAL A 165 -0.48 -30.24 -27.22
C VAL A 165 -0.01 -31.19 -28.32
N PRO A 166 1.01 -32.04 -28.04
CA PRO A 166 1.71 -32.80 -29.09
C PRO A 166 0.90 -33.71 -30.03
N ARG A 167 1.46 -33.84 -31.24
CA ARG A 167 0.88 -34.54 -32.38
C ARG A 167 0.64 -36.02 -32.13
N GLU A 168 1.48 -36.63 -31.32
CA GLU A 168 1.34 -38.06 -31.08
C GLU A 168 0.19 -38.28 -30.13
N LEU A 169 -0.09 -37.27 -29.32
CA LEU A 169 -1.17 -37.35 -28.36
C LEU A 169 -2.26 -36.40 -28.88
N ARG A 170 -2.28 -36.29 -30.20
CA ARG A 170 -3.38 -35.68 -30.96
C ARG A 170 -4.57 -36.61 -31.19
N GLU A 171 -4.29 -37.90 -31.30
CA GLU A 171 -5.34 -38.85 -31.63
C GLU A 171 -6.38 -38.69 -30.56
N ALA A 172 -5.91 -38.56 -29.32
CA ALA A 172 -6.76 -38.35 -28.16
C ALA A 172 -7.28 -36.92 -28.06
N LEU A 173 -7.16 -36.10 -29.11
CA LEU A 173 -7.95 -34.87 -29.14
C LEU A 173 -9.18 -35.18 -29.99
N LEU A 174 -8.90 -35.81 -31.12
CA LEU A 174 -9.86 -36.03 -32.18
C LEU A 174 -11.14 -36.77 -31.79
N GLU A 175 -10.99 -37.84 -31.01
CA GLU A 175 -12.12 -38.61 -30.47
C GLU A 175 -13.21 -37.74 -29.83
N ALA A 176 -12.87 -37.00 -28.77
CA ALA A 176 -13.85 -36.23 -27.99
C ALA A 176 -14.33 -35.01 -28.74
N ALA A 177 -13.47 -34.47 -29.60
CA ALA A 177 -13.87 -33.37 -30.46
C ALA A 177 -14.79 -33.98 -31.50
N ALA A 178 -14.58 -35.26 -31.81
CA ALA A 178 -15.54 -36.01 -32.64
C ALA A 178 -16.65 -36.53 -31.74
N ALA A 179 -16.32 -36.91 -30.51
CA ALA A 179 -17.30 -37.33 -29.52
C ALA A 179 -18.15 -36.14 -29.12
N LEU A 180 -17.80 -34.99 -29.66
CA LEU A 180 -18.68 -33.84 -29.64
C LEU A 180 -19.40 -33.61 -30.95
N ARG A 181 -18.71 -33.86 -32.05
CA ARG A 181 -19.28 -33.58 -33.36
C ARG A 181 -20.39 -34.51 -33.86
N ALA A 182 -20.14 -35.81 -33.77
CA ALA A 182 -21.12 -36.79 -34.24
C ALA A 182 -22.38 -36.72 -33.37
N PRO A 183 -23.53 -37.09 -33.92
CA PRO A 183 -24.76 -36.91 -33.13
C PRO A 183 -24.96 -37.97 -32.05
N GLY A 184 -25.13 -37.54 -30.81
CA GLY A 184 -25.33 -38.48 -29.72
C GLY A 184 -26.21 -37.94 -28.62
N ASP A 185 -26.12 -38.59 -27.48
CA ASP A 185 -26.98 -38.25 -26.35
C ASP A 185 -26.39 -37.05 -25.64
N PRO A 186 -27.23 -36.13 -25.14
CA PRO A 186 -26.70 -34.99 -24.38
C PRO A 186 -25.60 -35.37 -23.39
N PHE A 187 -25.85 -36.44 -22.64
CA PHE A 187 -24.93 -36.95 -21.65
C PHE A 187 -23.76 -37.68 -22.35
N THR A 188 -24.06 -38.38 -23.46
CA THR A 188 -23.04 -39.17 -24.20
C THR A 188 -22.05 -38.33 -25.01
N ARG A 189 -22.51 -37.21 -25.53
CA ARG A 189 -21.65 -36.37 -26.35
C ARG A 189 -20.67 -35.57 -25.50
N ALA A 190 -21.08 -35.24 -24.28
CA ALA A 190 -20.24 -34.47 -23.38
C ALA A 190 -19.31 -35.31 -22.48
N GLY A 191 -19.77 -36.48 -22.06
CA GLY A 191 -19.03 -37.36 -21.16
C GLY A 191 -17.58 -37.61 -21.48
N ALA A 192 -17.27 -37.71 -22.78
CA ALA A 192 -15.91 -37.95 -23.23
C ALA A 192 -15.03 -36.81 -22.76
N ALA A 193 -15.46 -35.60 -23.09
CA ALA A 193 -14.75 -34.36 -22.79
C ALA A 193 -14.72 -34.00 -21.29
N LEU A 194 -15.59 -34.59 -20.48
CA LEU A 194 -15.55 -34.30 -19.05
C LEU A 194 -14.52 -35.12 -18.27
N SER A 195 -14.20 -36.32 -18.77
CA SER A 195 -13.40 -37.32 -18.06
C SER A 195 -12.09 -36.76 -17.51
N ALA A 196 -11.49 -37.45 -16.56
CA ALA A 196 -10.21 -36.98 -16.04
C ALA A 196 -9.23 -37.04 -17.18
N GLU A 197 -9.33 -38.09 -18.00
CA GLU A 197 -8.44 -38.24 -19.16
C GLU A 197 -8.32 -36.97 -19.98
N VAL A 198 -9.44 -36.48 -20.47
CA VAL A 198 -9.46 -35.19 -21.12
C VAL A 198 -9.09 -34.11 -20.09
N SER A 199 -9.63 -34.20 -18.87
CA SER A 199 -9.26 -33.25 -17.82
C SER A 199 -7.73 -33.25 -17.55
N ASP A 200 -7.07 -34.41 -17.62
CA ASP A 200 -5.62 -34.50 -17.36
C ASP A 200 -4.73 -33.61 -18.22
N LEU A 201 -5.03 -33.61 -19.50
CA LEU A 201 -4.25 -32.92 -20.53
C LEU A 201 -4.27 -31.37 -20.51
N LEU A 202 -5.36 -30.75 -20.06
CA LEU A 202 -5.48 -29.27 -20.02
C LEU A 202 -5.20 -28.67 -18.65
N ALA A 203 -4.82 -29.51 -17.70
CA ALA A 203 -4.37 -29.06 -16.41
C ALA A 203 -2.85 -29.01 -16.50
N GLU A 204 -2.34 -29.63 -17.57
CA GLU A 204 -0.89 -29.73 -17.83
C GLU A 204 -0.50 -28.82 -19.01
N TYR A 205 -1.19 -28.93 -20.14
CA TYR A 205 -0.97 -28.00 -21.25
C TYR A 205 -2.27 -27.27 -21.65
N PRO A 206 -2.59 -26.14 -20.99
CA PRO A 206 -3.83 -25.43 -21.32
C PRO A 206 -3.73 -24.45 -22.46
N LEU A 207 -4.88 -24.02 -22.97
CA LEU A 207 -4.91 -22.99 -23.97
C LEU A 207 -4.92 -21.63 -23.26
N ARG A 208 -3.76 -21.00 -23.25
CA ARG A 208 -3.58 -19.67 -22.72
C ARG A 208 -4.03 -18.59 -23.70
N GLU A 209 -5.13 -17.89 -23.43
CA GLU A 209 -5.56 -16.83 -24.35
C GLU A 209 -5.49 -15.40 -23.80
N PHE A 210 -5.06 -14.48 -24.67
CA PHE A 210 -4.92 -13.04 -24.42
C PHE A 210 -4.07 -12.73 -23.19
N VAL A 211 -2.77 -12.81 -23.37
CA VAL A 211 -1.85 -12.82 -22.26
C VAL A 211 -1.29 -11.44 -22.07
N THR A 212 -1.24 -11.03 -20.80
CA THR A 212 -0.65 -9.76 -20.44
C THR A 212 0.62 -9.99 -19.63
N ARG A 213 1.73 -9.50 -20.19
CA ARG A 213 3.03 -9.64 -19.56
C ARG A 213 3.00 -8.84 -18.29
N GLY A 214 3.14 -9.51 -17.16
CA GLY A 214 3.25 -8.82 -15.88
C GLY A 214 4.66 -8.33 -15.60
N GLU A 215 4.82 -7.56 -14.53
CA GLU A 215 6.11 -7.01 -14.12
C GLU A 215 6.98 -7.98 -13.34
N GLN A 216 8.27 -8.02 -13.66
CA GLN A 216 8.99 -9.19 -13.19
C GLN A 216 9.48 -8.83 -11.74
N TYR A 217 8.87 -9.38 -10.68
CA TYR A 217 9.31 -8.96 -9.32
C TYR A 217 10.25 -9.91 -8.62
N GLY A 218 11.12 -9.33 -7.78
CA GLY A 218 12.24 -10.07 -7.23
C GLY A 218 12.20 -10.58 -5.81
N VAL A 219 12.99 -11.62 -5.57
CA VAL A 219 13.16 -12.26 -4.27
C VAL A 219 14.57 -12.84 -4.16
N TRP A 220 15.48 -12.31 -3.32
CA TRP A 220 16.81 -12.98 -3.18
C TRP A 220 16.77 -14.07 -2.11
N VAL A 221 17.24 -15.26 -2.48
CA VAL A 221 17.03 -16.43 -1.66
C VAL A 221 18.32 -16.88 -1.02
N ASP A 222 18.40 -16.61 0.27
CA ASP A 222 19.56 -16.92 1.08
C ASP A 222 19.60 -18.34 1.61
N ARG A 223 20.69 -18.63 2.29
CA ARG A 223 20.86 -19.81 3.10
C ARG A 223 19.78 -19.85 4.17
N PRO A 224 19.55 -21.04 4.77
CA PRO A 224 18.58 -21.22 5.86
C PRO A 224 18.99 -20.57 7.16
N GLU A 225 20.25 -20.78 7.50
CA GLU A 225 20.86 -20.20 8.70
C GLU A 225 20.45 -18.74 8.79
N ALA A 226 20.31 -18.12 7.61
CA ALA A 226 19.86 -16.75 7.49
C ALA A 226 18.46 -16.59 8.06
N ARG A 227 17.74 -17.70 8.25
CA ARG A 227 16.44 -17.57 8.88
C ARG A 227 16.25 -18.50 10.10
N PHE A 228 16.77 -19.71 10.03
CA PHE A 228 16.70 -20.56 11.21
C PHE A 228 18.08 -20.71 11.79
N SER A 229 18.43 -19.91 12.80
CA SER A 229 19.79 -19.96 13.31
C SER A 229 19.82 -19.82 14.78
N SER A 230 20.82 -20.46 15.37
CA SER A 230 20.98 -20.42 16.81
C SER A 230 22.25 -19.67 17.11
N TRP A 231 22.08 -18.44 17.55
CA TRP A 231 23.14 -17.52 17.88
C TRP A 231 23.54 -17.52 19.32
N TYR A 232 24.79 -17.13 19.53
CA TYR A 232 25.39 -16.99 20.85
C TYR A 232 26.24 -15.72 20.95
N GLU A 233 26.54 -15.29 22.17
CA GLU A 233 27.57 -14.25 22.33
C GLU A 233 28.51 -14.56 23.51
N MET A 234 29.80 -14.66 23.21
CA MET A 234 30.82 -14.97 24.20
C MET A 234 32.03 -14.06 24.05
N PHE A 235 32.70 -13.73 25.16
CA PHE A 235 34.01 -13.06 25.05
C PHE A 235 35.13 -14.08 25.20
N PRO A 236 36.09 -14.05 24.28
CA PRO A 236 37.29 -14.88 24.26
C PRO A 236 38.42 -14.38 25.19
N ARG A 237 38.56 -13.07 25.31
CA ARG A 237 39.35 -12.47 26.35
C ARG A 237 38.91 -13.05 27.67
N SER A 238 37.60 -13.16 27.81
CA SER A 238 36.99 -13.55 29.07
C SER A 238 37.27 -15.00 29.38
N THR A 239 37.77 -15.74 28.39
CA THR A 239 38.05 -17.15 28.61
C THR A 239 39.35 -17.34 29.39
N GLY A 240 39.93 -16.24 29.85
CA GLY A 240 41.18 -16.32 30.57
C GLY A 240 41.23 -17.00 31.89
N GLY A 241 40.21 -16.76 32.70
CA GLY A 241 40.07 -17.52 33.92
C GLY A 241 40.75 -16.91 35.12
N TRP A 242 41.12 -17.79 36.04
CA TRP A 242 41.59 -17.40 37.34
C TRP A 242 43.02 -17.94 37.52
N ASP A 243 43.88 -17.20 38.21
CA ASP A 243 45.26 -17.64 38.34
C ASP A 243 45.52 -18.19 39.71
N ALA A 244 46.76 -18.59 39.95
CA ALA A 244 47.12 -19.18 41.25
C ALA A 244 46.83 -18.23 42.41
N GLU A 245 46.62 -16.96 42.10
CA GLU A 245 46.36 -15.92 43.09
C GLU A 245 44.90 -15.49 43.09
N GLY A 246 44.16 -16.02 42.11
CA GLY A 246 42.73 -15.81 42.02
C GLY A 246 42.31 -14.48 41.39
N ARG A 247 43.02 -14.11 40.33
CA ARG A 247 42.60 -12.95 39.59
C ARG A 247 42.15 -13.37 38.21
N PRO A 248 41.22 -12.61 37.62
CA PRO A 248 40.64 -12.96 36.32
C PRO A 248 41.73 -12.89 35.27
N VAL A 249 41.93 -13.97 34.53
CA VAL A 249 43.01 -14.02 33.56
C VAL A 249 42.46 -13.68 32.20
N HIS A 250 43.34 -13.13 31.37
CA HIS A 250 42.95 -12.71 30.03
C HIS A 250 42.82 -13.97 29.28
N GLY A 251 42.01 -13.96 28.25
CA GLY A 251 41.75 -15.14 27.48
C GLY A 251 42.35 -14.83 26.17
N THR A 252 42.80 -15.88 25.51
CA THR A 252 43.47 -15.75 24.23
C THR A 252 42.72 -16.60 23.20
N PHE A 253 43.20 -16.74 21.96
CA PHE A 253 42.47 -17.59 21.02
C PHE A 253 42.46 -19.05 21.47
N ALA A 254 43.60 -19.54 21.96
CA ALA A 254 43.77 -20.95 22.30
C ALA A 254 42.88 -21.31 23.46
N THR A 255 42.66 -20.29 24.30
CA THR A 255 41.90 -20.37 25.52
C THR A 255 40.42 -20.55 25.19
N ALA A 256 40.04 -19.96 24.04
CA ALA A 256 38.68 -20.00 23.47
C ALA A 256 38.32 -21.25 22.61
N ALA A 257 39.28 -21.82 21.89
CA ALA A 257 39.04 -23.06 21.11
C ALA A 257 38.62 -24.20 22.04
N GLU A 258 38.87 -24.02 23.33
CA GLU A 258 38.46 -24.96 24.35
C GLU A 258 37.04 -24.67 24.83
N ALA A 259 36.57 -23.44 24.65
CA ALA A 259 35.32 -22.97 25.24
C ALA A 259 34.04 -23.39 24.52
N LEU A 260 34.17 -23.76 23.26
CA LEU A 260 33.00 -24.08 22.41
C LEU A 260 32.28 -25.40 22.59
N PRO A 261 33.03 -26.50 22.93
CA PRO A 261 32.38 -27.81 23.13
C PRO A 261 31.14 -27.70 23.96
N ARG A 262 31.27 -26.86 24.99
CA ARG A 262 30.18 -26.42 25.83
C ARG A 262 29.06 -25.78 25.02
N ILE A 263 29.42 -24.74 24.26
CA ILE A 263 28.44 -24.02 23.47
C ILE A 263 27.91 -24.88 22.33
N ALA A 264 28.80 -25.52 21.59
CA ALA A 264 28.42 -26.37 20.47
C ALA A 264 27.35 -27.41 20.85
N ARG A 265 27.20 -27.69 22.15
CA ARG A 265 26.24 -28.67 22.60
C ARG A 265 24.88 -28.07 22.72
N MET A 266 24.87 -26.85 23.21
CA MET A 266 23.63 -26.17 23.52
C MET A 266 22.70 -26.07 22.33
N GLY A 267 23.27 -25.89 21.15
CA GLY A 267 22.46 -25.90 19.94
C GLY A 267 22.81 -24.84 18.93
N PHE A 268 23.84 -24.06 19.24
CA PHE A 268 24.13 -22.95 18.35
C PHE A 268 25.00 -23.33 17.18
N ASP A 269 24.73 -22.63 16.09
CA ASP A 269 25.38 -22.93 14.84
C ASP A 269 26.12 -21.71 14.39
N VAL A 270 25.95 -20.60 15.10
CA VAL A 270 26.70 -19.42 14.75
C VAL A 270 27.10 -18.70 16.01
N VAL A 271 28.40 -18.50 16.16
CA VAL A 271 28.94 -17.80 17.32
C VAL A 271 29.68 -16.50 17.00
N TYR A 272 28.98 -15.43 17.35
CA TYR A 272 29.39 -14.03 17.22
C TYR A 272 30.45 -13.69 18.24
N LEU A 273 31.43 -12.89 17.83
CA LEU A 273 32.40 -12.33 18.80
C LEU A 273 32.48 -10.80 18.79
N PRO A 274 32.54 -10.18 19.99
CA PRO A 274 32.93 -8.78 20.17
C PRO A 274 34.25 -8.57 19.48
N PRO A 275 34.53 -7.33 19.02
CA PRO A 275 35.71 -7.07 18.20
C PRO A 275 36.98 -7.72 18.77
N ILE A 276 37.83 -8.22 17.87
CA ILE A 276 39.04 -9.00 18.21
C ILE A 276 40.41 -8.45 17.68
N HIS A 277 40.50 -7.11 17.59
CA HIS A 277 41.71 -6.40 17.20
C HIS A 277 42.30 -5.71 18.48
N PRO A 278 43.50 -5.10 18.39
CA PRO A 278 44.02 -4.41 19.58
C PRO A 278 43.15 -3.23 20.13
N ILE A 279 42.89 -3.18 21.44
CA ILE A 279 42.29 -1.98 22.02
C ILE A 279 43.37 -0.91 22.23
N GLY A 280 42.97 0.35 22.04
CA GLY A 280 43.85 1.48 22.22
C GLY A 280 44.31 1.50 23.66
N LYS A 281 45.02 2.56 24.05
CA LYS A 281 45.46 2.66 25.44
C LYS A 281 45.06 3.98 26.14
N VAL A 282 44.77 5.02 25.34
CA VAL A 282 44.39 6.38 25.82
C VAL A 282 42.85 6.69 25.72
N HIS A 283 42.33 7.49 26.68
CA HIS A 283 40.87 7.78 26.88
C HIS A 283 40.17 6.51 27.15
N ARG A 284 40.99 5.54 27.49
CA ARG A 284 40.56 4.18 27.56
C ARG A 284 39.62 4.19 28.72
N LYS A 285 38.76 3.20 28.77
CA LYS A 285 37.74 3.23 29.78
C LYS A 285 38.04 2.20 30.84
N GLY A 286 37.76 2.57 32.08
CA GLY A 286 38.13 1.72 33.20
C GLY A 286 37.04 0.77 33.61
N ARG A 287 37.26 0.06 34.69
CA ARG A 287 36.30 -0.91 35.18
C ARG A 287 35.06 -0.21 35.80
N ASN A 288 33.89 -0.81 35.56
CA ASN A 288 32.59 -0.27 35.94
C ASN A 288 32.19 1.06 35.31
N ASN A 289 32.24 1.09 33.97
CA ASN A 289 31.76 2.20 33.15
C ASN A 289 32.61 3.49 33.34
N SER A 290 33.90 3.30 33.63
CA SER A 290 34.82 4.41 33.88
C SER A 290 35.54 4.94 32.65
N VAL A 291 35.90 6.22 32.71
CA VAL A 291 36.85 6.78 31.76
C VAL A 291 38.19 6.81 32.44
N THR A 292 38.23 6.48 33.73
CA THR A 292 39.51 6.55 34.42
C THR A 292 40.01 5.14 34.45
N ALA A 293 41.17 4.91 33.86
CA ALA A 293 41.70 3.58 33.78
C ALA A 293 42.65 3.34 34.96
N ALA A 294 42.90 2.07 35.22
CA ALA A 294 43.77 1.62 36.31
C ALA A 294 44.88 0.75 35.72
N PRO A 295 45.97 0.48 36.47
CA PRO A 295 47.06 -0.35 35.91
C PRO A 295 46.66 -1.79 35.47
N GLY A 296 46.55 -2.01 34.16
CA GLY A 296 46.26 -3.33 33.62
C GLY A 296 44.84 -3.50 33.14
N ASP A 297 44.23 -2.41 32.68
CA ASP A 297 42.83 -2.42 32.28
C ASP A 297 42.65 -2.81 30.81
N VAL A 298 41.61 -3.60 30.54
CA VAL A 298 41.28 -4.08 29.17
C VAL A 298 40.52 -3.04 28.36
N GLY A 299 39.42 -2.59 28.95
CA GLY A 299 38.54 -1.64 28.33
C GLY A 299 37.55 -2.11 27.29
N SER A 300 37.03 -1.13 26.59
CA SER A 300 36.05 -1.34 25.57
C SER A 300 36.75 -2.00 24.40
N PRO A 301 36.23 -3.15 23.96
CA PRO A 301 36.58 -3.90 22.76
C PRO A 301 36.13 -3.18 21.50
N TRP A 302 34.93 -2.58 21.54
CA TRP A 302 34.37 -1.81 20.41
C TRP A 302 35.07 -0.48 20.10
N ALA A 303 36.05 -0.11 20.91
CA ALA A 303 36.88 1.06 20.66
C ALA A 303 38.14 0.62 19.93
N ILE A 304 38.07 0.42 18.61
CA ILE A 304 39.14 -0.25 17.90
C ILE A 304 40.38 0.64 17.75
N GLY A 305 41.58 0.03 17.76
CA GLY A 305 42.81 0.73 17.43
C GLY A 305 43.82 1.07 18.51
N SER A 306 44.77 0.19 18.73
CA SER A 306 45.93 0.62 19.48
C SER A 306 46.98 0.79 18.42
N ASP A 307 48.20 1.08 18.87
CA ASP A 307 49.31 1.27 17.96
C ASP A 307 49.67 0.00 17.19
N GLU A 308 49.90 -1.11 17.89
CA GLU A 308 50.28 -2.33 17.21
C GLU A 308 49.06 -3.04 16.62
N GLY A 309 48.38 -2.35 15.68
CA GLY A 309 47.31 -2.97 14.90
C GLY A 309 46.01 -2.22 14.62
N GLY A 310 45.31 -2.68 13.58
CA GLY A 310 44.00 -2.17 13.25
C GLY A 310 42.96 -3.24 12.93
N HIS A 311 42.00 -2.81 12.13
CA HIS A 311 40.78 -3.57 11.93
C HIS A 311 40.98 -4.94 11.36
N ASP A 312 42.08 -5.15 10.67
CA ASP A 312 42.39 -6.48 10.16
C ASP A 312 43.43 -7.15 11.08
N ALA A 313 44.04 -6.37 11.97
CA ALA A 313 45.11 -6.90 12.83
C ALA A 313 44.54 -7.35 14.15
N VAL A 314 44.97 -8.54 14.60
CA VAL A 314 44.60 -9.07 15.91
C VAL A 314 45.23 -8.38 17.10
N HIS A 315 44.56 -8.59 18.25
CA HIS A 315 44.97 -8.14 19.58
C HIS A 315 46.07 -9.07 19.98
N PRO A 316 47.23 -8.49 20.29
CA PRO A 316 48.36 -9.27 20.77
C PRO A 316 48.03 -10.29 21.89
N GLN A 317 47.04 -10.03 22.76
CA GLN A 317 46.75 -10.96 23.87
C GLN A 317 45.74 -12.07 23.59
N LEU A 318 45.23 -12.10 22.37
CA LEU A 318 44.56 -13.31 21.90
C LEU A 318 45.44 -14.11 20.91
N GLY A 319 46.49 -13.50 20.39
CA GLY A 319 47.47 -14.24 19.62
C GLY A 319 47.94 -13.55 18.35
N THR A 320 47.98 -14.29 17.25
CA THR A 320 48.32 -13.72 15.97
C THR A 320 47.28 -14.04 14.97
N ILE A 321 47.56 -13.63 13.75
CA ILE A 321 46.60 -13.78 12.71
C ILE A 321 46.53 -15.29 12.33
N GLU A 322 47.63 -16.04 12.50
CA GLU A 322 47.59 -17.48 12.15
C GLU A 322 46.96 -18.33 13.23
N ASP A 323 47.20 -17.96 14.47
CA ASP A 323 46.63 -18.72 15.57
C ASP A 323 45.11 -18.53 15.62
N PHE A 324 44.67 -17.47 14.95
CA PHE A 324 43.28 -17.13 14.76
C PHE A 324 42.70 -18.17 13.85
N ASP A 325 43.52 -18.62 12.92
CA ASP A 325 43.07 -19.54 11.89
C ASP A 325 42.78 -20.89 12.51
N GLU A 326 43.63 -21.31 13.43
CA GLU A 326 43.42 -22.57 14.10
C GLU A 326 42.09 -22.54 14.84
N PHE A 327 41.74 -21.35 15.32
CA PHE A 327 40.50 -21.13 16.08
C PHE A 327 39.16 -21.41 15.32
N VAL A 328 39.02 -20.90 14.10
CA VAL A 328 37.74 -20.98 13.39
C VAL A 328 37.48 -22.39 12.88
N ALA A 329 38.55 -23.14 12.59
CA ALA A 329 38.39 -24.51 12.12
C ALA A 329 37.74 -25.34 13.21
N SER A 330 38.07 -24.96 14.44
CA SER A 330 37.54 -25.58 15.65
C SER A 330 36.01 -25.44 15.66
N ALA A 331 35.52 -24.44 14.94
CA ALA A 331 34.09 -24.28 14.76
C ALA A 331 33.68 -25.12 13.53
N ARG A 332 34.55 -25.15 12.52
CA ARG A 332 34.32 -25.92 11.29
C ARG A 332 33.87 -27.38 11.56
N ASP A 333 34.58 -28.07 12.45
CA ASP A 333 34.34 -29.49 12.66
C ASP A 333 33.72 -29.67 14.04
N LEU A 334 32.95 -28.68 14.45
CA LEU A 334 32.11 -28.79 15.60
C LEU A 334 30.69 -28.49 15.21
N GLY A 335 30.55 -27.87 14.04
CA GLY A 335 29.23 -27.47 13.59
C GLY A 335 28.88 -26.03 13.91
N LEU A 336 29.87 -25.19 14.25
CA LEU A 336 29.63 -23.76 14.58
C LEU A 336 30.20 -22.70 13.63
N GLU A 337 29.59 -21.51 13.75
CA GLU A 337 29.85 -20.44 12.81
C GLU A 337 30.13 -19.12 13.48
N VAL A 338 31.37 -18.71 13.31
CA VAL A 338 31.86 -17.49 13.85
C VAL A 338 31.18 -16.31 13.18
N ALA A 339 30.74 -15.35 13.98
CA ALA A 339 30.05 -14.18 13.48
C ALA A 339 30.64 -12.88 14.04
N LEU A 340 31.68 -12.37 13.39
CA LEU A 340 32.54 -11.33 13.98
C LEU A 340 31.96 -9.93 14.15
N ASP A 341 32.57 -9.20 15.08
CA ASP A 341 32.06 -7.88 15.34
C ASP A 341 32.83 -7.05 14.34
N LEU A 342 32.07 -6.39 13.49
CA LEU A 342 32.62 -5.50 12.53
C LEU A 342 32.20 -4.10 13.02
N ALA A 343 33.06 -3.49 13.83
CA ALA A 343 32.82 -2.14 14.38
C ALA A 343 33.64 -1.05 13.70
N LEU A 344 33.05 0.12 13.50
CA LEU A 344 33.71 1.22 12.79
C LEU A 344 33.86 2.34 13.80
N GLN A 345 34.78 2.13 14.74
CA GLN A 345 34.90 2.92 15.95
C GLN A 345 36.32 2.98 16.47
N CYS A 346 37.03 4.04 16.15
CA CYS A 346 38.46 4.07 16.48
C CYS A 346 38.93 4.70 17.80
N ALA A 347 39.91 4.05 18.42
CA ALA A 347 40.64 4.64 19.54
C ALA A 347 41.76 5.57 19.04
N PRO A 348 41.98 6.69 19.71
CA PRO A 348 42.90 7.71 19.19
C PRO A 348 44.32 7.22 18.97
N ASP A 349 44.67 6.00 19.40
CA ASP A 349 45.98 5.49 19.02
C ASP A 349 45.82 4.57 17.79
N HIS A 350 44.80 4.84 17.00
CA HIS A 350 44.58 4.08 15.79
C HIS A 350 45.70 4.27 14.75
N PRO A 351 45.95 3.22 13.95
CA PRO A 351 46.80 3.32 12.77
C PRO A 351 46.17 4.08 11.60
N TRP A 352 45.09 4.81 11.83
CA TRP A 352 44.54 5.67 10.79
C TRP A 352 44.31 7.08 11.28
N ALA A 353 44.14 7.26 12.59
CA ALA A 353 43.95 8.60 13.12
C ALA A 353 45.11 9.49 12.73
N ARG A 354 46.26 8.86 12.53
CA ARG A 354 47.44 9.59 12.11
C ARG A 354 47.56 9.40 10.64
N GLU A 355 47.36 8.16 10.25
CA GLU A 355 47.51 7.83 8.86
C GLU A 355 46.48 8.62 8.09
N HIS A 356 45.20 8.32 8.27
CA HIS A 356 44.17 9.08 7.55
C HIS A 356 43.46 10.04 8.51
N PRO A 357 43.79 11.33 8.41
CA PRO A 357 43.10 12.36 9.19
C PRO A 357 41.76 12.66 8.54
N GLU A 358 41.76 12.52 7.21
CA GLU A 358 40.63 12.79 6.33
C GLU A 358 39.30 12.29 6.88
N TRP A 359 39.28 11.01 7.20
CA TRP A 359 38.02 10.33 7.50
C TRP A 359 37.53 10.70 8.87
N PHE A 360 37.63 11.96 9.21
CA PHE A 360 37.06 12.38 10.47
C PHE A 360 36.29 13.67 10.52
N THR A 361 35.52 13.75 11.58
CA THR A 361 34.77 14.93 11.82
C THR A 361 35.68 15.86 12.61
N VAL A 362 36.70 16.34 11.90
CA VAL A 362 37.66 17.36 12.34
C VAL A 362 36.99 18.55 13.04
N LEU A 363 37.58 19.01 14.13
CA LEU A 363 37.25 20.34 14.63
C LEU A 363 38.24 21.36 14.06
N PRO A 364 37.79 22.61 13.84
CA PRO A 364 38.48 23.59 12.99
C PRO A 364 39.93 23.76 13.42
N ASP A 365 40.21 23.32 14.64
CA ASP A 365 41.53 23.41 15.22
C ASP A 365 42.47 22.39 14.59
N GLY A 366 41.95 21.19 14.33
CA GLY A 366 42.76 20.10 13.81
C GLY A 366 42.51 18.82 14.59
N SER A 367 41.56 18.87 15.52
CA SER A 367 41.23 17.72 16.35
C SER A 367 39.95 17.09 15.86
N ILE A 368 39.73 15.86 16.27
CA ILE A 368 38.53 15.15 15.92
C ILE A 368 37.72 14.86 17.16
N ALA A 369 36.42 15.14 17.06
CA ALA A 369 35.50 15.07 18.18
C ALA A 369 35.22 13.65 18.65
N TYR A 370 35.09 13.47 19.96
CA TYR A 370 34.77 12.17 20.54
C TYR A 370 33.40 11.75 20.03
N ALA A 371 33.22 10.47 19.76
CA ALA A 371 31.93 9.96 19.29
C ALA A 371 30.89 10.08 20.39
N GLU A 372 29.84 10.86 20.12
CA GLU A 372 28.74 10.96 21.06
C GLU A 372 27.40 10.79 20.34
N ASN A 373 26.49 10.11 21.02
CA ASN A 373 25.11 10.05 20.59
C ASN A 373 24.20 9.96 21.84
N PRO A 374 23.30 10.94 21.95
CA PRO A 374 22.63 11.25 23.22
C PRO A 374 21.73 10.12 23.73
N PRO A 375 21.75 9.88 25.05
CA PRO A 375 22.58 10.60 25.99
C PRO A 375 23.82 9.80 26.38
N LYS A 376 24.10 8.72 25.66
CA LYS A 376 25.19 7.82 26.02
C LYS A 376 26.44 8.34 25.35
N LYS A 377 27.47 8.74 26.09
CA LYS A 377 28.67 9.20 25.38
C LYS A 377 29.91 8.31 25.53
N TYR A 378 30.70 8.36 24.46
CA TYR A 378 31.95 7.63 24.31
C TYR A 378 33.12 8.53 23.97
N GLN A 379 33.91 8.88 24.96
CA GLN A 379 35.12 9.64 24.71
C GLN A 379 36.07 8.73 23.92
N ASP A 380 36.12 7.46 24.36
CA ASP A 380 37.20 6.53 24.00
C ASP A 380 37.17 6.13 22.54
N ILE A 381 36.36 6.83 21.75
CA ILE A 381 36.27 6.55 20.32
C ILE A 381 36.18 7.85 19.49
N TYR A 382 36.46 7.75 18.18
CA TYR A 382 36.10 8.80 17.21
C TYR A 382 35.26 8.19 16.08
N PRO A 383 34.27 8.95 15.58
CA PRO A 383 33.30 8.62 14.54
C PRO A 383 33.73 8.99 13.12
N LEU A 384 33.72 8.01 12.23
CA LEU A 384 34.18 8.13 10.84
C LEU A 384 33.36 9.07 9.93
N ASN A 385 33.97 9.51 8.82
CA ASN A 385 33.33 10.43 7.86
C ASN A 385 33.43 10.08 6.35
N PHE A 386 32.31 9.71 5.74
CA PHE A 386 32.28 9.37 4.32
C PHE A 386 32.00 10.57 3.47
N ASP A 387 31.70 11.70 4.10
CA ASP A 387 31.29 12.87 3.34
C ASP A 387 32.50 13.70 3.29
N ASN A 388 33.50 13.27 4.05
CA ASN A 388 34.81 13.82 3.89
C ASN A 388 35.41 13.14 2.65
N ASP A 389 35.91 11.92 2.79
CA ASP A 389 36.58 11.28 1.67
C ASP A 389 35.96 9.90 1.45
N PRO A 390 34.79 9.89 0.82
CA PRO A 390 34.06 8.65 0.57
C PRO A 390 34.92 7.72 -0.25
N ALA A 391 35.59 8.25 -1.26
CA ALA A 391 36.37 7.41 -2.15
C ALA A 391 37.47 6.65 -1.39
N GLY A 392 38.20 7.32 -0.50
CA GLY A 392 39.24 6.66 0.26
C GLY A 392 38.80 5.61 1.29
N ILE A 393 37.80 5.95 2.10
CA ILE A 393 37.39 5.09 3.22
C ILE A 393 36.82 3.77 2.72
N TYR A 394 35.77 3.86 1.90
CA TYR A 394 34.95 2.74 1.45
C TYR A 394 35.74 1.49 1.15
N GLN A 395 36.80 1.63 0.36
CA GLN A 395 37.53 0.48 -0.19
C GLN A 395 38.36 -0.24 0.80
N GLU A 396 38.94 0.52 1.70
CA GLU A 396 39.75 0.00 2.75
C GLU A 396 38.85 -0.96 3.48
N VAL A 397 37.64 -0.50 3.76
CA VAL A 397 36.70 -1.27 4.56
C VAL A 397 36.41 -2.60 3.91
N LEU A 398 36.38 -2.71 2.58
CA LEU A 398 36.13 -4.05 2.05
C LEU A 398 37.41 -4.84 2.08
N ARG A 399 38.51 -4.14 1.86
CA ARG A 399 39.80 -4.78 1.95
C ARG A 399 40.02 -5.26 3.38
N VAL A 400 39.21 -4.79 4.31
CA VAL A 400 39.24 -5.44 5.60
C VAL A 400 38.26 -6.64 5.58
N VAL A 401 37.10 -6.53 4.90
CA VAL A 401 36.14 -7.62 5.03
C VAL A 401 36.60 -8.77 4.21
N ARG A 402 37.17 -8.43 3.06
CA ARG A 402 37.69 -9.43 2.15
C ARG A 402 38.77 -10.23 2.84
N PHE A 403 39.42 -9.58 3.78
CA PHE A 403 40.42 -10.18 4.61
C PHE A 403 39.66 -11.27 5.35
N TRP A 404 38.51 -10.94 5.93
CA TRP A 404 37.91 -11.89 6.82
C TRP A 404 37.18 -13.01 6.15
N ILE A 405 36.47 -12.74 5.08
CA ILE A 405 35.69 -13.83 4.52
C ILE A 405 36.65 -14.98 4.20
N SER A 406 37.83 -14.64 3.72
CA SER A 406 38.80 -15.65 3.36
C SER A 406 39.09 -16.52 4.56
N HIS A 407 39.17 -15.87 5.71
CA HIS A 407 39.54 -16.55 6.94
C HIS A 407 38.48 -17.51 7.33
N GLY A 408 37.31 -17.39 6.69
CA GLY A 408 36.23 -18.33 6.95
C GLY A 408 35.22 -17.61 7.78
N VAL A 409 34.76 -16.50 7.24
CA VAL A 409 33.71 -15.77 7.87
C VAL A 409 32.51 -15.73 6.97
N ASN A 410 31.42 -16.30 7.44
CA ASN A 410 30.24 -16.34 6.63
C ASN A 410 29.11 -15.53 7.28
N ILE A 411 29.39 -14.94 8.43
CA ILE A 411 28.45 -14.02 9.05
C ILE A 411 29.20 -12.80 9.54
N PHE A 412 28.69 -11.60 9.27
CA PHE A 412 29.33 -10.41 9.82
C PHE A 412 28.38 -9.64 10.73
N ARG A 413 28.77 -9.53 12.01
CA ARG A 413 27.97 -8.80 12.98
C ARG A 413 28.29 -7.35 12.78
N VAL A 414 27.24 -6.60 12.48
CA VAL A 414 27.40 -5.21 12.11
C VAL A 414 26.86 -4.32 13.21
N ASP A 415 27.74 -3.47 13.77
CA ASP A 415 27.48 -2.60 14.92
C ASP A 415 27.20 -1.17 14.43
N ASN A 416 26.22 -0.51 15.04
CA ASN A 416 25.79 0.86 14.68
C ASN A 416 25.56 1.13 13.18
N PRO A 417 24.54 0.49 12.58
CA PRO A 417 24.39 0.65 11.12
C PRO A 417 23.51 1.81 10.70
N HIS A 418 22.70 2.27 11.63
CA HIS A 418 21.94 3.50 11.55
C HIS A 418 22.81 4.73 11.81
N THR A 419 24.11 4.55 11.97
CA THR A 419 24.99 5.68 12.23
C THR A 419 25.85 5.78 11.02
N LYS A 420 25.74 4.75 10.19
CA LYS A 420 26.60 4.59 9.07
C LYS A 420 25.73 4.51 7.82
N PRO A 421 26.05 5.33 6.81
CA PRO A 421 25.17 5.51 5.66
C PRO A 421 24.73 4.22 5.02
N PRO A 422 23.42 4.10 4.81
CA PRO A 422 22.83 2.93 4.20
C PRO A 422 23.37 2.74 2.81
N ASN A 423 23.68 3.85 2.13
CA ASN A 423 24.28 3.87 0.78
C ASN A 423 25.39 2.92 0.79
N PHE A 424 26.20 3.22 1.78
CA PHE A 424 27.42 2.57 2.02
C PHE A 424 27.12 1.09 2.22
N TRP A 425 26.24 0.83 3.16
CA TRP A 425 25.82 -0.52 3.44
C TRP A 425 25.50 -1.24 2.14
N ALA A 426 24.58 -0.65 1.35
CA ALA A 426 24.09 -1.25 0.13
C ALA A 426 25.18 -1.42 -0.92
N TRP A 427 26.17 -0.55 -0.93
CA TRP A 427 27.22 -0.67 -1.94
C TRP A 427 28.12 -1.90 -1.68
N LEU A 428 28.56 -2.04 -0.43
CA LEU A 428 29.36 -3.16 0.04
C LEU A 428 28.67 -4.52 -0.06
N ILE A 429 27.43 -4.54 0.42
CA ILE A 429 26.60 -5.73 0.50
C ILE A 429 26.72 -6.37 -0.84
N GLY A 430 26.63 -5.50 -1.84
CA GLY A 430 26.83 -5.86 -3.21
C GLY A 430 28.14 -6.56 -3.36
N GLN A 431 29.20 -5.81 -3.17
CA GLN A 431 30.54 -6.31 -3.46
C GLN A 431 30.91 -7.64 -2.85
N ILE A 432 30.52 -7.84 -1.61
CA ILE A 432 30.81 -9.12 -1.00
C ILE A 432 29.99 -10.22 -1.58
N LYS A 433 28.69 -9.95 -1.65
CA LYS A 433 27.68 -10.90 -2.13
C LYS A 433 27.78 -11.11 -3.63
N ASN A 434 28.49 -10.20 -4.28
CA ASN A 434 28.75 -10.43 -5.67
C ASN A 434 29.82 -11.51 -5.78
N GLU A 435 30.79 -11.45 -4.87
CA GLU A 435 31.83 -12.46 -4.77
C GLU A 435 31.27 -13.65 -4.09
N ASN A 436 31.18 -13.60 -2.78
CA ASN A 436 30.52 -14.71 -2.15
C ASN A 436 29.19 -14.22 -1.67
N PRO A 437 28.13 -14.72 -2.30
CA PRO A 437 26.75 -14.45 -1.90
C PRO A 437 26.29 -15.44 -0.87
N ASP A 438 27.24 -16.01 -0.14
CA ASP A 438 26.92 -16.89 0.95
C ASP A 438 27.09 -16.24 2.33
N VAL A 439 27.85 -15.15 2.42
CA VAL A 439 28.06 -14.55 3.74
C VAL A 439 26.80 -13.75 4.10
N LEU A 440 26.29 -13.97 5.30
CA LEU A 440 24.98 -13.46 5.68
C LEU A 440 25.08 -12.35 6.70
N PHE A 441 24.02 -11.57 6.78
CA PHE A 441 24.02 -10.40 7.67
C PHE A 441 23.02 -10.48 8.82
N LEU A 442 23.21 -9.51 9.72
CA LEU A 442 22.40 -9.30 10.89
C LEU A 442 22.45 -7.83 11.10
N SER A 443 21.32 -7.13 11.11
CA SER A 443 21.47 -5.74 11.51
C SER A 443 21.09 -5.63 12.97
N GLU A 444 22.03 -5.23 13.80
CA GLU A 444 21.67 -5.15 15.17
C GLU A 444 21.37 -3.71 15.58
N ALA A 445 20.28 -3.17 15.05
CA ALA A 445 19.84 -1.79 15.40
C ALA A 445 18.42 -1.74 16.00
N PHE A 446 18.25 -0.85 16.98
CA PHE A 446 16.95 -0.62 17.60
C PHE A 446 16.52 0.84 17.38
N THR A 447 15.67 1.14 16.39
CA THR A 447 15.47 2.56 16.10
C THR A 447 14.08 2.82 15.48
N ARG A 448 13.88 4.00 14.87
CA ARG A 448 12.58 4.34 14.24
C ARG A 448 12.19 3.34 13.18
N PRO A 449 10.98 2.80 13.23
CA PRO A 449 10.68 1.72 12.29
C PRO A 449 10.82 2.17 10.85
N ALA A 450 10.60 3.46 10.62
CA ALA A 450 10.71 4.06 9.30
C ALA A 450 12.18 4.04 8.92
N ARG A 451 13.01 3.95 9.93
CA ARG A 451 14.41 3.80 9.70
C ARG A 451 14.68 2.35 9.90
N LEU A 452 14.06 1.79 10.93
CA LEU A 452 14.39 0.44 11.30
C LEU A 452 14.03 -0.49 10.19
N TYR A 453 12.83 -0.39 9.64
CA TYR A 453 12.50 -1.31 8.57
C TYR A 453 13.23 -0.98 7.30
N GLY A 454 13.89 0.17 7.26
CA GLY A 454 14.61 0.62 6.07
C GLY A 454 15.87 -0.13 5.65
N LEU A 455 16.67 -0.59 6.60
CA LEU A 455 17.95 -1.21 6.30
C LEU A 455 17.88 -2.50 5.48
N ALA A 456 17.24 -3.52 6.03
CA ALA A 456 17.15 -4.86 5.44
C ALA A 456 16.54 -4.80 4.06
N LYS A 457 15.70 -3.79 3.89
CA LYS A 457 15.17 -3.42 2.61
C LYS A 457 16.38 -3.28 1.75
N LEU A 458 17.36 -2.50 2.22
CA LEU A 458 18.57 -2.35 1.42
C LEU A 458 19.33 -3.66 1.32
N GLY A 459 19.14 -4.59 2.25
CA GLY A 459 19.72 -5.91 2.05
C GLY A 459 20.29 -6.64 3.25
N PHE A 460 20.20 -6.00 4.40
CA PHE A 460 20.66 -6.61 5.63
C PHE A 460 19.87 -7.84 5.81
N THR A 461 20.56 -8.95 5.79
CA THR A 461 19.91 -10.21 5.87
C THR A 461 19.09 -10.26 7.14
N GLN A 462 19.75 -10.12 8.29
CA GLN A 462 19.04 -10.34 9.54
C GLN A 462 18.96 -9.03 10.30
N SER A 463 18.35 -9.05 11.48
CA SER A 463 18.03 -7.82 12.20
C SER A 463 17.94 -7.97 13.74
N TYR A 464 18.21 -6.92 14.48
CA TYR A 464 17.90 -6.86 15.92
C TYR A 464 16.58 -6.07 16.18
N THR A 465 15.77 -6.54 17.12
CA THR A 465 14.51 -5.90 17.45
C THR A 465 14.50 -5.26 18.84
N TYR A 466 13.50 -4.44 19.10
CA TYR A 466 13.35 -3.79 20.40
C TYR A 466 12.62 -4.70 21.38
N PHE A 467 12.71 -6.00 21.12
CA PHE A 467 12.07 -7.03 21.93
C PHE A 467 12.11 -6.75 23.42
N THR A 468 13.09 -5.97 23.85
CA THR A 468 13.37 -5.79 25.28
C THR A 468 12.32 -5.05 26.08
N TRP A 469 12.01 -3.86 25.62
CA TRP A 469 11.05 -2.99 26.28
C TRP A 469 9.64 -3.55 26.16
N ARG A 470 9.42 -4.39 25.14
CA ARG A 470 8.10 -4.96 24.93
C ARG A 470 7.89 -6.16 25.85
N THR A 471 7.00 -5.98 26.82
CA THR A 471 6.77 -6.96 27.86
C THR A 471 5.33 -7.43 27.89
N SER A 472 4.40 -6.51 27.63
CA SER A 472 2.98 -6.81 27.69
C SER A 472 2.54 -7.76 26.59
N LYS A 473 1.56 -8.60 26.91
CA LYS A 473 0.87 -9.48 25.96
C LYS A 473 0.25 -8.70 24.80
N TRP A 474 0.05 -7.41 25.01
CA TRP A 474 -0.53 -6.53 24.02
C TRP A 474 0.58 -5.85 23.28
N GLU A 475 1.79 -5.99 23.79
CA GLU A 475 2.94 -5.53 23.05
C GLU A 475 3.37 -6.68 22.18
N LEU A 476 3.48 -7.83 22.82
CA LEU A 476 3.87 -9.06 22.16
C LEU A 476 2.87 -9.41 21.01
N THR A 477 1.78 -8.65 20.97
CA THR A 477 0.74 -8.71 19.96
C THR A 477 0.92 -7.63 18.89
N PHE A 479 4.38 -6.77 18.76
CA PHE A 479 5.61 -7.34 18.24
C PHE A 479 5.29 -8.38 17.20
N GLY A 480 4.58 -9.41 17.67
CA GLY A 480 4.26 -10.52 16.83
C GLY A 480 3.50 -10.07 15.61
N GLN A 481 2.46 -9.28 15.79
CA GLN A 481 1.70 -8.88 14.62
C GLN A 481 2.54 -8.09 13.66
N GLU A 482 3.45 -7.29 14.20
CA GLU A 482 4.19 -6.42 13.32
C GLU A 482 5.21 -7.30 12.64
N ILE A 483 5.88 -8.16 13.40
CA ILE A 483 7.01 -8.92 12.85
C ILE A 483 6.63 -9.84 11.67
N ALA A 484 5.60 -10.68 11.85
CA ALA A 484 5.21 -11.65 10.84
C ALA A 484 4.86 -11.02 9.51
N ALA A 485 4.33 -9.80 9.57
CA ALA A 485 3.90 -9.08 8.38
C ALA A 485 5.09 -8.60 7.55
N LYS A 486 6.25 -8.44 8.20
CA LYS A 486 7.43 -7.93 7.52
C LYS A 486 8.44 -9.04 7.22
N ALA A 487 7.95 -10.27 7.10
CA ALA A 487 8.75 -11.45 6.82
C ALA A 487 9.37 -11.44 5.43
N ASP A 488 8.72 -10.71 4.53
CA ASP A 488 9.14 -10.57 3.14
C ASP A 488 10.48 -9.89 2.96
N ILE A 489 10.80 -9.00 3.91
CA ILE A 489 12.04 -8.25 3.84
C ILE A 489 12.90 -8.56 5.05
N ALA A 490 12.58 -7.82 6.10
CA ALA A 490 13.42 -7.79 7.26
C ALA A 490 13.48 -9.17 7.87
N ARG A 491 14.66 -9.58 8.34
CA ARG A 491 14.68 -10.73 9.21
C ARG A 491 15.32 -10.42 10.62
N PRO A 492 14.48 -10.37 11.69
CA PRO A 492 14.92 -10.11 13.07
C PRO A 492 15.53 -11.30 13.79
N ASN A 493 16.49 -10.97 14.64
CA ASN A 493 17.14 -11.94 15.51
C ASN A 493 16.79 -11.66 16.95
N LEU A 494 16.21 -12.67 17.58
CA LEU A 494 15.76 -12.46 18.93
C LEU A 494 16.86 -12.86 19.89
N PHE A 495 17.79 -11.92 20.11
CA PHE A 495 18.77 -12.09 21.17
C PHE A 495 18.06 -11.83 22.46
N VAL A 496 18.07 -12.80 23.34
CA VAL A 496 17.42 -12.60 24.62
C VAL A 496 18.32 -11.72 25.44
N ASN A 497 19.63 -11.70 25.14
CA ASN A 497 20.54 -10.74 25.82
C ASN A 497 21.81 -10.27 25.06
N THR A 498 22.13 -8.99 25.24
CA THR A 498 23.37 -8.32 24.79
C THR A 498 23.96 -7.37 25.87
N PRO A 499 25.29 -7.25 25.91
CA PRO A 499 26.05 -6.36 26.80
C PRO A 499 25.52 -4.94 27.11
N ASP A 500 24.76 -4.30 26.23
CA ASP A 500 24.55 -2.86 26.44
C ASP A 500 23.37 -2.47 27.34
N ILE A 501 22.33 -3.27 27.38
CA ILE A 501 21.15 -2.90 28.14
C ILE A 501 20.72 -4.05 29.04
N LEU A 502 20.52 -3.80 30.32
CA LEU A 502 20.13 -4.89 31.21
C LEU A 502 18.67 -4.79 31.54
N HIS A 503 17.83 -5.59 30.89
CA HIS A 503 16.41 -5.33 30.94
C HIS A 503 15.92 -5.67 32.29
N GLU A 504 15.20 -4.70 32.83
CA GLU A 504 14.71 -4.73 34.20
C GLU A 504 13.80 -5.92 34.53
N SER A 505 13.07 -6.46 33.55
CA SER A 505 12.19 -7.60 33.84
C SER A 505 13.04 -8.70 34.44
N LEU A 506 14.16 -8.94 33.79
CA LEU A 506 15.04 -10.05 34.11
C LEU A 506 15.52 -9.87 35.52
N GLN A 507 15.70 -8.61 35.87
CA GLN A 507 16.22 -8.27 37.15
C GLN A 507 15.11 -8.50 38.18
N HIS A 508 13.85 -8.47 37.76
CA HIS A 508 12.84 -8.68 38.78
C HIS A 508 12.05 -9.94 38.70
N GLY A 509 11.92 -10.52 37.53
CA GLY A 509 11.09 -11.72 37.45
C GLY A 509 11.83 -12.90 38.04
N GLY A 510 13.13 -12.72 38.26
CA GLY A 510 13.98 -13.73 38.88
C GLY A 510 14.48 -14.80 37.92
N PRO A 511 14.77 -15.99 38.47
CA PRO A 511 15.27 -17.13 37.69
C PRO A 511 14.17 -17.75 36.86
N GLY A 512 12.93 -17.37 37.15
CA GLY A 512 11.77 -17.79 36.39
C GLY A 512 11.66 -16.91 35.15
N MET A 513 11.99 -15.64 35.29
CA MET A 513 11.84 -14.71 34.20
C MET A 513 12.83 -14.97 33.09
N PHE A 514 13.86 -15.71 33.43
CA PHE A 514 14.76 -16.21 32.42
C PHE A 514 14.11 -17.18 31.47
N ALA A 515 13.42 -18.17 32.02
CA ALA A 515 12.78 -19.17 31.19
C ALA A 515 11.88 -18.50 30.19
N ILE A 516 10.90 -17.76 30.68
CA ILE A 516 9.87 -17.15 29.84
C ILE A 516 10.41 -16.23 28.75
N ARG A 517 11.38 -15.38 29.05
CA ARG A 517 11.98 -14.53 28.01
C ARG A 517 12.87 -15.37 27.09
N ALA A 518 13.38 -16.46 27.62
CA ALA A 518 14.03 -17.42 26.77
C ALA A 518 13.01 -18.19 25.93
N VAL A 519 11.71 -18.16 26.28
CA VAL A 519 10.73 -18.93 25.48
C VAL A 519 10.07 -18.19 24.32
N LEU A 520 9.90 -16.89 24.43
CA LEU A 520 9.42 -16.21 23.26
C LEU A 520 10.46 -16.25 22.18
N ALA A 521 11.71 -16.04 22.58
CA ALA A 521 12.79 -15.77 21.63
C ALA A 521 13.09 -17.00 20.77
N ALA A 522 12.89 -18.17 21.36
CA ALA A 522 13.08 -19.43 20.66
C ALA A 522 11.86 -19.74 19.83
N THR A 523 10.70 -19.59 20.45
CA THR A 523 9.49 -19.95 19.75
C THR A 523 9.05 -18.84 18.85
N MET A 524 9.21 -17.60 19.26
CA MET A 524 8.79 -16.59 18.32
C MET A 524 9.85 -16.41 17.26
N GLY A 525 11.13 -16.49 17.62
CA GLY A 525 12.19 -16.21 16.66
C GLY A 525 12.90 -17.40 16.09
N PRO A 526 12.67 -17.68 14.79
CA PRO A 526 13.38 -18.72 14.01
C PRO A 526 14.90 -18.55 14.02
N ALA A 527 15.34 -17.31 14.06
CA ALA A 527 16.73 -16.99 14.30
C ALA A 527 16.76 -16.13 15.54
N TRP A 528 17.52 -16.59 16.53
CA TRP A 528 17.47 -15.93 17.80
C TRP A 528 18.86 -15.89 18.37
N GLY A 529 19.04 -15.14 19.45
CA GLY A 529 20.35 -14.97 20.07
C GLY A 529 20.42 -15.03 21.60
N VAL A 530 21.63 -15.31 22.09
CA VAL A 530 21.92 -15.39 23.52
C VAL A 530 23.33 -14.90 23.81
N TYR A 531 23.50 -14.14 24.87
CA TYR A 531 24.83 -13.76 25.29
C TYR A 531 25.25 -14.66 26.46
N SER A 532 26.51 -15.11 26.43
CA SER A 532 27.10 -15.92 27.50
CA SER A 532 27.09 -15.92 27.49
C SER A 532 26.70 -15.43 28.87
N GLY A 533 26.19 -16.31 29.73
CA GLY A 533 25.92 -15.88 31.08
C GLY A 533 24.45 -15.87 31.43
N TYR A 534 23.65 -15.86 30.38
CA TYR A 534 22.24 -15.95 30.54
C TYR A 534 21.93 -17.23 31.31
N GLU A 535 22.66 -18.29 30.94
CA GLU A 535 22.63 -19.60 31.60
C GLU A 535 22.88 -19.52 33.10
N LEU A 536 23.78 -18.62 33.48
CA LEU A 536 24.16 -18.48 34.89
C LEU A 536 23.26 -17.56 35.71
N PHE A 537 22.17 -17.08 35.11
CA PHE A 537 21.20 -16.22 35.80
C PHE A 537 21.95 -15.06 36.37
N GLU A 538 22.46 -14.20 35.52
CA GLU A 538 23.16 -13.03 36.02
C GLU A 538 22.20 -11.84 35.90
N ASN A 539 21.97 -11.15 37.02
CA ASN A 539 21.00 -10.07 37.00
C ASN A 539 21.41 -8.83 37.77
N GLN A 540 22.65 -8.76 38.21
CA GLN A 540 23.06 -7.60 38.97
C GLN A 540 23.60 -6.50 38.08
N PRO A 541 23.09 -5.27 38.30
CA PRO A 541 23.51 -4.10 37.56
C PRO A 541 24.51 -3.38 38.40
N VAL A 542 25.09 -2.34 37.84
CA VAL A 542 26.04 -1.58 38.57
C VAL A 542 25.32 -0.87 39.76
N ARG A 543 24.09 -0.39 39.53
CA ARG A 543 23.33 0.25 40.61
C ARG A 543 21.80 0.14 40.44
N PRO A 544 21.03 0.41 41.52
CA PRO A 544 19.57 0.23 41.47
C PRO A 544 18.80 1.04 40.43
N GLY A 545 18.12 0.33 39.52
CA GLY A 545 17.28 0.98 38.52
C GLY A 545 17.93 1.01 37.16
N SER A 546 19.24 0.84 37.14
CA SER A 546 20.00 0.85 35.91
C SER A 546 19.81 -0.44 35.09
N GLU A 547 19.96 -0.33 33.77
CA GLU A 547 19.98 -1.50 32.92
C GLU A 547 21.39 -1.65 32.33
N GLU A 548 22.37 -1.30 33.14
CA GLU A 548 23.75 -1.59 32.78
C GLU A 548 24.22 -2.72 33.67
N TYR A 549 25.00 -3.62 33.10
CA TYR A 549 25.46 -4.82 33.80
C TYR A 549 26.43 -4.47 34.89
N LEU A 550 26.39 -5.20 36.00
CA LEU A 550 27.36 -4.94 37.07
C LEU A 550 28.75 -5.32 36.52
N ASN A 551 29.74 -4.42 36.65
CA ASN A 551 31.11 -4.69 36.23
C ASN A 551 31.22 -5.28 34.83
N SER A 552 30.57 -4.64 33.86
CA SER A 552 30.51 -5.12 32.48
C SER A 552 31.74 -5.81 31.99
N GLU A 553 31.48 -6.93 31.33
CA GLU A 553 32.46 -7.67 30.56
C GLU A 553 33.04 -6.86 29.38
N LYS A 554 32.33 -5.86 28.86
CA LYS A 554 32.96 -5.10 27.78
C LYS A 554 33.80 -3.98 28.43
N TYR A 555 33.98 -4.12 29.73
CA TYR A 555 34.99 -3.34 30.40
C TYR A 555 35.85 -4.25 31.25
N GLU A 556 35.52 -5.52 31.26
CA GLU A 556 36.21 -6.45 32.14
C GLU A 556 36.40 -7.84 31.53
N LEU A 557 37.24 -8.67 32.14
CA LEU A 557 37.22 -10.08 31.79
C LEU A 557 36.33 -10.73 32.81
N ARG A 558 35.39 -11.54 32.34
CA ARG A 558 34.47 -12.17 33.25
C ARG A 558 34.55 -13.67 33.10
N PRO A 559 35.63 -14.29 33.63
CA PRO A 559 35.61 -15.75 33.64
C PRO A 559 34.43 -16.24 34.46
N ARG A 560 33.82 -17.34 34.04
CA ARG A 560 32.68 -17.94 34.74
C ARG A 560 32.63 -19.46 34.65
N ASP A 561 32.25 -20.09 35.76
CA ASP A 561 32.14 -21.55 35.89
C ASP A 561 30.80 -22.15 35.53
N PHE A 562 30.68 -22.70 34.32
CA PHE A 562 29.45 -23.37 33.88
C PHE A 562 29.24 -24.74 34.52
N GLU A 563 30.36 -25.41 34.82
CA GLU A 563 30.36 -26.73 35.38
C GLU A 563 29.64 -26.77 36.68
N SER A 564 30.03 -25.84 37.56
CA SER A 564 29.39 -25.68 38.86
C SER A 564 27.85 -25.56 38.78
N ALA A 565 27.37 -24.47 38.16
CA ALA A 565 25.94 -24.21 38.09
C ALA A 565 25.27 -25.44 37.55
N LEU A 566 25.89 -26.04 36.55
CA LEU A 566 25.31 -27.21 35.96
C LEU A 566 25.39 -28.32 36.97
N ALA A 567 26.60 -28.61 37.46
CA ALA A 567 26.80 -29.67 38.45
C ALA A 567 25.96 -29.41 39.71
N ARG A 568 25.86 -28.15 40.10
CA ARG A 568 25.11 -27.80 41.28
C ARG A 568 23.65 -27.70 40.85
N GLY A 569 23.44 -27.95 39.57
CA GLY A 569 22.11 -28.21 39.07
C GLY A 569 21.38 -26.91 39.07
N GLU A 570 22.11 -25.84 38.80
CA GLU A 570 21.49 -24.54 38.59
C GLU A 570 22.03 -23.92 37.33
N SER A 571 21.83 -24.64 36.25
CA SER A 571 22.12 -24.07 34.97
C SER A 571 20.90 -24.23 34.06
N LEU A 572 20.90 -23.40 33.02
CA LEU A 572 19.84 -23.31 32.03
C LEU A 572 20.28 -24.16 30.83
N GLU A 573 21.59 -24.40 30.73
CA GLU A 573 22.21 -25.31 29.77
C GLU A 573 21.43 -26.57 29.43
N PRO A 574 21.06 -27.37 30.42
CA PRO A 574 20.31 -28.55 29.95
C PRO A 574 18.97 -28.21 29.29
N PHE A 575 18.46 -27.02 29.58
CA PHE A 575 17.16 -26.57 29.09
C PHE A 575 17.27 -25.83 27.74
N LEU A 576 18.30 -25.02 27.56
CA LEU A 576 18.49 -24.36 26.28
C LEU A 576 19.08 -25.29 25.26
N THR A 577 19.41 -26.51 25.64
CA THR A 577 19.68 -27.47 24.61
C THR A 577 18.40 -28.14 24.26
N ARG A 578 17.55 -28.24 25.28
CA ARG A 578 16.23 -28.77 25.13
C ARG A 578 15.51 -27.84 24.19
N LEU A 579 15.66 -26.55 24.44
CA LEU A 579 15.00 -25.56 23.62
C LEU A 579 15.53 -25.65 22.21
N ASN A 580 16.85 -25.79 22.08
CA ASN A 580 17.43 -25.89 20.76
C ASN A 580 17.12 -27.23 20.18
N GLU A 581 16.77 -28.17 21.05
CA GLU A 581 16.52 -29.47 20.54
C GLU A 581 15.16 -29.39 19.92
N ILE A 582 14.22 -28.78 20.62
CA ILE A 582 12.88 -28.66 20.12
C ILE A 582 12.82 -27.84 18.83
N ARG A 583 13.70 -26.85 18.71
CA ARG A 583 13.76 -26.01 17.50
C ARG A 583 14.15 -26.79 16.27
N ARG A 584 15.22 -27.54 16.37
CA ARG A 584 15.62 -28.29 15.22
C ARG A 584 14.60 -29.39 15.05
N LEU A 585 13.91 -29.74 16.13
CA LEU A 585 12.93 -30.80 15.99
C LEU A 585 11.72 -30.31 15.21
N HIS A 586 11.40 -29.03 15.24
CA HIS A 586 10.19 -28.67 14.53
C HIS A 586 10.44 -27.60 13.49
N PRO A 587 10.17 -27.96 12.23
CA PRO A 587 10.45 -27.18 11.01
C PRO A 587 9.55 -25.97 10.91
N ALA A 588 8.54 -25.93 11.75
CA ALA A 588 7.65 -24.79 11.79
C ALA A 588 8.40 -23.62 12.39
N LEU A 589 9.49 -23.90 13.11
CA LEU A 589 10.15 -22.83 13.86
C LEU A 589 11.42 -22.30 13.20
N ARG A 590 11.41 -22.37 11.89
CA ARG A 590 12.36 -21.76 11.00
C ARG A 590 11.54 -20.67 10.34
N GLU A 591 10.23 -20.89 10.33
CA GLU A 591 9.36 -20.04 9.54
C GLU A 591 8.68 -19.00 10.40
N LEU A 592 8.43 -17.85 9.78
CA LEU A 592 7.89 -16.61 10.35
C LEU A 592 6.40 -16.41 10.10
N ARG A 593 6.00 -16.61 8.85
CA ARG A 593 4.68 -16.22 8.38
C ARG A 593 3.56 -17.10 8.90
N THR A 594 3.91 -18.22 9.51
CA THR A 594 2.92 -19.22 9.89
C THR A 594 2.28 -18.92 11.22
N ILE A 595 2.96 -18.04 11.94
CA ILE A 595 2.67 -17.73 13.32
C ILE A 595 1.21 -17.30 13.48
N ARG A 596 0.55 -17.86 14.48
CA ARG A 596 -0.81 -17.49 14.78
C ARG A 596 -0.91 -17.20 16.25
N PHE A 597 -1.96 -16.45 16.62
CA PHE A 597 -2.15 -15.91 17.96
C PHE A 597 -3.60 -16.16 18.41
N HIS A 598 -3.79 -17.14 19.29
CA HIS A 598 -5.13 -17.55 19.71
C HIS A 598 -5.48 -17.21 21.14
N HIS A 599 -6.77 -17.19 21.42
CA HIS A 599 -7.34 -17.06 22.77
C HIS A 599 -8.85 -17.16 22.64
N LEU A 606 2.35 -15.81 26.61
CA LEU A 606 1.15 -15.70 25.80
C LEU A 606 1.06 -16.92 24.88
N ALA A 607 -0.16 -17.22 24.44
CA ALA A 607 -0.38 -18.45 23.73
C ALA A 607 -0.40 -18.22 22.23
N TYR A 608 0.52 -18.90 21.53
CA TYR A 608 0.69 -18.77 20.08
C TYR A 608 1.06 -20.09 19.35
N SER A 609 0.61 -20.19 18.10
CA SER A 609 0.86 -21.37 17.28
C SER A 609 1.57 -21.05 15.99
N LYS A 610 2.29 -22.05 15.48
CA LYS A 610 2.99 -21.96 14.22
C LYS A 610 2.87 -23.24 13.43
N PHE A 611 2.56 -23.12 12.14
CA PHE A 611 2.42 -24.31 11.31
C PHE A 611 3.58 -24.47 10.34
N ASP A 612 3.68 -25.64 9.72
CA ASP A 612 4.76 -25.89 8.78
C ASP A 612 4.15 -26.09 7.41
N PRO A 613 4.79 -25.51 6.39
CA PRO A 613 4.41 -25.70 4.98
C PRO A 613 4.76 -27.07 4.36
N GLY A 614 6.03 -27.45 4.37
CA GLY A 614 6.44 -28.65 3.68
C GLY A 614 6.07 -29.94 4.36
N THR A 615 6.51 -30.06 5.61
CA THR A 615 6.28 -31.24 6.41
C THR A 615 4.83 -31.24 6.90
N GLY A 616 4.29 -30.08 7.23
CA GLY A 616 2.94 -29.98 7.72
C GLY A 616 2.90 -29.58 9.16
N ASP A 617 4.03 -29.77 9.82
CA ASP A 617 4.18 -29.62 11.27
C ASP A 617 3.68 -28.31 11.91
N THR A 618 2.66 -28.47 12.75
CA THR A 618 2.12 -27.39 13.55
C THR A 618 2.55 -27.62 14.97
N VAL A 619 2.88 -26.55 15.65
CA VAL A 619 3.11 -26.60 17.09
C VAL A 619 2.42 -25.45 17.75
N LEU A 620 2.03 -25.72 18.99
CA LEU A 620 1.34 -24.77 19.82
C LEU A 620 2.14 -24.49 21.08
N VAL A 621 2.31 -23.21 21.37
CA VAL A 621 3.15 -22.85 22.48
C VAL A 621 2.29 -22.26 23.56
N VAL A 622 2.17 -22.97 24.67
CA VAL A 622 1.39 -22.47 25.80
C VAL A 622 2.28 -22.19 27.01
N ASP A 638 -8.24 -20.27 17.61
CA ASP A 638 -8.60 -19.94 16.24
C ASP A 638 -8.26 -21.18 15.40
N MET A 639 -9.30 -21.98 15.15
CA MET A 639 -9.20 -23.31 14.57
C MET A 639 -8.91 -23.36 13.05
N PRO A 640 -9.36 -22.35 12.27
CA PRO A 640 -8.97 -22.38 10.84
C PRO A 640 -7.49 -22.56 10.64
N GLU A 641 -6.67 -21.84 11.41
CA GLU A 641 -5.24 -21.97 11.31
C GLU A 641 -4.73 -23.32 11.79
N LEU A 642 -5.54 -24.00 12.60
CA LEU A 642 -5.23 -25.35 13.09
C LEU A 642 -5.50 -26.41 12.03
N GLY A 643 -6.39 -26.05 11.10
CA GLY A 643 -6.77 -26.93 10.00
C GLY A 643 -7.83 -27.93 10.33
N MET A 644 -8.27 -27.92 11.58
CA MET A 644 -9.27 -28.86 12.05
C MET A 644 -10.59 -28.16 12.40
N GLU A 645 -11.69 -28.89 12.29
CA GLU A 645 -13.02 -28.34 12.53
C GLU A 645 -13.31 -27.97 14.00
N PRO A 646 -14.08 -26.88 14.22
CA PRO A 646 -14.52 -26.20 15.46
C PRO A 646 -14.91 -27.06 16.69
N TYR A 647 -15.31 -28.29 16.44
CA TYR A 647 -15.80 -29.18 17.47
C TYR A 647 -14.81 -30.28 17.87
N ASP A 648 -13.91 -30.65 16.96
CA ASP A 648 -13.18 -31.93 17.07
C ASP A 648 -12.36 -32.08 18.33
N ARG A 649 -12.02 -33.34 18.62
CA ARG A 649 -11.22 -33.73 19.79
C ARG A 649 -9.88 -34.15 19.22
N PHE A 650 -8.77 -33.74 19.82
CA PHE A 650 -7.45 -34.09 19.25
C PHE A 650 -6.34 -34.27 20.28
N TRP A 651 -5.30 -35.01 19.86
CA TRP A 651 -4.20 -35.39 20.72
C TRP A 651 -2.94 -34.54 20.51
N VAL A 652 -2.50 -33.92 21.60
CA VAL A 652 -1.41 -32.94 21.59
C VAL A 652 -0.29 -33.50 22.50
N ARG A 653 0.93 -33.59 21.97
CA ARG A 653 2.04 -34.29 22.63
C ARG A 653 3.13 -33.37 23.14
N ASP A 654 3.57 -33.56 24.38
CA ASP A 654 4.57 -32.65 24.94
C ASP A 654 6.06 -32.92 24.84
N GLU A 655 6.78 -31.84 24.56
CA GLU A 655 8.22 -31.86 24.38
C GLU A 655 8.93 -31.27 25.61
N ILE A 656 8.32 -30.26 26.21
CA ILE A 656 8.81 -29.77 27.48
C ILE A 656 8.58 -30.82 28.57
N THR A 657 7.35 -31.32 28.63
CA THR A 657 6.97 -32.37 29.58
C THR A 657 7.10 -33.76 28.94
N GLY A 658 6.07 -34.11 28.16
CA GLY A 658 5.89 -35.45 27.61
C GLY A 658 4.49 -35.92 27.85
N GLU A 659 3.56 -34.98 27.78
CA GLU A 659 2.16 -35.20 28.10
C GLU A 659 1.31 -35.15 26.84
N GLU A 660 0.88 -36.32 26.41
CA GLU A 660 -0.04 -36.44 25.29
C GLU A 660 -1.46 -36.27 25.88
N TYR A 661 -2.29 -35.38 25.31
CA TYR A 661 -3.71 -35.29 25.74
C TYR A 661 -4.70 -35.06 24.65
N GLN A 662 -5.95 -35.33 25.00
CA GLN A 662 -7.08 -35.12 24.15
C GLN A 662 -7.73 -33.75 24.44
N TRP A 663 -7.62 -32.86 23.45
CA TRP A 663 -8.12 -31.48 23.54
C TRP A 663 -9.17 -31.16 22.49
N GLY A 664 -9.77 -29.96 22.59
CA GLY A 664 -10.79 -29.48 21.66
C GLY A 664 -10.60 -28.07 21.13
N ASP A 672 2.83 -24.75 36.75
CA ASP A 672 3.70 -24.72 37.91
C ASP A 672 5.10 -24.39 37.44
N PRO A 673 5.54 -23.15 37.68
CA PRO A 673 6.84 -22.66 37.22
C PRO A 673 7.99 -23.34 37.95
N ALA A 674 7.69 -24.12 38.98
CA ALA A 674 8.72 -24.87 39.70
C ALA A 674 8.95 -26.22 39.03
N LYS A 675 8.04 -26.55 38.11
CA LYS A 675 8.13 -27.81 37.40
C LYS A 675 8.44 -27.48 35.95
N ALA A 676 7.40 -27.06 35.22
CA ALA A 676 7.52 -26.61 33.84
C ALA A 676 6.80 -25.27 33.74
N VAL A 677 7.53 -24.23 33.36
CA VAL A 677 6.94 -22.91 33.36
C VAL A 677 6.25 -22.77 32.02
N ALA A 678 6.54 -23.73 31.13
CA ALA A 678 5.97 -23.73 29.79
C ALA A 678 5.65 -25.11 29.29
N HIS A 679 5.18 -25.09 28.07
CA HIS A 679 4.30 -26.10 27.56
C HIS A 679 4.09 -25.87 26.06
N VAL A 680 4.95 -26.54 25.29
CA VAL A 680 5.03 -26.46 23.84
C VAL A 680 4.68 -27.77 23.12
N LEU A 681 3.66 -27.75 22.27
CA LEU A 681 3.13 -29.06 21.88
C LEU A 681 3.03 -29.29 20.40
N ASN A 682 3.20 -30.54 20.05
CA ASN A 682 3.01 -30.92 18.68
C ASN A 682 1.52 -30.92 18.44
N MET A 683 1.08 -30.03 17.56
CA MET A 683 -0.31 -30.01 17.18
C MET A 683 -0.59 -30.92 16.04
N PRO A 684 -1.87 -31.26 15.89
CA PRO A 684 -2.20 -32.08 14.74
C PRO A 684 -1.93 -31.40 13.40
N LEU A 685 -1.33 -32.21 12.53
CA LEU A 685 -0.82 -31.77 11.25
C LEU A 685 -1.94 -31.37 10.32
N ILE A 686 -1.54 -30.68 9.26
CA ILE A 686 -2.47 -30.33 8.21
C ILE A 686 -1.83 -30.79 6.89
N PRO A 687 -2.63 -31.44 6.03
CA PRO A 687 -2.19 -32.01 4.76
C PRO A 687 -1.88 -31.00 3.67
N ALA A 688 -0.99 -31.43 2.78
CA ALA A 688 -0.37 -30.60 1.74
C ALA A 688 -1.29 -29.54 1.21
N ASP A 689 -2.39 -30.00 0.63
CA ASP A 689 -3.40 -29.14 0.06
C ASP A 689 -3.86 -28.07 1.03
N LYS A 690 -3.94 -28.41 2.32
CA LYS A 690 -4.42 -27.44 3.30
C LYS A 690 -3.36 -26.44 3.74
N ARG A 691 -2.13 -26.93 3.90
CA ARG A 691 -1.05 -26.13 4.43
C ARG A 691 -0.91 -24.85 3.65
N LEU A 692 -1.07 -24.98 2.34
CA LEU A 692 -0.91 -23.86 1.44
C LEU A 692 -2.13 -22.90 1.42
N GLN A 693 -3.24 -23.28 2.03
CA GLN A 693 -4.46 -22.47 1.90
C GLN A 693 -4.61 -21.36 2.94
N LEU A 694 -3.87 -21.42 4.03
CA LEU A 694 -3.96 -20.36 5.02
C LEU A 694 -2.62 -19.69 4.95
N LEU A 695 -1.83 -20.25 4.05
CA LEU A 695 -0.56 -19.72 3.67
C LEU A 695 -0.83 -18.52 2.78
N ARG A 696 -2.08 -18.38 2.37
CA ARG A 696 -2.51 -17.36 1.44
C ARG A 696 -2.39 -15.92 1.94
N ARG A 697 -1.57 -15.15 1.22
CA ARG A 697 -1.19 -13.78 1.57
C ARG A 697 -2.37 -12.83 1.78
N GLU A 698 -3.47 -13.09 1.08
CA GLU A 698 -4.67 -12.26 1.21
C GLU A 698 -5.92 -13.12 1.34
N SER B 2 9.56 5.80 -3.83
CA SER B 2 10.47 4.95 -3.06
C SER B 2 11.67 4.48 -3.93
N VAL B 3 12.79 5.15 -3.74
CA VAL B 3 14.07 4.90 -4.44
C VAL B 3 15.20 4.84 -3.38
N ALA B 4 16.46 4.63 -3.79
CA ALA B 4 17.59 4.57 -2.84
C ALA B 4 18.69 5.66 -3.09
N GLY B 5 19.39 6.06 -2.01
CA GLY B 5 20.44 7.09 -2.04
C GLY B 5 20.91 7.58 -0.68
N ARG B 6 21.66 8.69 -0.62
CA ARG B 6 22.17 9.16 0.69
C ARG B 6 21.05 9.54 1.60
N ILE B 7 20.00 10.06 1.01
CA ILE B 7 18.81 10.32 1.76
C ILE B 7 17.84 9.32 1.22
N VAL B 8 17.19 8.59 2.11
CA VAL B 8 16.25 7.59 1.64
C VAL B 8 14.84 8.14 1.76
N ILE B 9 14.14 8.23 0.63
CA ILE B 9 12.77 8.73 0.55
C ILE B 9 11.81 7.57 0.31
N ASP B 10 11.28 6.97 1.37
CA ASP B 10 10.43 5.81 1.15
C ASP B 10 8.95 6.05 1.35
N ASP B 11 8.14 5.24 0.67
CA ASP B 11 6.70 5.25 0.83
C ASP B 11 6.11 6.61 0.52
N VAL B 12 6.29 7.03 -0.72
CA VAL B 12 5.92 8.36 -1.16
C VAL B 12 4.50 8.38 -1.76
N GLN B 13 3.53 8.73 -0.93
CA GLN B 13 2.12 8.79 -1.36
CA GLN B 13 2.12 8.78 -1.37
C GLN B 13 1.82 10.12 -2.01
N PRO B 14 1.01 10.12 -3.07
CA PRO B 14 0.28 9.03 -3.72
C PRO B 14 0.97 8.40 -4.93
N VAL B 15 0.82 7.08 -5.07
CA VAL B 15 1.37 6.34 -6.23
C VAL B 15 0.38 5.28 -6.72
N VAL B 16 0.05 5.31 -8.03
CA VAL B 16 -1.00 4.46 -8.59
C VAL B 16 -0.54 3.22 -9.32
N SER B 17 -0.84 2.08 -8.70
CA SER B 17 -0.49 0.77 -9.25
C SER B 17 0.96 0.88 -9.60
N ASN B 18 1.70 1.47 -8.66
CA ASN B 18 3.12 1.76 -8.77
C ASN B 18 3.36 2.85 -9.75
N GLY B 19 2.36 3.64 -10.06
CA GLY B 19 2.62 4.70 -10.99
C GLY B 19 2.22 4.23 -12.37
N ARG B 20 1.76 2.99 -12.49
CA ARG B 20 1.32 2.46 -13.78
CA ARG B 20 1.34 2.49 -13.80
C ARG B 20 0.09 3.23 -14.21
N TYR B 21 -0.42 4.03 -13.30
CA TYR B 21 -1.38 5.03 -13.66
C TYR B 21 -0.86 6.24 -12.88
N PRO B 22 -1.17 7.44 -13.36
CA PRO B 22 -0.91 8.62 -12.53
C PRO B 22 -2.01 8.87 -11.50
N ALA B 23 -1.73 9.76 -10.55
CA ALA B 23 -2.72 10.23 -9.61
C ALA B 23 -3.71 11.15 -10.32
N LYS B 24 -4.80 11.48 -9.67
CA LYS B 24 -5.87 12.17 -10.36
C LYS B 24 -6.44 13.41 -9.68
N ALA B 25 -6.58 14.51 -10.44
CA ALA B 25 -6.91 15.83 -9.87
C ALA B 25 -7.83 16.73 -10.72
N VAL B 26 -8.27 17.81 -10.08
CA VAL B 26 -9.03 18.91 -10.67
C VAL B 26 -8.22 20.19 -10.46
N VAL B 27 -8.56 21.27 -11.18
CA VAL B 27 -7.82 22.53 -11.08
C VAL B 27 -8.06 23.27 -9.75
N GLY B 28 -7.10 24.08 -9.32
CA GLY B 28 -7.29 24.89 -8.13
C GLY B 28 -7.57 24.08 -6.87
N GLU B 29 -7.14 22.84 -6.89
CA GLU B 29 -7.32 22.00 -5.75
C GLU B 29 -6.00 21.71 -5.06
N VAL B 30 -6.00 21.72 -3.72
CA VAL B 30 -4.85 21.37 -2.89
C VAL B 30 -4.59 19.84 -2.87
N VAL B 31 -3.40 19.41 -3.27
CA VAL B 31 -3.11 17.99 -3.17
C VAL B 31 -2.02 17.74 -2.16
N PRO B 32 -2.27 16.84 -1.20
CA PRO B 32 -1.21 16.53 -0.25
C PRO B 32 -0.28 15.46 -0.80
N VAL B 33 1.00 15.57 -0.46
CA VAL B 33 1.97 14.57 -0.85
C VAL B 33 2.82 14.14 0.33
N ALA B 34 2.84 12.82 0.59
CA ALA B 34 3.65 12.25 1.69
C ALA B 34 4.82 11.43 1.14
N ALA B 35 5.85 11.30 1.97
CA ALA B 35 7.05 10.58 1.58
C ALA B 35 7.85 10.39 2.84
N THR B 36 8.00 9.17 3.32
CA THR B 36 8.87 9.06 4.46
C THR B 36 10.26 9.26 3.88
N VAL B 37 11.08 10.02 4.59
CA VAL B 37 12.50 10.01 4.30
C VAL B 37 13.31 10.13 5.60
N TRP B 38 14.44 9.44 5.54
CA TRP B 38 15.32 9.17 6.66
C TRP B 38 16.71 9.02 6.15
N ARG B 39 17.59 8.73 7.06
CA ARG B 39 18.98 8.62 6.76
C ARG B 39 19.64 7.84 7.92
N GLU B 40 20.93 8.03 8.20
CA GLU B 40 21.54 7.38 9.36
C GLU B 40 21.98 8.43 10.41
N GLY B 41 22.35 7.99 11.61
CA GLY B 41 22.85 8.93 12.62
C GLY B 41 21.83 9.82 13.29
N HIS B 42 22.12 11.11 13.46
CA HIS B 42 21.20 11.93 14.22
C HIS B 42 20.81 13.34 13.77
N ASP B 43 21.59 13.98 12.91
CA ASP B 43 21.35 15.39 12.59
C ASP B 43 20.16 15.63 11.64
N ALA B 44 19.51 16.80 11.76
CA ALA B 44 18.31 17.17 10.98
C ALA B 44 18.46 17.09 9.47
N VAL B 45 17.44 16.51 8.82
CA VAL B 45 17.31 16.43 7.36
C VAL B 45 15.99 17.12 6.96
N ALA B 46 15.91 17.65 5.74
CA ALA B 46 14.68 18.29 5.28
C ALA B 46 14.36 17.94 3.82
N ALA B 47 13.23 18.42 3.31
CA ALA B 47 12.84 18.00 1.97
C ALA B 47 12.09 19.01 1.06
N THR B 48 11.92 18.58 -0.19
CA THR B 48 11.46 19.42 -1.28
C THR B 48 10.62 18.66 -2.30
N LEU B 49 9.61 19.34 -2.83
CA LEU B 49 8.70 18.77 -3.80
C LEU B 49 8.79 19.39 -5.20
N VAL B 50 9.61 18.83 -6.08
CA VAL B 50 9.75 19.41 -7.40
C VAL B 50 8.57 18.98 -8.26
N VAL B 51 7.84 20.00 -8.68
CA VAL B 51 6.53 19.92 -9.30
C VAL B 51 6.51 20.53 -10.73
N ARG B 52 6.07 19.73 -11.71
CA ARG B 52 6.01 20.20 -13.08
C ARG B 52 4.67 20.05 -13.79
N TYR B 53 4.40 21.02 -14.66
CA TYR B 53 3.33 20.99 -15.64
C TYR B 53 3.99 20.90 -17.00
N HIS B 54 3.54 20.00 -17.85
CA HIS B 54 4.21 19.81 -19.12
C HIS B 54 3.24 20.04 -20.20
N GLY B 55 1.96 20.00 -19.86
CA GLY B 55 0.94 20.20 -20.84
C GLY B 55 -0.07 19.08 -20.78
N THR B 56 -0.56 18.68 -21.94
CA THR B 56 -1.77 17.85 -22.03
C THR B 56 -1.59 16.55 -22.79
N THR B 57 -0.34 16.22 -23.15
CA THR B 57 -0.05 15.03 -23.92
C THR B 57 -0.39 13.83 -23.04
N TYR B 58 -1.18 12.91 -23.55
CA TYR B 58 -1.71 11.91 -22.67
C TYR B 58 -0.93 10.63 -22.82
N PRO B 59 -0.41 10.09 -21.71
CA PRO B 59 0.34 8.83 -21.69
C PRO B 59 -0.61 7.66 -21.87
N ASP B 60 -0.34 6.75 -22.81
CA ASP B 60 -1.15 5.54 -22.92
C ASP B 60 -0.77 4.58 -21.80
N LEU B 61 -1.71 4.35 -20.88
CA LEU B 61 -1.38 3.60 -19.68
C LEU B 61 -1.55 2.12 -19.90
N ALA B 62 -2.19 1.73 -20.99
CA ALA B 62 -2.27 0.30 -21.30
C ALA B 62 -1.66 -0.04 -22.63
N ASP B 63 -0.94 -1.16 -22.61
CA ASP B 63 -0.35 -1.73 -23.80
C ASP B 63 -1.46 -2.14 -24.74
N PRO B 64 -1.54 -1.47 -25.89
CA PRO B 64 -2.59 -1.76 -26.87
C PRO B 64 -2.33 -3.08 -27.63
N PRO B 65 -3.36 -3.63 -28.30
CA PRO B 65 -3.19 -4.76 -29.23
C PRO B 65 -2.21 -4.47 -30.43
N PRO B 66 -1.68 -5.53 -31.11
CA PRO B 66 -0.59 -5.45 -32.11
C PRO B 66 -0.79 -4.44 -33.27
N GLY B 67 -1.84 -4.61 -34.06
CA GLY B 67 -2.09 -3.74 -35.22
C GLY B 67 -2.54 -2.32 -34.91
N VAL B 68 -3.32 -2.17 -33.84
CA VAL B 68 -3.89 -0.88 -33.48
C VAL B 68 -2.78 0.07 -33.09
N PRO B 69 -2.93 1.34 -33.49
CA PRO B 69 -1.87 2.33 -33.31
C PRO B 69 -1.60 2.62 -31.83
N GLY B 70 -0.45 3.25 -31.57
CA GLY B 70 -0.06 3.63 -30.23
C GLY B 70 0.93 4.77 -30.26
N PRO B 90 10.74 25.50 -13.55
CA PRO B 90 9.74 24.94 -12.66
C PRO B 90 9.65 25.68 -11.34
N GLN B 91 8.92 25.09 -10.39
CA GLN B 91 8.71 25.67 -9.07
C GLN B 91 9.02 24.69 -7.95
N ARG B 92 10.21 24.81 -7.38
CA ARG B 92 10.66 24.13 -6.16
C ARG B 92 9.81 24.42 -4.92
N LEU B 93 9.10 23.45 -4.32
CA LEU B 93 8.41 23.72 -3.04
C LEU B 93 8.52 22.61 -1.93
N PRO B 94 8.19 22.94 -0.66
CA PRO B 94 8.63 22.19 0.53
C PRO B 94 7.76 21.10 1.12
N MET B 95 8.42 20.30 1.96
CA MET B 95 7.74 19.25 2.66
C MET B 95 7.88 19.53 4.14
N SER B 96 6.77 19.94 4.73
CA SER B 96 6.74 20.27 6.14
C SER B 96 6.44 18.98 6.89
N PRO B 97 7.27 18.63 7.85
CA PRO B 97 7.11 17.39 8.60
C PRO B 97 5.78 17.32 9.34
N GLY B 98 5.34 16.10 9.63
CA GLY B 98 4.07 15.92 10.28
C GLY B 98 4.16 15.59 11.75
N HIS B 99 3.68 14.41 12.10
CA HIS B 99 3.70 13.94 13.49
C HIS B 99 3.86 12.43 13.56
N THR B 100 4.02 11.81 12.38
CA THR B 100 4.49 10.43 12.27
C THR B 100 5.98 10.49 11.94
N PRO B 101 6.83 9.83 12.73
CA PRO B 101 8.30 9.90 12.60
C PRO B 101 8.90 9.50 11.22
N ASP B 102 9.55 10.50 10.64
CA ASP B 102 10.24 10.49 9.35
C ASP B 102 9.30 10.68 8.15
N VAL B 103 8.01 10.87 8.41
CA VAL B 103 7.08 11.24 7.36
C VAL B 103 6.90 12.77 7.34
N PHE B 104 6.76 13.33 6.14
CA PHE B 104 6.74 14.80 5.95
C PHE B 104 5.49 15.22 5.22
N HIS B 105 5.04 16.46 5.39
CA HIS B 105 3.82 16.85 4.68
C HIS B 105 3.85 18.21 3.97
N GLY B 106 3.79 18.10 2.65
CA GLY B 106 3.58 19.19 1.75
C GLY B 106 2.27 19.02 0.98
N HIS B 107 2.03 19.93 0.06
CA HIS B 107 0.75 20.12 -0.56
C HIS B 107 0.86 21.09 -1.72
N PHE B 108 0.59 20.66 -2.94
CA PHE B 108 0.66 21.60 -4.05
C PHE B 108 -0.70 21.78 -4.69
N THR B 109 -0.96 22.97 -5.23
CA THR B 109 -2.28 23.24 -5.80
C THR B 109 -2.19 23.73 -7.25
N PRO B 110 -2.72 22.93 -8.19
CA PRO B 110 -2.60 23.17 -9.63
C PRO B 110 -3.62 24.16 -10.20
N ASP B 111 -3.08 25.07 -10.99
CA ASP B 111 -3.86 26.11 -11.64
C ASP B 111 -4.23 25.79 -13.11
N ARG B 112 -3.47 24.91 -13.78
CA ARG B 112 -3.77 24.53 -15.19
C ARG B 112 -4.24 23.08 -15.46
N VAL B 113 -4.98 22.94 -16.57
CA VAL B 113 -5.55 21.67 -17.02
C VAL B 113 -4.57 20.88 -17.93
N GLY B 114 -4.26 19.66 -17.52
CA GLY B 114 -3.29 18.85 -18.21
C GLY B 114 -2.45 18.08 -17.21
N LEU B 115 -1.33 17.53 -17.68
CA LEU B 115 -0.53 16.65 -16.84
C LEU B 115 0.55 17.40 -16.06
N TRP B 116 0.63 17.04 -14.79
CA TRP B 116 1.54 17.62 -13.85
C TRP B 116 2.37 16.47 -13.29
N THR B 117 3.57 16.72 -12.79
CA THR B 117 4.30 15.60 -12.17
C THR B 117 5.16 15.92 -10.94
N TYR B 118 5.07 15.06 -9.91
CA TYR B 118 5.73 15.27 -8.60
C TYR B 118 6.97 14.41 -8.34
N ARG B 119 7.98 15.11 -7.83
CA ARG B 119 9.26 14.58 -7.41
C ARG B 119 9.58 15.09 -6.03
N VAL B 120 10.01 14.18 -5.18
CA VAL B 120 10.31 14.51 -3.80
C VAL B 120 11.82 14.63 -3.68
N ASP B 121 12.29 15.78 -3.20
CA ASP B 121 13.73 15.97 -3.07
C ASP B 121 14.16 16.01 -1.60
N GLY B 122 15.19 15.24 -1.25
CA GLY B 122 15.65 15.16 0.12
C GLY B 122 17.10 15.52 0.33
N TRP B 123 17.33 16.51 1.20
CA TRP B 123 18.66 17.04 1.45
C TRP B 123 18.89 17.31 2.91
N GLY B 124 20.08 16.93 3.38
CA GLY B 124 20.46 17.21 4.75
C GLY B 124 20.78 18.68 4.92
N ASP B 125 20.38 19.24 6.07
CA ASP B 125 20.71 20.64 6.33
C ASP B 125 21.46 20.78 7.64
N PRO B 126 22.67 21.33 7.57
CA PRO B 126 23.53 21.41 8.73
C PRO B 126 23.20 22.58 9.60
N ILE B 127 22.64 23.61 9.00
CA ILE B 127 22.34 24.85 9.72
C ILE B 127 21.35 24.74 10.89
N ALA B 128 20.15 24.23 10.62
CA ALA B 128 19.05 24.27 11.59
C ALA B 128 19.18 23.19 12.69
N SER B 129 19.96 22.17 12.37
CA SER B 129 20.28 21.08 13.26
C SER B 129 21.32 21.57 14.24
N TRP B 130 22.04 22.61 13.84
CA TRP B 130 23.14 23.15 14.62
C TRP B 130 22.64 24.20 15.60
N ARG B 131 21.77 25.08 15.10
CA ARG B 131 21.18 26.15 15.90
C ARG B 131 20.28 25.62 17.02
N HIS B 132 19.82 24.38 16.93
CA HIS B 132 19.00 23.87 18.01
C HIS B 132 19.78 23.66 19.27
N ASN B 133 20.99 23.18 19.13
CA ASN B 133 21.62 22.72 20.33
C ASN B 133 22.16 23.89 21.13
N VAL B 134 22.57 24.95 20.44
CA VAL B 134 22.95 26.20 21.11
C VAL B 134 21.86 26.52 22.11
N THR B 135 20.62 26.30 21.71
CA THR B 135 19.52 26.57 22.59
C THR B 135 19.52 25.58 23.76
N ALA B 136 19.67 24.29 23.46
CA ALA B 136 19.56 23.27 24.48
C ALA B 136 20.72 23.44 25.44
N LYS B 137 21.85 23.81 24.88
CA LYS B 137 23.07 24.01 25.63
C LYS B 137 23.17 25.40 26.33
N LEU B 138 22.51 26.42 25.79
CA LEU B 138 22.52 27.72 26.49
C LEU B 138 21.41 27.71 27.51
N ASP B 139 20.48 26.78 27.33
CA ASP B 139 19.46 26.51 28.34
C ASP B 139 19.95 25.46 29.36
N ALA B 140 21.12 24.87 29.10
CA ALA B 140 21.83 24.09 30.12
C ALA B 140 22.80 25.00 30.87
N GLY B 141 22.91 26.24 30.39
CA GLY B 141 23.67 27.26 31.09
C GLY B 141 25.17 27.11 30.89
N GLN B 142 25.73 27.43 29.71
CA GLN B 142 27.18 27.29 29.52
C GLN B 142 27.61 28.55 28.83
N GLY B 143 28.88 28.94 28.94
CA GLY B 143 29.31 30.17 28.28
C GLY B 143 30.05 29.96 26.95
N GLU B 144 30.84 30.94 26.49
CA GLU B 144 31.50 30.90 25.17
C GLU B 144 32.65 29.91 25.18
N SER B 145 33.15 29.65 26.39
CA SER B 145 34.22 28.70 26.59
C SER B 145 33.95 27.38 25.86
N GLU B 146 32.81 26.78 26.17
CA GLU B 146 32.45 25.46 25.68
C GLU B 146 32.03 25.43 24.20
N LEU B 147 31.36 26.49 23.78
CA LEU B 147 30.67 26.53 22.51
C LEU B 147 31.46 27.18 21.39
N ASN B 148 32.69 27.60 21.66
CA ASN B 148 33.32 28.54 20.76
C ASN B 148 33.91 27.89 19.49
N ASN B 149 33.98 26.57 19.45
CA ASN B 149 34.29 25.90 18.19
C ASN B 149 33.06 25.54 17.43
N ASP B 150 32.06 25.17 18.20
CA ASP B 150 30.81 24.70 17.68
C ASP B 150 30.16 25.82 16.86
N LEU B 151 30.52 27.06 17.19
CA LEU B 151 30.07 28.18 16.39
C LEU B 151 31.12 28.54 15.33
N LEU B 152 32.34 28.03 15.51
CA LEU B 152 33.38 28.17 14.49
C LEU B 152 33.07 27.35 13.23
N VAL B 153 32.10 26.45 13.32
CA VAL B 153 31.57 25.80 12.13
C VAL B 153 30.50 26.72 11.55
N GLY B 154 29.77 27.38 12.44
CA GLY B 154 28.65 28.22 12.10
C GLY B 154 28.95 29.37 11.17
N ALA B 155 30.11 29.97 11.33
CA ALA B 155 30.50 31.04 10.41
C ALA B 155 30.86 30.42 9.06
N ARG B 156 31.57 29.31 9.09
CA ARG B 156 31.89 28.65 7.84
C ARG B 156 30.68 27.78 7.52
N LEU B 157 29.64 27.81 8.35
CA LEU B 157 28.39 27.14 7.94
C LEU B 157 27.72 27.89 6.80
N LEU B 158 27.37 29.14 7.06
CA LEU B 158 26.58 29.95 6.15
C LEU B 158 27.45 30.66 5.13
N GLU B 159 28.75 30.55 5.31
CA GLU B 159 29.61 31.00 4.25
C GLU B 159 29.38 30.07 3.02
N ARG B 160 28.85 28.83 3.16
CA ARG B 160 28.44 28.04 1.96
C ARG B 160 27.25 28.73 1.43
N ALA B 161 26.27 28.82 2.29
CA ALA B 161 25.01 29.41 1.89
C ALA B 161 25.26 30.84 1.51
N ALA B 162 26.36 31.43 2.00
CA ALA B 162 26.69 32.75 1.53
C ALA B 162 26.86 32.54 0.05
N THR B 163 27.61 31.50 -0.30
CA THR B 163 27.80 31.15 -1.71
C THR B 163 26.43 30.76 -2.31
N GLY B 164 25.47 30.44 -1.46
CA GLY B 164 24.15 30.11 -1.96
C GLY B 164 23.11 31.21 -1.86
N VAL B 165 23.55 32.46 -1.79
CA VAL B 165 22.66 33.64 -1.84
C VAL B 165 23.36 34.83 -2.56
N PRO B 166 22.60 35.70 -3.28
CA PRO B 166 23.13 36.70 -4.21
C PRO B 166 24.10 37.80 -3.70
N ARG B 167 25.05 38.22 -4.54
CA ARG B 167 26.11 39.14 -4.10
C ARG B 167 25.64 40.46 -3.56
N GLU B 168 24.47 40.88 -3.98
CA GLU B 168 23.90 42.11 -3.49
C GLU B 168 23.39 41.82 -2.10
N LEU B 169 23.02 40.57 -1.86
CA LEU B 169 22.49 40.20 -0.56
C LEU B 169 23.34 39.18 0.26
N ARG B 170 24.67 39.19 0.08
CA ARG B 170 25.63 38.55 1.01
C ARG B 170 25.76 39.50 2.15
N GLU B 171 25.52 40.75 1.81
CA GLU B 171 25.72 41.85 2.71
C GLU B 171 24.99 41.42 3.95
N ALA B 172 23.79 40.86 3.77
CA ALA B 172 23.03 40.34 4.89
C ALA B 172 23.52 38.95 5.35
N LEU B 173 24.63 38.46 4.80
CA LEU B 173 25.28 37.23 5.30
C LEU B 173 26.56 37.42 6.14
N LEU B 174 27.52 38.13 5.55
CA LEU B 174 28.88 38.27 6.10
C LEU B 174 28.85 38.82 7.53
N GLU B 175 27.94 39.75 7.76
CA GLU B 175 27.62 40.35 9.06
C GLU B 175 27.49 39.39 10.26
N ALA B 176 26.54 38.47 10.21
CA ALA B 176 26.29 37.55 11.32
C ALA B 176 27.37 36.48 11.39
N ALA B 177 27.98 36.19 10.25
CA ALA B 177 29.10 35.25 10.21
C ALA B 177 30.32 35.91 10.82
N ALA B 178 30.39 37.24 10.71
CA ALA B 178 31.42 38.01 11.39
C ALA B 178 31.05 38.30 12.84
N ALA B 179 29.77 38.53 13.10
CA ALA B 179 29.32 38.80 14.46
C ALA B 179 29.46 37.58 15.36
N LEU B 180 29.77 36.44 14.74
CA LEU B 180 30.22 35.23 15.45
C LEU B 180 31.73 35.03 15.33
N ARG B 181 32.36 35.52 14.27
CA ARG B 181 33.81 35.39 14.12
C ARG B 181 34.58 36.26 15.13
N ALA B 182 34.19 37.53 15.28
CA ALA B 182 34.84 38.37 16.28
C ALA B 182 34.39 37.97 17.69
N PRO B 183 35.31 37.98 18.67
CA PRO B 183 34.99 37.47 20.02
C PRO B 183 34.18 38.40 20.94
N GLY B 184 33.02 37.91 21.39
CA GLY B 184 32.11 38.66 22.23
C GLY B 184 31.31 37.75 23.14
N ASP B 185 30.14 38.21 23.57
CA ASP B 185 29.32 37.42 24.47
C ASP B 185 28.58 36.40 23.64
N PRO B 186 28.54 35.13 24.11
CA PRO B 186 27.78 34.11 23.40
C PRO B 186 26.35 34.51 22.98
N PHE B 187 25.54 35.17 23.81
CA PHE B 187 24.17 35.47 23.36
C PHE B 187 24.19 36.57 22.30
N THR B 188 24.97 37.62 22.52
CA THR B 188 25.06 38.71 21.55
C THR B 188 25.83 38.19 20.35
N ARG B 189 26.77 37.28 20.58
CA ARG B 189 27.53 36.76 19.46
C ARG B 189 26.58 35.78 18.75
N ALA B 190 25.75 35.04 19.51
CA ALA B 190 24.88 34.06 18.87
C ALA B 190 23.56 34.66 18.44
N GLY B 191 23.03 35.60 19.22
CA GLY B 191 21.74 36.19 18.90
C GLY B 191 21.55 36.59 17.45
N ALA B 192 22.64 36.99 16.81
CA ALA B 192 22.65 37.47 15.42
C ALA B 192 22.15 36.45 14.40
N ALA B 193 22.75 35.28 14.39
CA ALA B 193 22.40 34.23 13.44
C ALA B 193 20.98 33.69 13.67
N LEU B 194 20.46 33.93 14.87
CA LEU B 194 19.16 33.41 15.24
C LEU B 194 17.99 34.23 14.68
N SER B 195 18.19 35.53 14.46
CA SER B 195 17.09 36.45 14.15
C SER B 195 16.22 36.02 12.95
N ALA B 196 14.99 36.54 12.92
CA ALA B 196 14.07 36.20 11.86
C ALA B 196 14.60 36.68 10.52
N GLU B 197 15.27 37.83 10.55
CA GLU B 197 15.84 38.40 9.33
C GLU B 197 16.59 37.31 8.57
N VAL B 198 17.62 36.80 9.21
CA VAL B 198 18.39 35.71 8.65
C VAL B 198 17.51 34.48 8.49
N SER B 199 16.61 34.20 9.42
CA SER B 199 15.79 32.97 9.32
C SER B 199 15.15 32.79 7.92
N ASP B 200 14.55 33.85 7.41
CA ASP B 200 14.07 33.92 6.04
C ASP B 200 15.17 33.80 5.03
N LEU B 201 16.37 34.27 5.40
CA LEU B 201 17.53 34.05 4.53
C LEU B 201 17.63 32.54 4.44
N LEU B 202 17.21 31.84 5.48
CA LEU B 202 17.26 30.39 5.43
C LEU B 202 15.93 29.78 5.12
N ALA B 203 14.89 30.58 5.05
CA ALA B 203 13.60 29.95 4.79
C ALA B 203 13.29 29.96 3.32
N GLU B 204 13.97 30.79 2.56
CA GLU B 204 13.70 30.82 1.13
C GLU B 204 14.86 30.27 0.37
N TYR B 205 16.05 30.70 0.75
CA TYR B 205 17.26 30.23 0.09
C TYR B 205 18.20 29.45 1.02
N PRO B 206 18.04 28.10 1.03
CA PRO B 206 18.81 27.15 1.84
C PRO B 206 20.02 26.49 1.16
N LEU B 207 20.84 25.91 2.01
CA LEU B 207 21.91 25.03 1.58
C LEU B 207 21.41 23.58 1.62
N ARG B 208 20.99 23.07 0.47
CA ARG B 208 20.68 21.68 0.37
C ARG B 208 21.99 20.97 0.28
N GLU B 209 22.34 20.21 1.30
CA GLU B 209 23.56 19.45 1.15
C GLU B 209 23.23 17.98 1.04
N PHE B 210 23.89 17.34 0.10
CA PHE B 210 23.72 15.93 -0.19
C PHE B 210 22.26 15.63 -0.40
N VAL B 211 21.73 16.02 -1.55
CA VAL B 211 20.29 15.95 -1.81
C VAL B 211 19.94 14.83 -2.77
N THR B 212 18.85 14.13 -2.52
CA THR B 212 18.39 13.15 -3.50
C THR B 212 16.98 13.36 -4.08
N ARG B 213 16.93 13.66 -5.37
CA ARG B 213 15.67 13.85 -6.08
C ARG B 213 14.97 12.51 -6.20
N GLY B 214 13.73 12.41 -5.71
CA GLY B 214 12.95 11.18 -5.79
C GLY B 214 12.33 10.84 -7.13
N GLU B 215 11.59 9.72 -7.18
CA GLU B 215 10.92 9.33 -8.42
C GLU B 215 9.78 10.25 -8.77
N GLN B 216 9.81 10.73 -9.99
CA GLN B 216 8.79 11.68 -10.36
C GLN B 216 7.54 10.87 -10.70
N TYR B 217 6.55 10.91 -9.82
CA TYR B 217 5.27 10.27 -10.11
C TYR B 217 4.35 11.40 -10.54
N GLY B 218 3.35 11.12 -11.37
CA GLY B 218 2.53 12.14 -12.01
C GLY B 218 1.11 12.42 -11.51
N VAL B 219 0.54 13.57 -11.90
CA VAL B 219 -0.85 13.99 -11.54
C VAL B 219 -1.55 14.80 -12.65
N TRP B 220 -2.59 14.22 -13.25
CA TRP B 220 -3.39 14.89 -14.29
C TRP B 220 -4.50 15.79 -13.73
N VAL B 221 -4.58 17.00 -14.26
CA VAL B 221 -5.55 17.97 -13.78
C VAL B 221 -6.60 18.28 -14.81
N ASP B 222 -7.83 17.85 -14.55
CA ASP B 222 -8.95 18.17 -15.43
C ASP B 222 -9.44 19.57 -15.12
N ARG B 223 -10.44 20.06 -15.87
CA ARG B 223 -11.18 21.26 -15.50
C ARG B 223 -11.89 21.02 -14.17
N PRO B 224 -12.28 22.09 -13.46
CA PRO B 224 -12.92 21.91 -12.14
C PRO B 224 -14.27 21.23 -12.23
N GLU B 225 -15.03 21.59 -13.25
CA GLU B 225 -16.33 20.99 -13.53
C GLU B 225 -16.30 19.48 -13.37
N ALA B 226 -15.15 18.88 -13.66
CA ALA B 226 -14.97 17.43 -13.59
C ALA B 226 -15.23 16.75 -12.24
N ARG B 227 -15.17 17.47 -11.14
CA ARG B 227 -15.47 16.83 -9.87
C ARG B 227 -16.52 17.57 -9.10
N PHE B 228 -16.55 18.89 -9.26
CA PHE B 228 -17.60 19.63 -8.61
C PHE B 228 -18.65 19.97 -9.64
N SER B 229 -19.63 19.08 -9.71
CA SER B 229 -20.63 19.17 -10.73
C SER B 229 -21.97 18.67 -10.23
N SER B 230 -23.02 19.21 -10.84
CA SER B 230 -24.39 18.86 -10.53
C SER B 230 -24.97 18.18 -11.74
N TRP B 231 -25.22 16.89 -11.61
CA TRP B 231 -25.71 16.13 -12.74
C TRP B 231 -27.23 16.05 -12.68
N TYR B 232 -27.90 16.06 -13.83
CA TYR B 232 -29.37 15.86 -13.90
C TYR B 232 -29.71 15.00 -15.08
N GLU B 233 -30.73 14.15 -14.97
CA GLU B 233 -31.07 13.25 -16.08
C GLU B 233 -32.53 13.19 -16.48
N MET B 234 -32.74 13.46 -17.77
CA MET B 234 -34.04 13.63 -18.42
C MET B 234 -34.13 12.80 -19.69
N PHE B 235 -35.34 12.39 -20.05
CA PHE B 235 -35.63 11.81 -21.37
C PHE B 235 -36.23 12.83 -22.36
N PRO B 236 -35.74 12.83 -23.61
CA PRO B 236 -36.27 13.80 -24.59
C PRO B 236 -37.67 13.48 -25.14
N ARG B 237 -37.93 12.20 -25.41
CA ARG B 237 -39.26 11.70 -25.77
C ARG B 237 -40.37 12.12 -24.80
N SER B 238 -40.10 12.01 -23.51
CA SER B 238 -41.16 12.24 -22.54
C SER B 238 -41.54 13.70 -22.39
N THR B 239 -40.72 14.65 -22.79
CA THR B 239 -41.19 16.01 -22.66
C THR B 239 -42.08 16.40 -23.85
N GLY B 240 -42.44 15.42 -24.68
CA GLY B 240 -43.27 15.69 -25.84
C GLY B 240 -44.64 16.17 -25.43
N GLY B 241 -45.18 15.54 -24.39
CA GLY B 241 -46.42 16.02 -23.84
C GLY B 241 -47.60 15.35 -24.47
N TRP B 242 -48.70 16.08 -24.53
CA TRP B 242 -49.98 15.51 -24.94
C TRP B 242 -50.66 16.24 -26.06
N ASP B 243 -51.59 15.54 -26.67
CA ASP B 243 -52.37 16.04 -27.79
C ASP B 243 -53.73 16.46 -27.26
N ALA B 244 -54.60 16.86 -28.19
CA ALA B 244 -55.94 17.30 -27.84
C ALA B 244 -56.68 16.21 -27.08
N GLU B 245 -56.15 15.00 -27.13
CA GLU B 245 -56.82 13.89 -26.50
C GLU B 245 -56.09 13.60 -25.22
N GLY B 246 -54.87 14.12 -25.11
CA GLY B 246 -54.14 13.96 -23.89
C GLY B 246 -53.51 12.59 -23.71
N ARG B 247 -52.93 12.06 -24.78
CA ARG B 247 -52.18 10.82 -24.68
C ARG B 247 -50.72 11.20 -24.87
N PRO B 248 -49.80 10.38 -24.34
CA PRO B 248 -48.42 10.88 -24.42
C PRO B 248 -47.91 11.03 -25.86
N VAL B 249 -47.53 12.25 -26.21
CA VAL B 249 -47.05 12.55 -27.57
C VAL B 249 -45.54 12.68 -27.58
N HIS B 250 -44.96 12.42 -28.74
CA HIS B 250 -43.52 12.47 -28.96
C HIS B 250 -43.01 13.92 -28.89
N GLY B 251 -41.71 14.06 -28.60
CA GLY B 251 -41.01 15.33 -28.48
C GLY B 251 -39.81 15.49 -29.41
N THR B 252 -39.41 16.72 -29.71
CA THR B 252 -38.22 16.93 -30.54
C THR B 252 -37.12 17.66 -29.75
N PHE B 253 -36.07 18.06 -30.46
CA PHE B 253 -34.94 18.75 -29.88
C PHE B 253 -35.38 20.08 -29.29
N ALA B 254 -36.21 20.79 -30.03
CA ALA B 254 -36.67 22.11 -29.61
C ALA B 254 -37.61 22.01 -28.41
N THR B 255 -38.40 20.95 -28.38
CA THR B 255 -39.44 20.81 -27.39
C THR B 255 -38.80 20.67 -26.03
N ALA B 256 -37.65 20.02 -26.02
CA ALA B 256 -36.92 19.78 -24.81
C ALA B 256 -36.14 21.02 -24.40
N ALA B 257 -35.70 21.79 -25.39
CA ALA B 257 -34.95 23.03 -25.13
C ALA B 257 -35.80 23.97 -24.29
N GLU B 258 -37.10 23.64 -24.21
CA GLU B 258 -38.06 24.38 -23.42
C GLU B 258 -38.05 23.96 -21.95
N ALA B 259 -37.62 22.72 -21.72
CA ALA B 259 -37.63 22.14 -20.39
C ALA B 259 -36.38 22.55 -19.62
N LEU B 260 -35.38 23.01 -20.35
CA LEU B 260 -34.11 23.33 -19.73
C LEU B 260 -34.19 24.54 -18.81
N PRO B 261 -34.97 25.58 -19.20
CA PRO B 261 -35.07 26.70 -18.26
C PRO B 261 -35.41 26.25 -16.86
N ARG B 262 -36.36 25.31 -16.80
CA ARG B 262 -36.81 24.66 -15.58
C ARG B 262 -35.62 24.08 -14.86
N ILE B 263 -34.88 23.31 -15.62
CA ILE B 263 -33.71 22.66 -15.15
C ILE B 263 -32.65 23.71 -14.83
N ALA B 264 -32.53 24.70 -15.72
CA ALA B 264 -31.48 25.73 -15.64
C ALA B 264 -31.37 26.45 -14.30
N ARG B 265 -32.47 26.50 -13.57
CA ARG B 265 -32.48 27.19 -12.30
C ARG B 265 -32.13 26.28 -11.13
N MET B 266 -32.57 25.03 -11.21
CA MET B 266 -32.46 24.11 -10.08
C MET B 266 -31.05 24.01 -9.50
N GLY B 267 -30.04 24.12 -10.35
CA GLY B 267 -28.68 24.21 -9.84
C GLY B 267 -27.63 23.39 -10.57
N PHE B 268 -28.05 22.73 -11.65
CA PHE B 268 -27.17 21.85 -12.38
C PHE B 268 -26.33 22.58 -13.40
N ASP B 269 -25.20 21.97 -13.73
CA ASP B 269 -24.36 22.45 -14.82
CA ASP B 269 -24.41 22.48 -14.84
C ASP B 269 -24.08 21.32 -15.79
N VAL B 270 -24.66 20.14 -15.53
CA VAL B 270 -24.36 18.95 -16.34
C VAL B 270 -25.62 18.16 -16.58
N VAL B 271 -26.01 18.03 -17.85
CA VAL B 271 -27.17 17.23 -18.24
C VAL B 271 -26.85 16.07 -19.19
N TYR B 272 -26.85 14.87 -18.62
CA TYR B 272 -26.75 13.60 -19.36
C TYR B 272 -28.12 13.25 -19.97
N LEU B 273 -28.12 12.74 -21.21
CA LEU B 273 -29.31 12.21 -21.89
C LEU B 273 -29.20 10.76 -22.36
N PRO B 274 -30.34 10.04 -22.41
CA PRO B 274 -30.67 8.77 -23.08
C PRO B 274 -30.28 8.71 -24.54
N PRO B 275 -30.02 7.52 -25.08
CA PRO B 275 -29.67 7.42 -26.50
C PRO B 275 -30.71 8.17 -27.34
N ILE B 276 -30.28 8.88 -28.37
CA ILE B 276 -31.20 9.70 -29.17
C ILE B 276 -31.12 9.20 -30.60
N HIS B 277 -30.71 7.97 -30.73
CA HIS B 277 -30.57 7.38 -32.04
C HIS B 277 -31.66 6.36 -32.32
N PRO B 278 -31.73 5.90 -33.58
CA PRO B 278 -32.74 4.92 -33.97
C PRO B 278 -32.63 3.65 -33.16
N ILE B 279 -33.67 3.36 -32.41
CA ILE B 279 -33.75 2.09 -31.75
C ILE B 279 -34.31 1.10 -32.74
N GLY B 280 -33.88 -0.16 -32.61
CA GLY B 280 -34.28 -1.18 -33.54
C GLY B 280 -35.77 -1.39 -33.59
N LYS B 281 -36.16 -2.37 -34.38
CA LYS B 281 -37.57 -2.70 -34.51
C LYS B 281 -37.75 -4.19 -34.25
N VAL B 282 -36.65 -4.94 -34.33
CA VAL B 282 -36.71 -6.39 -34.18
C VAL B 282 -36.32 -6.87 -32.77
N HIS B 283 -37.08 -7.86 -32.30
CA HIS B 283 -36.98 -8.47 -30.96
C HIS B 283 -37.15 -7.47 -29.81
N ARG B 284 -37.59 -6.27 -30.17
CA ARG B 284 -37.58 -5.13 -29.27
C ARG B 284 -38.64 -5.21 -28.15
N LYS B 285 -38.42 -4.42 -27.11
CA LYS B 285 -39.16 -4.53 -25.86
C LYS B 285 -40.27 -3.50 -25.68
N GLY B 286 -41.41 -3.98 -25.21
CA GLY B 286 -42.59 -3.15 -25.05
C GLY B 286 -42.78 -2.55 -23.68
N ARG B 287 -43.91 -1.87 -23.51
CA ARG B 287 -44.17 -1.19 -22.26
CA ARG B 287 -44.27 -1.21 -22.26
C ARG B 287 -44.09 -2.11 -21.06
N ASN B 288 -43.66 -1.54 -19.96
CA ASN B 288 -43.53 -2.25 -18.71
C ASN B 288 -42.60 -3.42 -18.93
N ASN B 289 -41.47 -3.13 -19.59
CA ASN B 289 -40.37 -4.06 -19.68
C ASN B 289 -40.75 -5.34 -20.45
N SER B 290 -41.65 -5.22 -21.42
CA SER B 290 -42.15 -6.41 -22.11
C SER B 290 -41.21 -6.87 -23.20
N VAL B 291 -41.23 -8.15 -23.52
CA VAL B 291 -40.51 -8.63 -24.70
C VAL B 291 -41.55 -8.70 -25.79
N THR B 292 -42.78 -8.45 -25.38
CA THR B 292 -43.88 -8.44 -26.30
C THR B 292 -44.25 -6.98 -26.53
N ALA B 293 -44.05 -6.51 -27.75
CA ALA B 293 -44.32 -5.11 -28.12
C ALA B 293 -45.63 -4.96 -28.90
N ALA B 294 -46.07 -3.71 -29.04
CA ALA B 294 -47.31 -3.40 -29.76
C ALA B 294 -47.00 -2.48 -30.96
N PRO B 295 -47.92 -2.41 -31.93
CA PRO B 295 -47.55 -1.53 -33.05
C PRO B 295 -47.39 -0.10 -32.61
N GLY B 296 -46.14 0.28 -32.47
CA GLY B 296 -45.85 1.67 -32.16
C GLY B 296 -45.47 1.90 -30.72
N ASP B 297 -44.89 0.89 -30.08
CA ASP B 297 -44.37 1.11 -28.75
C ASP B 297 -42.94 1.52 -28.89
N VAL B 298 -42.56 2.46 -28.04
CA VAL B 298 -41.27 3.10 -28.14
C VAL B 298 -40.19 2.15 -27.64
N GLY B 299 -40.34 1.61 -26.45
CA GLY B 299 -39.31 0.70 -26.01
C GLY B 299 -38.01 1.33 -25.54
N SER B 300 -36.98 0.48 -25.55
CA SER B 300 -35.65 0.76 -25.06
C SER B 300 -34.82 1.71 -25.90
N PRO B 301 -34.39 2.80 -25.29
CA PRO B 301 -33.46 3.65 -26.03
C PRO B 301 -32.08 3.03 -26.11
N TRP B 302 -31.63 2.33 -25.07
CA TRP B 302 -30.33 1.64 -25.09
C TRP B 302 -30.29 0.50 -26.17
N ALA B 303 -31.39 0.29 -26.88
CA ALA B 303 -31.48 -0.71 -27.96
C ALA B 303 -31.21 -0.15 -29.36
N ILE B 304 -29.96 0.17 -29.65
CA ILE B 304 -29.64 0.94 -30.85
C ILE B 304 -29.67 0.10 -32.12
N GLY B 305 -30.08 0.73 -33.22
CA GLY B 305 -29.97 0.13 -34.53
C GLY B 305 -31.28 -0.32 -35.15
N SER B 306 -31.95 0.58 -35.86
CA SER B 306 -33.01 0.19 -36.77
C SER B 306 -32.49 0.40 -38.19
N ASP B 307 -33.35 0.20 -39.17
CA ASP B 307 -32.95 0.39 -40.56
C ASP B 307 -32.55 1.84 -40.74
N GLU B 308 -33.42 2.74 -40.29
CA GLU B 308 -33.17 4.16 -40.43
C GLU B 308 -32.20 4.66 -39.38
N GLY B 309 -31.00 4.07 -39.31
CA GLY B 309 -29.96 4.65 -38.47
C GLY B 309 -29.14 3.75 -37.55
N GLY B 310 -27.95 4.23 -37.20
CA GLY B 310 -27.05 3.55 -36.28
C GLY B 310 -26.44 4.54 -35.30
N HIS B 311 -25.23 4.26 -34.81
CA HIS B 311 -24.65 5.04 -33.72
C HIS B 311 -24.47 6.53 -33.97
N ASP B 312 -24.37 6.89 -35.24
CA ASP B 312 -24.13 8.26 -35.63
C ASP B 312 -25.42 8.99 -35.96
N ALA B 313 -26.49 8.24 -36.14
CA ALA B 313 -27.73 8.82 -36.58
C ALA B 313 -28.64 9.21 -35.42
N VAL B 314 -29.24 10.38 -35.47
CA VAL B 314 -30.33 10.71 -34.56
C VAL B 314 -31.50 9.81 -34.91
N HIS B 315 -32.47 9.65 -34.02
CA HIS B 315 -33.68 8.94 -34.42
C HIS B 315 -34.69 9.93 -35.06
N PRO B 316 -35.20 9.57 -36.26
CA PRO B 316 -36.16 10.27 -37.14
C PRO B 316 -37.42 10.83 -36.50
N GLN B 317 -37.90 10.26 -35.40
CA GLN B 317 -39.11 10.80 -34.79
C GLN B 317 -38.76 11.98 -33.88
N LEU B 318 -37.47 12.27 -33.76
CA LEU B 318 -37.04 13.46 -33.05
C LEU B 318 -36.58 14.53 -34.01
N GLY B 319 -36.33 14.12 -35.25
CA GLY B 319 -36.06 15.03 -36.34
C GLY B 319 -34.74 14.59 -36.92
N THR B 320 -33.87 15.54 -37.20
CA THR B 320 -32.51 15.16 -37.48
C THR B 320 -31.51 15.99 -36.68
N ILE B 321 -30.23 15.73 -36.88
CA ILE B 321 -29.14 16.20 -36.03
C ILE B 321 -28.84 17.71 -36.00
N GLU B 322 -29.21 18.47 -37.04
CA GLU B 322 -28.92 19.90 -37.04
C GLU B 322 -29.82 20.48 -35.99
N ASP B 323 -30.96 19.81 -35.87
CA ASP B 323 -31.93 20.18 -34.88
C ASP B 323 -31.35 19.87 -33.50
N PHE B 324 -30.35 19.01 -33.45
CA PHE B 324 -29.63 18.74 -32.21
C PHE B 324 -28.64 19.84 -31.74
N ASP B 325 -27.93 20.50 -32.67
CA ASP B 325 -26.87 21.46 -32.26
C ASP B 325 -27.24 22.82 -31.63
N GLU B 326 -28.23 23.53 -32.17
CA GLU B 326 -28.64 24.81 -31.57
C GLU B 326 -29.11 24.56 -30.12
N PHE B 327 -29.59 23.34 -29.89
CA PHE B 327 -30.00 22.88 -28.57
C PHE B 327 -28.86 22.93 -27.56
N VAL B 328 -27.68 22.47 -27.96
CA VAL B 328 -26.59 22.35 -27.01
C VAL B 328 -26.13 23.76 -26.69
N ALA B 329 -26.34 24.65 -27.65
CA ALA B 329 -26.10 26.06 -27.45
C ALA B 329 -27.10 26.66 -26.45
N SER B 330 -28.34 26.19 -26.55
CA SER B 330 -29.42 26.65 -25.67
C SER B 330 -29.08 26.31 -24.24
N ALA B 331 -28.30 25.25 -24.08
CA ALA B 331 -27.86 24.80 -22.79
C ALA B 331 -26.60 25.51 -22.38
N ARG B 332 -25.70 25.72 -23.33
CA ARG B 332 -24.39 26.27 -23.01
CA ARG B 332 -24.38 26.28 -23.06
C ARG B 332 -24.46 27.73 -22.60
N ASP B 333 -25.56 28.38 -22.95
CA ASP B 333 -25.80 29.76 -22.53
C ASP B 333 -27.01 29.82 -21.61
N LEU B 334 -27.14 28.77 -20.81
CA LEU B 334 -28.00 28.77 -19.63
C LEU B 334 -27.04 28.36 -18.50
N GLY B 335 -25.85 27.94 -18.89
CA GLY B 335 -24.83 27.53 -17.95
C GLY B 335 -24.75 26.04 -17.72
N LEU B 336 -25.40 25.27 -18.61
CA LEU B 336 -25.46 23.83 -18.42
C LEU B 336 -24.74 23.07 -19.53
N GLU B 337 -24.41 21.81 -19.27
CA GLU B 337 -23.50 21.04 -20.13
C GLU B 337 -24.10 19.68 -20.50
N VAL B 338 -24.41 19.51 -21.78
CA VAL B 338 -25.02 18.29 -22.33
C VAL B 338 -24.07 17.07 -22.40
N ALA B 339 -24.51 15.90 -21.92
CA ALA B 339 -23.65 14.71 -21.87
C ALA B 339 -24.24 13.36 -22.32
N LEU B 340 -24.09 12.94 -23.58
CA LEU B 340 -24.85 11.77 -24.01
C LEU B 340 -24.32 10.50 -23.34
N ASP B 341 -25.20 9.50 -23.32
CA ASP B 341 -25.03 8.22 -22.66
C ASP B 341 -24.30 7.31 -23.55
N LEU B 342 -23.13 6.86 -23.16
CA LEU B 342 -22.45 6.03 -24.13
C LEU B 342 -22.46 4.56 -23.79
N ALA B 343 -23.45 3.91 -24.41
CA ALA B 343 -23.71 2.46 -24.40
C ALA B 343 -23.13 1.81 -25.65
N LEU B 344 -22.61 0.59 -25.53
CA LEU B 344 -21.85 -0.01 -26.62
C LEU B 344 -22.40 -1.30 -27.24
N GLN B 345 -23.42 -1.21 -28.09
CA GLN B 345 -24.06 -2.43 -28.61
C GLN B 345 -24.82 -2.25 -29.94
N CYS B 346 -25.85 -3.07 -30.13
CA CYS B 346 -26.68 -3.04 -31.36
C CYS B 346 -27.98 -3.83 -31.22
N ALA B 347 -29.10 -3.23 -31.65
CA ALA B 347 -30.35 -4.00 -31.85
C ALA B 347 -30.29 -4.55 -33.26
N PRO B 348 -30.80 -5.78 -33.45
CA PRO B 348 -30.60 -6.56 -34.69
C PRO B 348 -30.97 -5.85 -36.01
N ASP B 349 -31.57 -4.66 -35.97
CA ASP B 349 -31.87 -3.90 -37.18
C ASP B 349 -30.81 -2.81 -37.45
N HIS B 350 -29.66 -2.91 -36.78
CA HIS B 350 -28.60 -1.95 -36.97
C HIS B 350 -28.11 -2.13 -38.39
N PRO B 351 -27.71 -1.04 -39.02
CA PRO B 351 -27.06 -1.12 -40.32
C PRO B 351 -25.66 -1.67 -40.26
N TRP B 352 -25.27 -2.40 -39.23
CA TRP B 352 -23.97 -3.03 -39.27
C TRP B 352 -24.19 -4.49 -39.06
N ALA B 353 -25.31 -4.79 -38.41
CA ALA B 353 -25.74 -6.16 -38.12
C ALA B 353 -25.78 -6.92 -39.41
N ARG B 354 -25.98 -6.20 -40.48
CA ARG B 354 -25.90 -6.76 -41.79
C ARG B 354 -24.64 -6.35 -42.52
N GLU B 355 -24.19 -5.10 -42.34
CA GLU B 355 -23.00 -4.60 -43.06
C GLU B 355 -21.76 -5.42 -42.76
N HIS B 356 -21.38 -5.39 -41.50
CA HIS B 356 -20.24 -6.14 -40.98
C HIS B 356 -20.69 -7.23 -40.00
N PRO B 357 -20.51 -8.50 -40.38
CA PRO B 357 -20.83 -9.58 -39.45
C PRO B 357 -19.77 -9.74 -38.35
N GLU B 358 -18.54 -9.37 -38.71
CA GLU B 358 -17.32 -9.58 -37.90
C GLU B 358 -17.42 -9.40 -36.37
N TRP B 359 -17.80 -8.20 -35.95
CA TRP B 359 -17.65 -7.84 -34.55
C TRP B 359 -18.75 -8.40 -33.68
N PHE B 360 -19.09 -9.67 -33.92
CA PHE B 360 -20.01 -10.33 -33.04
C PHE B 360 -19.54 -11.75 -32.83
N THR B 361 -19.99 -12.34 -31.74
CA THR B 361 -19.57 -13.70 -31.46
C THR B 361 -20.55 -14.63 -32.16
N VAL B 362 -20.45 -14.70 -33.48
CA VAL B 362 -21.25 -15.60 -34.31
C VAL B 362 -21.38 -17.01 -33.71
N LEU B 363 -22.60 -17.54 -33.66
CA LEU B 363 -22.75 -18.96 -33.38
C LEU B 363 -22.69 -19.62 -34.74
N PRO B 364 -22.20 -20.87 -34.80
CA PRO B 364 -21.74 -21.49 -36.06
C PRO B 364 -22.75 -21.50 -37.21
N ASP B 365 -24.02 -21.29 -36.88
CA ASP B 365 -25.08 -21.31 -37.88
C ASP B 365 -25.09 -20.07 -38.77
N GLY B 366 -24.73 -18.93 -38.20
CA GLY B 366 -24.80 -17.69 -38.95
C GLY B 366 -25.46 -16.68 -38.04
N SER B 367 -25.67 -17.11 -36.80
CA SER B 367 -26.29 -16.29 -35.77
C SER B 367 -25.33 -15.77 -34.73
N ILE B 368 -25.74 -14.70 -34.06
CA ILE B 368 -25.03 -14.17 -32.90
C ILE B 368 -26.01 -14.16 -31.70
N ALA B 369 -25.58 -14.73 -30.58
CA ALA B 369 -26.41 -14.91 -29.39
C ALA B 369 -26.70 -13.59 -28.66
N TYR B 370 -27.88 -13.44 -28.07
CA TYR B 370 -28.20 -12.21 -27.34
C TYR B 370 -27.39 -11.92 -26.10
N ALA B 371 -27.04 -10.63 -25.96
CA ALA B 371 -26.32 -10.10 -24.82
C ALA B 371 -27.18 -10.03 -23.55
N GLU B 372 -26.76 -10.75 -22.52
CA GLU B 372 -27.37 -10.65 -21.22
C GLU B 372 -26.28 -10.55 -20.19
N ASN B 373 -26.59 -9.97 -19.05
CA ASN B 373 -25.67 -10.12 -17.95
C ASN B 373 -26.48 -10.28 -16.69
N PRO B 374 -26.20 -11.35 -15.94
CA PRO B 374 -27.08 -11.92 -14.91
C PRO B 374 -27.38 -10.97 -13.77
N PRO B 375 -28.65 -10.99 -13.29
CA PRO B 375 -29.70 -11.91 -13.77
C PRO B 375 -30.63 -11.36 -14.87
N LYS B 376 -30.22 -10.27 -15.51
CA LYS B 376 -31.03 -9.57 -16.52
C LYS B 376 -30.86 -10.11 -17.95
N LYS B 377 -31.99 -10.37 -18.60
CA LYS B 377 -32.00 -10.83 -19.99
C LYS B 377 -32.31 -9.64 -20.89
N TYR B 378 -31.55 -9.54 -21.98
CA TYR B 378 -31.74 -8.46 -22.95
C TYR B 378 -31.83 -9.14 -24.34
N GLN B 379 -33.03 -9.44 -24.82
CA GLN B 379 -33.14 -10.08 -26.13
C GLN B 379 -32.77 -9.17 -27.28
N ASP B 380 -33.28 -7.94 -27.23
CA ASP B 380 -33.22 -7.02 -28.36
C ASP B 380 -31.87 -6.37 -28.66
N ILE B 381 -30.81 -6.78 -27.96
CA ILE B 381 -29.45 -6.23 -28.14
C ILE B 381 -28.40 -7.35 -28.19
N TYR B 382 -27.32 -7.12 -28.94
CA TYR B 382 -26.22 -8.08 -29.09
C TYR B 382 -24.82 -7.45 -28.85
N PRO B 383 -23.85 -8.24 -28.33
CA PRO B 383 -22.51 -7.78 -27.94
C PRO B 383 -21.43 -7.76 -29.04
N LEU B 384 -20.84 -6.59 -29.21
CA LEU B 384 -19.81 -6.36 -30.22
C LEU B 384 -18.63 -7.28 -29.97
N ASN B 385 -17.74 -7.44 -30.94
CA ASN B 385 -16.62 -8.32 -30.68
C ASN B 385 -15.30 -7.67 -31.00
N PHE B 386 -14.52 -7.37 -29.97
CA PHE B 386 -13.21 -6.70 -30.09
C PHE B 386 -12.08 -7.70 -30.30
N ASP B 387 -12.43 -8.96 -30.09
CA ASP B 387 -11.45 -10.01 -30.09
C ASP B 387 -11.59 -10.81 -31.37
N ASN B 388 -12.62 -10.48 -32.14
CA ASN B 388 -12.67 -10.91 -33.52
C ASN B 388 -11.78 -9.93 -34.30
N ASP B 389 -12.25 -8.70 -34.49
CA ASP B 389 -11.56 -7.72 -35.33
C ASP B 389 -11.33 -6.39 -34.62
N PRO B 390 -10.34 -6.35 -33.71
CA PRO B 390 -10.04 -5.15 -32.91
C PRO B 390 -9.70 -3.96 -33.76
N ALA B 391 -8.86 -4.18 -34.75
CA ALA B 391 -8.41 -3.10 -35.62
C ALA B 391 -9.60 -2.50 -36.31
N GLY B 392 -10.48 -3.37 -36.78
CA GLY B 392 -11.68 -2.95 -37.47
C GLY B 392 -12.62 -2.17 -36.59
N ILE B 393 -12.83 -2.65 -35.36
CA ILE B 393 -13.74 -1.97 -34.45
C ILE B 393 -13.23 -0.63 -34.00
N TYR B 394 -12.09 -0.71 -33.32
CA TYR B 394 -11.56 0.37 -32.51
C TYR B 394 -11.79 1.73 -33.09
N GLN B 395 -11.47 1.88 -34.37
CA GLN B 395 -11.43 3.21 -34.95
C GLN B 395 -12.83 3.75 -35.12
N GLU B 396 -13.79 2.89 -35.45
CA GLU B 396 -15.15 3.39 -35.68
C GLU B 396 -15.69 3.96 -34.40
N VAL B 397 -15.51 3.23 -33.31
CA VAL B 397 -16.11 3.63 -32.07
C VAL B 397 -15.56 4.96 -31.68
N LEU B 398 -14.28 5.17 -31.95
CA LEU B 398 -13.71 6.44 -31.59
C LEU B 398 -14.11 7.42 -32.67
N ARG B 399 -14.20 6.95 -33.91
CA ARG B 399 -14.71 7.76 -35.00
C ARG B 399 -16.18 8.04 -34.74
N VAL B 400 -16.77 7.31 -33.79
CA VAL B 400 -18.11 7.67 -33.42
C VAL B 400 -18.06 8.86 -32.48
N VAL B 401 -17.16 8.86 -31.50
CA VAL B 401 -17.20 9.91 -30.48
C VAL B 401 -16.55 11.19 -30.99
N ARG B 402 -15.55 11.03 -31.85
CA ARG B 402 -14.84 12.18 -32.41
C ARG B 402 -15.84 13.10 -33.08
N PHE B 403 -16.93 12.50 -33.53
CA PHE B 403 -18.01 13.19 -34.17
C PHE B 403 -18.72 14.20 -33.27
N TRP B 404 -19.09 13.77 -32.08
CA TRP B 404 -20.04 14.55 -31.31
C TRP B 404 -19.42 15.75 -30.58
N ILE B 405 -18.18 15.60 -30.09
CA ILE B 405 -17.48 16.66 -29.32
C ILE B 405 -17.43 17.96 -30.07
N SER B 406 -17.37 17.84 -31.38
CA SER B 406 -17.37 18.99 -32.26
C SER B 406 -18.64 19.83 -31.99
N HIS B 407 -19.75 19.17 -31.67
CA HIS B 407 -21.03 19.85 -31.46
C HIS B 407 -21.01 20.70 -30.21
N GLY B 408 -20.10 20.35 -29.32
CA GLY B 408 -19.93 20.99 -28.04
C GLY B 408 -20.41 20.03 -26.97
N VAL B 409 -19.92 18.79 -27.03
CA VAL B 409 -20.21 17.83 -25.98
C VAL B 409 -18.89 17.40 -25.36
N ASN B 410 -18.88 17.77 -24.11
CA ASN B 410 -17.73 17.88 -23.25
C ASN B 410 -17.75 16.97 -22.06
N ILE B 411 -18.82 16.17 -22.02
CA ILE B 411 -19.06 15.10 -21.05
C ILE B 411 -19.72 13.86 -21.69
N PHE B 412 -19.24 12.63 -21.46
CA PHE B 412 -19.95 11.44 -21.98
C PHE B 412 -20.23 10.35 -20.92
N ARG B 413 -21.47 10.03 -20.59
CA ARG B 413 -21.62 8.95 -19.63
C ARG B 413 -21.53 7.60 -20.30
N VAL B 414 -20.60 6.79 -19.83
CA VAL B 414 -20.28 5.54 -20.51
C VAL B 414 -20.78 4.32 -19.74
N ASP B 415 -21.42 3.40 -20.45
CA ASP B 415 -22.13 2.34 -19.78
C ASP B 415 -21.39 1.06 -19.59
N ASN B 416 -21.45 0.59 -18.36
CA ASN B 416 -20.92 -0.70 -17.92
C ASN B 416 -19.63 -1.13 -18.59
N PRO B 417 -18.51 -0.48 -18.24
CA PRO B 417 -17.23 -0.66 -18.90
C PRO B 417 -16.52 -1.91 -18.41
N HIS B 418 -17.08 -2.49 -17.35
CA HIS B 418 -16.72 -3.81 -16.85
C HIS B 418 -17.16 -4.96 -17.76
N THR B 419 -17.65 -4.61 -18.94
CA THR B 419 -18.14 -5.57 -19.93
C THR B 419 -17.26 -5.65 -21.20
N LYS B 420 -16.34 -4.67 -21.27
CA LYS B 420 -15.52 -4.34 -22.44
C LYS B 420 -13.97 -4.34 -22.17
N PRO B 421 -13.16 -5.05 -23.03
CA PRO B 421 -11.78 -5.21 -22.55
C PRO B 421 -11.10 -3.91 -22.14
N PRO B 422 -10.47 -3.97 -20.98
CA PRO B 422 -9.80 -2.83 -20.41
C PRO B 422 -8.79 -2.24 -21.39
N ASN B 423 -8.32 -3.06 -22.30
CA ASN B 423 -7.41 -2.60 -23.35
C ASN B 423 -7.90 -1.39 -24.05
N PHE B 424 -9.11 -1.52 -24.53
CA PHE B 424 -9.65 -0.55 -25.44
C PHE B 424 -9.67 0.81 -24.76
N TRP B 425 -10.25 0.79 -23.57
CA TRP B 425 -10.45 1.96 -22.73
C TRP B 425 -9.24 2.91 -22.62
N ALA B 426 -8.11 2.39 -22.16
CA ALA B 426 -6.95 3.24 -21.96
C ALA B 426 -6.54 3.85 -23.29
N TRP B 427 -6.76 3.10 -24.36
CA TRP B 427 -6.49 3.53 -25.72
C TRP B 427 -7.50 4.53 -26.19
N LEU B 428 -8.74 4.22 -25.89
CA LEU B 428 -9.86 5.06 -26.26
C LEU B 428 -9.71 6.44 -25.68
N ILE B 429 -9.61 6.44 -24.36
CA ILE B 429 -9.49 7.64 -23.57
C ILE B 429 -8.23 8.44 -23.97
N GLY B 430 -7.13 7.72 -24.21
CA GLY B 430 -5.87 8.31 -24.64
C GLY B 430 -6.03 9.24 -25.82
N GLN B 431 -6.29 8.68 -26.99
CA GLN B 431 -6.36 9.47 -28.22
C GLN B 431 -7.34 10.63 -28.12
N ILE B 432 -8.44 10.45 -27.40
CA ILE B 432 -9.36 11.56 -27.29
C ILE B 432 -8.71 12.70 -26.47
N LYS B 433 -8.14 12.37 -25.32
CA LYS B 433 -7.54 13.37 -24.47
C LYS B 433 -6.20 13.88 -25.01
N ASN B 434 -5.71 13.20 -26.03
CA ASN B 434 -4.57 13.72 -26.76
C ASN B 434 -5.08 14.90 -27.57
N GLU B 435 -6.27 14.75 -28.13
CA GLU B 435 -6.83 15.84 -28.88
C GLU B 435 -7.30 16.88 -27.88
N ASN B 436 -8.51 16.70 -27.38
CA ASN B 436 -9.03 17.59 -26.35
C ASN B 436 -9.28 16.93 -25.02
N PRO B 437 -8.48 17.30 -24.04
CA PRO B 437 -8.57 16.84 -22.66
C PRO B 437 -9.48 17.70 -21.80
N ASP B 438 -10.48 18.36 -22.40
CA ASP B 438 -11.49 19.05 -21.60
C ASP B 438 -12.69 18.18 -21.49
N VAL B 439 -12.78 17.23 -22.40
CA VAL B 439 -13.92 16.36 -22.44
C VAL B 439 -13.81 15.24 -21.43
N LEU B 440 -14.83 15.11 -20.59
CA LEU B 440 -14.75 14.15 -19.50
C LEU B 440 -15.75 12.97 -19.63
N PHE B 441 -15.38 11.82 -19.05
CA PHE B 441 -16.17 10.57 -19.12
C PHE B 441 -16.72 10.14 -17.76
N LEU B 442 -17.63 9.17 -17.73
CA LEU B 442 -18.17 8.71 -16.46
C LEU B 442 -18.47 7.21 -16.54
N SER B 443 -17.98 6.49 -15.54
CA SER B 443 -18.18 5.05 -15.45
C SER B 443 -19.43 4.61 -14.68
N GLU B 444 -20.31 3.92 -15.40
CA GLU B 444 -21.56 3.41 -14.88
C GLU B 444 -21.34 1.96 -14.53
N ALA B 445 -20.51 1.75 -13.53
CA ALA B 445 -20.21 0.38 -13.17
C ALA B 445 -20.64 0.10 -11.74
N PHE B 446 -21.19 -1.07 -11.51
CA PHE B 446 -21.50 -1.52 -10.16
C PHE B 446 -20.70 -2.75 -9.76
N THR B 447 -19.61 -3.04 -10.48
CA THR B 447 -18.90 -4.29 -10.23
C THR B 447 -18.11 -4.27 -8.92
N ARG B 448 -17.51 -5.42 -8.66
CA ARG B 448 -16.71 -5.63 -7.49
C ARG B 448 -15.57 -4.65 -7.50
N PRO B 449 -15.24 -4.14 -6.31
CA PRO B 449 -14.33 -2.98 -6.19
C PRO B 449 -13.04 -3.25 -6.93
N ALA B 450 -12.66 -4.52 -6.92
CA ALA B 450 -11.43 -4.94 -7.53
C ALA B 450 -11.53 -4.63 -8.99
N ARG B 451 -12.74 -4.53 -9.48
CA ARG B 451 -12.92 -4.17 -10.87
C ARG B 451 -13.38 -2.76 -10.99
N LEU B 452 -14.30 -2.41 -10.11
CA LEU B 452 -14.91 -1.12 -10.20
C LEU B 452 -13.78 -0.13 -10.09
N TYR B 453 -12.94 -0.26 -9.07
CA TYR B 453 -11.88 0.71 -8.90
C TYR B 453 -10.79 0.56 -9.95
N GLY B 454 -10.76 -0.60 -10.59
CA GLY B 454 -9.73 -0.90 -11.55
C GLY B 454 -9.93 0.02 -12.71
N LEU B 455 -11.19 0.31 -12.96
CA LEU B 455 -11.60 1.13 -14.08
C LEU B 455 -11.08 2.56 -14.02
N ALA B 456 -11.42 3.27 -12.95
CA ALA B 456 -11.06 4.66 -12.81
C ALA B 456 -9.54 4.86 -12.91
N LYS B 457 -8.78 3.87 -12.44
CA LYS B 457 -7.32 3.88 -12.54
C LYS B 457 -6.74 4.08 -13.93
N LEU B 458 -7.16 3.25 -14.88
CA LEU B 458 -6.61 3.33 -16.22
C LEU B 458 -7.01 4.66 -16.85
N GLY B 459 -8.04 5.30 -16.30
CA GLY B 459 -8.34 6.64 -16.75
C GLY B 459 -9.77 7.11 -16.81
N PHE B 460 -10.73 6.27 -16.40
CA PHE B 460 -12.10 6.75 -16.32
C PHE B 460 -12.21 7.79 -15.23
N THR B 461 -12.60 9.01 -15.62
CA THR B 461 -12.62 10.16 -14.72
C THR B 461 -13.46 9.89 -13.47
N GLN B 462 -14.71 9.51 -13.65
CA GLN B 462 -15.56 9.34 -12.49
C GLN B 462 -16.07 7.92 -12.33
N SER B 463 -16.91 7.74 -11.32
CA SER B 463 -17.31 6.41 -10.88
C SER B 463 -18.73 6.41 -10.35
N TYR B 464 -19.38 5.29 -10.53
CA TYR B 464 -20.64 5.06 -9.91
C TYR B 464 -20.29 4.32 -8.67
N THR B 465 -20.96 4.61 -7.58
CA THR B 465 -20.72 3.80 -6.41
C THR B 465 -22.00 3.10 -6.05
N TYR B 466 -21.90 1.92 -5.46
CA TYR B 466 -23.10 1.24 -4.95
C TYR B 466 -23.63 1.89 -3.69
N PHE B 467 -23.33 3.18 -3.52
CA PHE B 467 -23.80 3.96 -2.39
C PHE B 467 -25.20 3.57 -2.05
N THR B 468 -25.98 3.28 -3.08
CA THR B 468 -27.38 2.92 -2.94
C THR B 468 -27.51 1.72 -2.03
N TRP B 469 -26.69 0.71 -2.30
CA TRP B 469 -26.76 -0.56 -1.58
C TRP B 469 -26.44 -0.32 -0.09
N ARG B 470 -25.75 0.79 0.17
CA ARG B 470 -25.42 1.23 1.53
C ARG B 470 -26.55 2.08 2.15
N THR B 471 -27.22 1.55 3.17
CA THR B 471 -28.38 2.20 3.78
C THR B 471 -28.18 2.47 5.29
N SER B 472 -27.45 1.57 5.94
CA SER B 472 -27.22 1.68 7.38
C SER B 472 -26.30 2.83 7.77
N LYS B 473 -26.59 3.34 8.95
CA LYS B 473 -25.74 4.32 9.58
C LYS B 473 -24.30 3.81 9.63
N TRP B 474 -24.12 2.50 9.51
CA TRP B 474 -22.81 1.88 9.50
C TRP B 474 -22.36 1.59 8.10
N GLU B 475 -23.29 1.73 7.18
CA GLU B 475 -22.96 1.65 5.79
C GLU B 475 -22.71 3.04 5.30
N LEU B 476 -23.53 3.97 5.74
CA LEU B 476 -23.35 5.37 5.39
C LEU B 476 -21.98 5.91 5.81
N THR B 477 -21.26 5.18 6.66
CA THR B 477 -19.89 5.59 7.02
C THR B 477 -18.88 4.79 6.26
N GLU B 478 -19.02 3.48 6.32
CA GLU B 478 -18.03 2.62 5.71
C GLU B 478 -17.98 2.83 4.20
N PHE B 479 -19.08 3.31 3.63
CA PHE B 479 -19.06 3.81 2.25
C PHE B 479 -18.16 5.03 2.19
N GLY B 480 -18.40 5.98 3.08
CA GLY B 480 -17.59 7.18 3.16
C GLY B 480 -16.13 6.85 3.46
N GLN B 481 -15.90 5.92 4.39
CA GLN B 481 -14.56 5.59 4.83
C GLN B 481 -13.71 5.24 3.64
N GLU B 482 -14.34 4.55 2.70
CA GLU B 482 -13.65 4.08 1.53
C GLU B 482 -13.44 5.16 0.52
N ILE B 483 -14.50 5.89 0.21
CA ILE B 483 -14.43 6.85 -0.88
C ILE B 483 -13.39 7.91 -0.53
N ALA B 484 -13.51 8.50 0.66
CA ALA B 484 -12.61 9.54 1.12
C ALA B 484 -11.16 9.10 1.11
N ALA B 485 -10.96 7.80 1.29
CA ALA B 485 -9.63 7.25 1.37
C ALA B 485 -8.92 7.24 0.02
N LYS B 486 -9.69 7.08 -1.05
CA LYS B 486 -9.17 7.00 -2.43
C LYS B 486 -9.43 8.25 -3.25
N ALA B 487 -9.37 9.42 -2.62
CA ALA B 487 -9.60 10.70 -3.29
C ALA B 487 -8.58 10.89 -4.42
N ASP B 488 -7.47 10.16 -4.30
CA ASP B 488 -6.41 10.11 -5.30
C ASP B 488 -6.85 9.44 -6.62
N ILE B 489 -7.78 8.50 -6.58
CA ILE B 489 -8.20 7.83 -7.82
C ILE B 489 -9.65 8.04 -8.22
N ALA B 490 -10.50 7.12 -7.80
CA ALA B 490 -11.88 7.08 -8.26
C ALA B 490 -12.66 8.28 -7.74
N ARG B 491 -13.58 8.79 -8.54
CA ARG B 491 -14.59 9.74 -8.07
C ARG B 491 -15.99 9.18 -8.17
N PRO B 492 -16.63 8.99 -7.02
CA PRO B 492 -17.98 8.43 -7.09
C PRO B 492 -18.87 9.45 -7.72
N ASN B 493 -19.81 9.02 -8.51
CA ASN B 493 -20.79 9.97 -8.93
C ASN B 493 -22.02 9.47 -8.21
N LEU B 494 -22.47 10.26 -7.25
CA LEU B 494 -23.58 9.83 -6.42
C LEU B 494 -24.88 10.35 -6.96
N PHE B 495 -25.41 9.57 -7.88
CA PHE B 495 -26.72 9.82 -8.38
C PHE B 495 -27.78 9.41 -7.40
N VAL B 496 -28.70 10.31 -7.09
CA VAL B 496 -29.75 9.95 -6.16
C VAL B 496 -30.67 8.92 -6.82
N ASN B 497 -30.74 8.89 -8.15
CA ASN B 497 -31.56 7.86 -8.81
C ASN B 497 -31.20 7.64 -10.26
N THR B 498 -31.41 6.40 -10.72
CA THR B 498 -31.22 6.02 -12.13
C THR B 498 -32.40 5.20 -12.63
N PRO B 499 -32.65 5.25 -13.94
CA PRO B 499 -33.67 4.47 -14.64
C PRO B 499 -33.87 3.04 -14.12
N ASP B 500 -32.78 2.43 -13.69
CA ASP B 500 -32.80 1.06 -13.26
C ASP B 500 -32.93 1.04 -11.76
N ILE B 501 -32.80 2.22 -11.16
CA ILE B 501 -32.61 2.32 -9.71
C ILE B 501 -33.74 3.03 -8.97
N LEU B 502 -34.27 2.34 -7.94
CA LEU B 502 -35.35 2.82 -7.03
C LEU B 502 -35.54 1.83 -5.82
N HIS B 503 -35.08 2.23 -4.64
CA HIS B 503 -34.87 1.43 -3.39
C HIS B 503 -36.08 1.20 -2.45
N GLU B 504 -36.07 0.08 -1.70
CA GLU B 504 -37.12 -0.14 -0.67
C GLU B 504 -37.17 1.03 0.30
N SER B 505 -36.01 1.63 0.55
CA SER B 505 -35.86 2.72 1.51
C SER B 505 -36.78 3.88 1.28
N LEU B 506 -36.65 4.41 0.09
CA LEU B 506 -37.35 5.60 -0.27
C LEU B 506 -38.84 5.30 -0.46
N GLN B 507 -39.10 4.07 -0.88
CA GLN B 507 -40.44 3.63 -1.15
C GLN B 507 -41.23 3.48 0.14
N HIS B 508 -40.51 3.35 1.24
CA HIS B 508 -41.13 3.14 2.53
C HIS B 508 -41.05 4.42 3.37
N GLY B 509 -40.03 5.23 3.12
CA GLY B 509 -39.76 6.39 3.95
C GLY B 509 -40.66 7.58 3.73
N GLY B 510 -41.42 7.51 2.66
CA GLY B 510 -42.36 8.54 2.34
C GLY B 510 -41.63 9.68 1.68
N PRO B 511 -42.21 10.87 1.72
CA PRO B 511 -41.66 12.02 1.02
C PRO B 511 -40.43 12.61 1.68
N GLY B 512 -40.20 12.24 2.93
CA GLY B 512 -39.07 12.76 3.67
C GLY B 512 -37.75 12.11 3.33
N MET B 513 -37.78 10.80 3.09
CA MET B 513 -36.55 10.05 2.86
C MET B 513 -36.00 10.36 1.45
N PHE B 514 -36.80 11.04 0.65
CA PHE B 514 -36.30 11.60 -0.60
C PHE B 514 -35.20 12.59 -0.27
N ALA B 515 -35.56 13.52 0.62
CA ALA B 515 -34.66 14.56 1.10
C ALA B 515 -33.42 13.89 1.62
N ILE B 516 -33.59 13.07 2.65
CA ILE B 516 -32.48 12.46 3.34
C ILE B 516 -31.60 11.68 2.38
N ARG B 517 -32.18 10.93 1.46
CA ARG B 517 -31.32 10.24 0.52
C ARG B 517 -30.72 11.22 -0.49
N ALA B 518 -31.45 12.29 -0.80
CA ALA B 518 -30.92 13.30 -1.70
C ALA B 518 -29.76 14.10 -1.08
N VAL B 519 -29.62 14.09 0.23
CA VAL B 519 -28.49 14.79 0.83
C VAL B 519 -27.33 13.81 1.05
N LEU B 520 -27.61 12.51 1.11
CA LEU B 520 -26.50 11.56 1.17
C LEU B 520 -25.69 11.67 -0.12
N ALA B 521 -26.35 11.92 -1.25
CA ALA B 521 -25.64 12.05 -2.51
C ALA B 521 -25.04 13.44 -2.70
N ALA B 522 -25.76 14.45 -2.22
CA ALA B 522 -25.39 15.86 -2.45
C ALA B 522 -24.24 16.41 -1.61
N THR B 523 -24.21 16.13 -0.31
CA THR B 523 -23.15 16.66 0.55
C THR B 523 -21.89 15.79 0.49
N MET B 524 -22.05 14.48 0.45
CA MET B 524 -20.90 13.58 0.42
C MET B 524 -20.27 13.60 -0.96
N GLY B 525 -21.08 13.80 -1.99
CA GLY B 525 -20.58 13.76 -3.35
C GLY B 525 -20.36 15.10 -4.03
N PRO B 526 -19.09 15.47 -4.21
CA PRO B 526 -18.70 16.67 -4.95
C PRO B 526 -19.28 16.68 -6.35
N ALA B 527 -19.35 15.49 -6.94
CA ALA B 527 -20.11 15.31 -8.15
C ALA B 527 -21.21 14.29 -7.87
N TRP B 528 -22.44 14.72 -8.04
CA TRP B 528 -23.59 13.90 -7.70
C TRP B 528 -24.65 14.07 -8.73
N GLY B 529 -25.65 13.22 -8.67
CA GLY B 529 -26.64 13.25 -9.72
C GLY B 529 -28.07 13.10 -9.34
N VAL B 530 -28.94 13.48 -10.27
CA VAL B 530 -30.37 13.36 -10.09
C VAL B 530 -31.04 13.00 -11.41
N TYR B 531 -31.97 12.07 -11.29
CA TYR B 531 -32.83 11.58 -12.35
C TYR B 531 -34.12 12.35 -12.29
N SER B 532 -34.67 12.71 -13.45
CA SER B 532 -35.92 13.46 -13.47
CA SER B 532 -35.94 13.43 -13.53
C SER B 532 -37.06 12.59 -12.91
N GLY B 533 -37.93 13.23 -12.15
CA GLY B 533 -39.02 12.52 -11.51
C GLY B 533 -38.84 12.51 -10.01
N TYR B 534 -37.60 12.74 -9.57
CA TYR B 534 -37.26 12.84 -8.16
C TYR B 534 -37.97 14.06 -7.53
N GLU B 535 -37.96 15.22 -8.18
CA GLU B 535 -38.73 16.40 -7.70
C GLU B 535 -40.23 16.14 -7.51
N LEU B 536 -40.83 15.35 -8.39
CA LEU B 536 -42.27 15.08 -8.35
C LEU B 536 -42.67 13.86 -7.51
N PHE B 537 -41.70 13.24 -6.83
CA PHE B 537 -41.94 12.09 -5.94
C PHE B 537 -42.59 10.85 -6.55
N GLU B 538 -41.91 10.15 -7.45
CA GLU B 538 -42.50 8.89 -7.89
C GLU B 538 -41.73 7.76 -7.26
N ASN B 539 -42.43 6.94 -6.50
CA ASN B 539 -41.83 5.80 -5.86
C ASN B 539 -42.80 4.64 -5.91
N GLN B 540 -42.66 3.81 -6.95
CA GLN B 540 -43.52 2.64 -7.14
C GLN B 540 -42.93 1.68 -8.16
N PRO B 541 -42.91 0.36 -7.83
CA PRO B 541 -42.32 -0.69 -8.67
C PRO B 541 -43.30 -1.46 -9.55
N VAL B 542 -42.74 -2.29 -10.43
CA VAL B 542 -43.52 -3.12 -11.33
C VAL B 542 -44.37 -4.09 -10.50
N ARG B 543 -43.75 -4.62 -9.48
CA ARG B 543 -44.42 -5.53 -8.62
C ARG B 543 -43.71 -5.46 -7.29
N PRO B 544 -44.37 -5.95 -6.23
CA PRO B 544 -43.83 -5.86 -4.87
C PRO B 544 -42.47 -6.54 -4.65
N GLY B 545 -41.48 -5.74 -4.28
CA GLY B 545 -40.14 -6.24 -4.00
C GLY B 545 -39.18 -5.96 -5.13
N SER B 546 -39.72 -5.73 -6.33
CA SER B 546 -38.91 -5.44 -7.52
C SER B 546 -38.34 -4.04 -7.42
N GLU B 547 -37.15 -3.84 -7.97
CA GLU B 547 -36.46 -2.55 -7.88
C GLU B 547 -36.31 -1.83 -9.23
N GLU B 548 -37.30 -2.03 -10.12
CA GLU B 548 -37.41 -1.29 -11.37
C GLU B 548 -38.61 -0.34 -11.35
N TYR B 549 -38.48 0.75 -12.09
CA TYR B 549 -39.53 1.76 -12.15
C TYR B 549 -40.84 1.32 -12.80
N LEU B 550 -41.93 1.85 -12.25
CA LEU B 550 -43.29 1.63 -12.75
C LEU B 550 -43.54 2.28 -14.12
N ASN B 551 -44.08 1.48 -15.05
CA ASN B 551 -44.42 1.94 -16.41
C ASN B 551 -43.27 2.75 -16.97
N SER B 552 -42.11 2.13 -16.85
CA SER B 552 -40.83 2.67 -17.27
C SER B 552 -40.94 3.54 -18.52
N GLU B 553 -40.39 4.74 -18.44
CA GLU B 553 -40.23 5.61 -19.59
C GLU B 553 -39.30 4.95 -20.60
N LYS B 554 -38.59 3.94 -20.14
CA LYS B 554 -37.63 3.23 -20.97
C LYS B 554 -38.32 2.14 -21.77
N TYR B 555 -39.63 2.04 -21.60
CA TYR B 555 -40.49 1.23 -22.46
C TYR B 555 -41.79 1.95 -22.81
N GLU B 556 -41.95 3.14 -22.21
CA GLU B 556 -43.19 3.91 -22.31
C GLU B 556 -42.76 5.39 -22.37
N LEU B 557 -43.59 6.34 -22.80
CA LEU B 557 -43.16 7.75 -22.68
C LEU B 557 -43.76 8.47 -21.48
N ARG B 558 -42.96 9.21 -20.73
CA ARG B 558 -43.50 9.82 -19.51
C ARG B 558 -43.46 11.34 -19.47
N PRO B 559 -44.36 12.01 -20.18
CA PRO B 559 -44.41 13.44 -19.87
C PRO B 559 -44.86 13.69 -18.43
N ARG B 560 -44.40 14.77 -17.80
CA ARG B 560 -44.79 15.06 -16.40
C ARG B 560 -45.06 16.55 -16.17
N ASP B 561 -46.07 16.85 -15.37
CA ASP B 561 -46.36 18.22 -15.01
C ASP B 561 -45.62 18.58 -13.70
N PHE B 562 -44.41 19.13 -13.83
CA PHE B 562 -43.66 19.60 -12.67
C PHE B 562 -44.35 20.86 -12.18
N GLU B 563 -44.87 21.62 -13.14
CA GLU B 563 -45.47 22.93 -12.92
C GLU B 563 -46.57 22.74 -11.91
N SER B 564 -47.37 21.71 -12.14
CA SER B 564 -48.40 21.34 -11.21
C SER B 564 -47.86 21.20 -9.79
N ALA B 565 -47.02 20.18 -9.59
CA ALA B 565 -46.52 19.81 -8.27
C ALA B 565 -45.89 20.96 -7.51
N LEU B 566 -45.11 21.79 -8.20
CA LEU B 566 -44.50 22.91 -7.50
C LEU B 566 -45.57 23.93 -7.16
N ALA B 567 -46.35 24.33 -8.17
CA ALA B 567 -47.34 25.39 -8.02
C ALA B 567 -48.23 25.16 -6.82
N ARG B 568 -48.65 23.92 -6.62
CA ARG B 568 -49.49 23.63 -5.47
C ARG B 568 -48.66 23.32 -4.21
N GLY B 569 -47.35 23.44 -4.33
CA GLY B 569 -46.49 23.47 -3.17
C GLY B 569 -46.12 22.19 -2.46
N GLU B 570 -45.97 21.13 -3.23
CA GLU B 570 -45.24 19.94 -2.78
C GLU B 570 -44.36 19.34 -3.91
N SER B 571 -43.37 20.10 -4.38
CA SER B 571 -42.35 19.57 -5.29
C SER B 571 -41.01 19.78 -4.61
N LEU B 572 -40.01 19.01 -4.98
CA LEU B 572 -38.75 19.07 -4.23
C LEU B 572 -37.74 19.98 -4.90
N GLU B 573 -37.93 20.18 -6.20
CA GLU B 573 -37.22 21.17 -7.01
C GLU B 573 -36.74 22.43 -6.24
N PRO B 574 -37.65 23.11 -5.48
CA PRO B 574 -37.23 24.23 -4.62
C PRO B 574 -36.27 23.87 -3.49
N PHE B 575 -36.15 22.59 -3.17
CA PHE B 575 -35.22 22.20 -2.14
C PHE B 575 -33.89 21.85 -2.79
N LEU B 576 -33.95 21.17 -3.93
CA LEU B 576 -32.73 20.82 -4.66
C LEU B 576 -32.20 22.02 -5.41
N THR B 577 -32.90 23.13 -5.35
CA THR B 577 -32.26 24.35 -5.76
C THR B 577 -31.70 25.03 -4.53
N ARG B 578 -32.34 24.81 -3.39
CA ARG B 578 -31.75 25.28 -2.18
C ARG B 578 -30.48 24.47 -1.97
N LEU B 579 -30.58 23.17 -2.16
CA LEU B 579 -29.41 22.29 -2.02
C LEU B 579 -28.33 22.59 -3.02
N ASN B 580 -28.71 22.90 -4.26
CA ASN B 580 -27.72 23.22 -5.26
C ASN B 580 -27.16 24.59 -4.98
N GLU B 581 -27.83 25.37 -4.15
CA GLU B 581 -27.35 26.72 -3.94
C GLU B 581 -26.18 26.76 -2.99
N ILE B 582 -26.35 26.07 -1.87
CA ILE B 582 -25.33 26.02 -0.84
C ILE B 582 -24.07 25.32 -1.39
N ARG B 583 -24.26 24.38 -2.31
CA ARG B 583 -23.15 23.64 -2.92
C ARG B 583 -22.21 24.64 -3.59
N ARG B 584 -22.81 25.52 -4.39
CA ARG B 584 -22.06 26.54 -5.10
C ARG B 584 -21.60 27.61 -4.13
N LEU B 585 -22.28 27.70 -2.98
CA LEU B 585 -21.94 28.65 -1.92
C LEU B 585 -20.73 28.27 -1.03
N HIS B 586 -20.52 26.96 -0.77
CA HIS B 586 -19.44 26.46 0.12
C HIS B 586 -18.52 25.40 -0.49
N PRO B 587 -17.22 25.72 -0.54
CA PRO B 587 -16.13 24.93 -1.13
C PRO B 587 -15.73 23.71 -0.31
N ALA B 588 -16.25 23.54 0.90
CA ALA B 588 -15.97 22.34 1.67
C ALA B 588 -16.62 21.15 0.98
N LEU B 589 -17.57 21.44 0.09
CA LEU B 589 -18.37 20.42 -0.61
C LEU B 589 -17.88 20.16 -2.01
N ARG B 590 -16.58 20.27 -2.21
CA ARG B 590 -15.95 19.85 -3.45
C ARG B 590 -15.05 18.64 -3.19
N GLU B 591 -14.59 18.49 -1.95
CA GLU B 591 -13.52 17.52 -1.70
C GLU B 591 -13.95 16.15 -1.17
N LEU B 592 -13.10 15.17 -1.45
CA LEU B 592 -13.31 13.76 -1.18
C LEU B 592 -12.63 13.33 0.13
N ARG B 593 -11.36 13.71 0.24
CA ARG B 593 -10.42 13.32 1.32
C ARG B 593 -10.51 14.09 2.62
N THR B 594 -11.22 15.22 2.62
CA THR B 594 -11.21 16.02 3.82
C THR B 594 -12.32 15.55 4.73
N ILE B 595 -13.23 14.73 4.18
CA ILE B 595 -14.44 14.29 4.94
C ILE B 595 -14.16 13.58 6.27
N ARG B 596 -14.86 14.04 7.32
CA ARG B 596 -14.67 13.49 8.64
C ARG B 596 -16.00 13.21 9.32
N PHE B 597 -15.96 12.39 10.37
CA PHE B 597 -17.15 11.89 11.08
C PHE B 597 -17.10 11.96 12.62
N HIS B 598 -17.89 12.84 13.21
CA HIS B 598 -17.86 12.96 14.66
C HIS B 598 -19.00 12.05 15.09
N HIS B 599 -18.94 11.53 16.31
CA HIS B 599 -19.92 10.55 16.75
C HIS B 599 -21.14 11.16 17.42
N VAL B 600 -22.24 10.41 17.39
CA VAL B 600 -23.51 10.84 17.94
C VAL B 600 -24.09 9.71 18.78
N ASP B 601 -24.71 10.03 19.91
CA ASP B 601 -25.24 8.98 20.76
C ASP B 601 -26.66 8.59 20.38
N ASN B 602 -26.97 8.55 19.08
CA ASN B 602 -28.29 8.11 18.64
C ASN B 602 -28.20 7.21 17.41
N ASP B 603 -28.68 5.98 17.57
CA ASP B 603 -28.61 4.97 16.52
C ASP B 603 -29.26 5.45 15.23
N ALA B 604 -30.34 6.21 15.33
CA ALA B 604 -31.09 6.59 14.14
C ALA B 604 -30.55 7.89 13.53
N LEU B 605 -29.55 8.47 14.17
CA LEU B 605 -28.94 9.68 13.62
C LEU B 605 -27.59 9.40 13.02
N LEU B 606 -27.12 10.36 12.21
CA LEU B 606 -25.73 10.37 11.77
C LEU B 606 -25.22 11.80 11.49
N ALA B 607 -23.89 12.00 11.61
CA ALA B 607 -23.27 13.33 11.66
C ALA B 607 -21.76 13.39 11.27
N TYR B 608 -21.45 14.23 10.28
CA TYR B 608 -20.12 14.33 9.73
C TYR B 608 -19.77 15.76 9.31
N SER B 609 -18.48 16.11 9.36
CA SER B 609 -18.00 17.46 8.98
C SER B 609 -16.97 17.43 7.84
N LYS B 610 -16.90 18.53 7.06
CA LYS B 610 -15.88 18.66 6.01
C LYS B 610 -15.37 20.11 5.96
N PHE B 611 -14.04 20.24 5.87
CA PHE B 611 -13.30 21.52 5.88
C PHE B 611 -12.70 21.85 4.52
N ASP B 612 -12.18 23.08 4.38
CA ASP B 612 -11.50 23.51 3.14
C ASP B 612 -10.05 23.92 3.37
N PRO B 613 -9.16 23.44 2.50
CA PRO B 613 -7.76 23.87 2.50
C PRO B 613 -7.54 25.26 1.92
N GLY B 614 -8.06 25.51 0.72
CA GLY B 614 -7.72 26.73 0.00
C GLY B 614 -8.29 27.92 0.72
N THR B 615 -9.60 27.88 0.94
CA THR B 615 -10.33 28.91 1.66
C THR B 615 -10.32 28.76 3.19
N GLY B 616 -10.49 27.53 3.68
CA GLY B 616 -10.67 27.33 5.11
C GLY B 616 -12.06 26.83 5.48
N ASP B 617 -13.03 26.98 4.57
CA ASP B 617 -14.45 26.66 4.82
C ASP B 617 -14.83 25.27 5.32
N THR B 618 -15.48 25.26 6.47
CA THR B 618 -15.99 24.04 7.07
C THR B 618 -17.51 23.96 6.99
N VAL B 619 -18.04 22.80 6.62
CA VAL B 619 -19.48 22.65 6.64
C VAL B 619 -19.83 21.32 7.29
N LEU B 620 -20.89 21.30 8.10
CA LEU B 620 -21.28 20.07 8.80
C LEU B 620 -22.78 19.67 8.68
N VAL B 621 -23.07 18.41 8.33
CA VAL B 621 -24.47 18.00 8.12
C VAL B 621 -24.98 16.90 9.07
N VAL B 622 -26.02 17.20 9.84
CA VAL B 622 -26.59 16.19 10.71
C VAL B 622 -27.98 15.79 10.22
N VAL B 623 -28.09 14.51 9.91
CA VAL B 623 -29.31 13.98 9.34
C VAL B 623 -29.73 12.80 10.22
N THR B 624 -30.96 12.35 10.08
CA THR B 624 -31.46 11.23 10.86
C THR B 624 -31.76 10.09 9.92
N LEU B 625 -32.02 8.89 10.45
CA LEU B 625 -32.43 7.76 9.59
C LEU B 625 -33.96 7.53 9.58
N ASN B 626 -34.63 8.20 10.52
CA ASN B 626 -36.07 8.18 10.57
C ASN B 626 -36.59 9.05 9.47
N PRO B 627 -37.47 8.51 8.62
CA PRO B 627 -38.20 9.31 7.63
C PRO B 627 -39.62 9.59 8.11
N PHE B 628 -39.79 9.83 9.41
CA PHE B 628 -41.11 9.98 9.99
C PHE B 628 -41.16 10.96 11.17
N GLY B 629 -41.04 10.47 12.39
CA GLY B 629 -41.35 11.28 13.55
C GLY B 629 -40.18 11.99 14.19
N ALA B 630 -40.50 12.96 15.04
CA ALA B 630 -39.50 13.70 15.79
C ALA B 630 -38.69 12.76 16.65
N GLU B 631 -37.41 12.70 16.34
CA GLU B 631 -36.47 11.82 17.03
C GLU B 631 -35.22 12.64 17.40
N GLU B 632 -35.14 13.03 18.66
CA GLU B 632 -34.08 13.89 19.22
C GLU B 632 -32.73 13.21 19.47
N ALA B 633 -31.66 13.99 19.64
CA ALA B 633 -30.34 13.44 19.96
C ALA B 633 -29.36 14.47 20.58
N THR B 634 -28.09 14.05 20.76
CA THR B 634 -27.02 14.95 21.26
C THR B 634 -25.74 14.78 20.44
N LEU B 635 -24.67 15.52 20.79
CA LEU B 635 -23.48 15.52 19.92
C LEU B 635 -22.08 15.30 20.51
N TRP B 636 -21.35 14.40 19.85
CA TRP B 636 -19.95 14.14 20.16
C TRP B 636 -19.04 14.51 19.01
N LEU B 637 -18.33 15.62 19.18
CA LEU B 637 -17.36 16.06 18.20
C LEU B 637 -15.92 15.66 18.53
N ASP B 638 -15.19 15.31 17.50
CA ASP B 638 -13.74 15.24 17.53
C ASP B 638 -13.35 16.68 17.15
N MET B 639 -12.96 17.45 18.15
CA MET B 639 -12.75 18.86 17.93
C MET B 639 -11.53 19.24 17.12
N PRO B 640 -10.43 18.47 17.23
CA PRO B 640 -9.29 18.74 16.35
C PRO B 640 -9.60 18.80 14.85
N GLU B 641 -10.36 17.84 14.31
CA GLU B 641 -10.69 17.88 12.89
C GLU B 641 -11.59 19.11 12.70
N LEU B 642 -12.26 19.54 13.78
CA LEU B 642 -13.10 20.72 13.70
C LEU B 642 -12.24 21.97 13.67
N GLY B 643 -10.99 21.80 14.09
CA GLY B 643 -10.03 22.90 14.09
C GLY B 643 -10.17 23.72 15.36
N MET B 644 -11.13 23.31 16.17
CA MET B 644 -11.41 24.00 17.40
C MET B 644 -11.00 23.14 18.58
N GLU B 645 -10.67 23.80 19.68
CA GLU B 645 -10.26 23.14 20.91
C GLU B 645 -11.45 22.43 21.54
N PRO B 646 -11.19 21.29 22.19
CA PRO B 646 -12.10 20.44 22.96
C PRO B 646 -13.08 21.18 23.89
N TYR B 647 -12.70 22.38 24.31
CA TYR B 647 -13.47 23.06 25.33
C TYR B 647 -14.37 24.21 24.81
N ASP B 648 -13.96 24.92 23.76
CA ASP B 648 -14.67 26.16 23.36
C ASP B 648 -16.04 26.09 22.73
N ARG B 649 -16.66 27.26 22.76
CA ARG B 649 -18.01 27.53 22.31
C ARG B 649 -17.94 28.32 21.00
N PHE B 650 -18.82 28.02 20.06
CA PHE B 650 -18.77 28.65 18.75
C PHE B 650 -20.16 28.94 18.25
N TRP B 651 -20.29 29.99 17.45
CA TRP B 651 -21.61 30.46 17.07
C TRP B 651 -21.91 29.92 15.69
N VAL B 652 -22.96 29.09 15.62
CA VAL B 652 -23.24 28.27 14.45
C VAL B 652 -24.60 28.60 13.81
N ARG B 653 -24.60 28.93 12.52
CA ARG B 653 -25.86 29.26 11.82
C ARG B 653 -26.25 28.28 10.70
N ASP B 654 -27.54 27.94 10.72
CA ASP B 654 -28.23 26.98 9.87
C ASP B 654 -28.64 27.61 8.52
N GLU B 655 -28.44 26.96 7.38
CA GLU B 655 -28.64 27.69 6.11
C GLU B 655 -29.95 27.42 5.38
N ILE B 656 -30.39 26.17 5.40
CA ILE B 656 -31.72 25.79 4.93
C ILE B 656 -32.82 26.34 5.84
N THR B 657 -32.63 26.20 7.14
CA THR B 657 -33.59 26.74 8.06
C THR B 657 -33.16 28.17 8.31
N GLY B 658 -32.14 28.37 9.14
CA GLY B 658 -31.81 29.73 9.52
C GLY B 658 -31.63 29.96 11.00
N GLU B 659 -30.99 29.00 11.64
CA GLU B 659 -30.82 29.09 13.08
C GLU B 659 -29.39 29.06 13.67
N GLU B 660 -29.04 30.21 14.24
CA GLU B 660 -27.80 30.42 14.99
C GLU B 660 -27.77 29.75 16.35
N TYR B 661 -26.70 29.02 16.65
CA TYR B 661 -26.51 28.57 18.03
C TYR B 661 -25.07 28.60 18.48
N GLN B 662 -24.85 28.76 19.80
CA GLN B 662 -23.51 28.66 20.40
C GLN B 662 -23.38 27.33 21.12
N TRP B 663 -22.42 26.57 20.63
CA TRP B 663 -22.21 25.24 21.08
C TRP B 663 -20.87 24.98 21.69
N GLY B 664 -20.67 23.81 22.27
CA GLY B 664 -19.41 23.48 22.89
C GLY B 664 -19.03 22.18 22.24
N GLN B 665 -18.41 21.25 22.94
CA GLN B 665 -18.08 19.99 22.29
C GLN B 665 -19.14 18.92 22.57
N ALA B 666 -19.68 18.98 23.77
CA ALA B 666 -20.80 18.09 24.16
C ALA B 666 -22.12 18.82 24.03
N ASN B 667 -23.04 18.50 23.12
CA ASN B 667 -24.20 19.40 23.19
C ASN B 667 -25.41 18.79 22.55
N TYR B 668 -26.54 19.24 23.08
CA TYR B 668 -27.86 18.65 22.86
C TYR B 668 -28.46 19.12 21.52
N VAL B 669 -29.06 18.20 20.78
CA VAL B 669 -29.58 18.50 19.44
C VAL B 669 -30.79 17.62 19.04
N ARG B 670 -31.98 18.19 19.17
CA ARG B 670 -33.22 17.47 18.85
C ARG B 670 -33.67 17.71 17.42
N LEU B 671 -34.30 16.70 16.82
CA LEU B 671 -34.86 16.87 15.49
C LEU B 671 -36.31 16.38 15.30
N ASP B 672 -36.96 16.98 14.30
CA ASP B 672 -38.33 16.69 13.86
C ASP B 672 -38.44 16.68 12.31
N PRO B 673 -38.52 15.50 11.70
CA PRO B 673 -38.59 15.32 10.24
C PRO B 673 -39.89 15.80 9.55
N ALA B 674 -40.87 16.27 10.33
CA ALA B 674 -42.09 16.79 9.71
C ALA B 674 -41.88 18.25 9.30
N LYS B 675 -40.77 18.84 9.75
CA LYS B 675 -40.41 20.21 9.38
C LYS B 675 -39.17 20.18 8.52
N ALA B 676 -38.06 20.04 9.22
CA ALA B 676 -36.74 20.09 8.63
C ALA B 676 -36.05 18.78 8.97
N VAL B 677 -35.66 18.05 7.92
CA VAL B 677 -35.16 16.69 8.04
C VAL B 677 -33.66 16.51 8.34
N ALA B 678 -32.87 17.58 8.20
CA ALA B 678 -31.43 17.52 8.51
C ALA B 678 -30.86 18.83 9.08
N HIS B 679 -29.61 18.79 9.53
CA HIS B 679 -28.97 20.00 10.03
C HIS B 679 -27.64 20.22 9.34
N VAL B 680 -27.59 21.15 8.39
CA VAL B 680 -26.34 21.50 7.71
C VAL B 680 -25.91 22.95 7.95
N LEU B 681 -24.75 23.15 8.57
CA LEU B 681 -24.31 24.50 8.94
C LEU B 681 -22.83 24.73 8.61
N ASN B 682 -22.49 25.96 8.25
CA ASN B 682 -21.11 26.28 7.98
C ASN B 682 -20.49 26.39 9.37
N MET B 683 -19.48 25.57 9.65
CA MET B 683 -18.76 25.60 10.93
C MET B 683 -17.63 26.67 10.86
N PRO B 684 -17.08 27.12 12.02
CA PRO B 684 -16.00 28.13 11.93
C PRO B 684 -14.76 27.68 11.18
N LEU B 685 -14.29 28.56 10.32
CA LEU B 685 -13.24 28.25 9.37
C LEU B 685 -11.90 27.92 10.04
N ILE B 686 -10.98 27.37 9.25
CA ILE B 686 -9.66 26.95 9.72
C ILE B 686 -8.51 27.67 9.00
N PRO B 687 -7.48 28.12 9.76
CA PRO B 687 -6.38 28.92 9.20
C PRO B 687 -5.43 28.12 8.31
N ALA B 688 -4.79 28.77 7.33
CA ALA B 688 -3.91 28.12 6.33
C ALA B 688 -3.09 26.99 6.92
N ASP B 689 -2.29 27.39 7.90
CA ASP B 689 -1.38 26.53 8.65
C ASP B 689 -2.03 25.29 9.21
N LYS B 690 -3.26 25.42 9.69
CA LYS B 690 -3.93 24.26 10.23
C LYS B 690 -4.66 23.44 9.18
N ARG B 691 -5.37 24.08 8.26
CA ARG B 691 -6.17 23.30 7.33
C ARG B 691 -5.27 22.32 6.62
N LEU B 692 -4.08 22.79 6.25
CA LEU B 692 -3.12 21.98 5.51
C LEU B 692 -2.55 20.90 6.41
N GLN B 693 -2.77 21.11 7.71
CA GLN B 693 -2.26 20.24 8.75
C GLN B 693 -3.31 19.20 9.01
N LEU B 694 -4.49 19.42 8.45
CA LEU B 694 -5.59 18.50 8.69
C LEU B 694 -5.93 17.67 7.49
N LEU B 695 -5.42 18.08 6.34
CA LEU B 695 -5.49 17.23 5.19
C LEU B 695 -4.25 16.35 5.30
N ARG B 696 -3.38 16.68 6.26
CA ARG B 696 -2.12 15.96 6.41
C ARG B 696 -2.36 14.51 6.67
N ARG B 697 -1.91 13.71 5.71
CA ARG B 697 -2.23 12.30 5.62
C ARG B 697 -1.94 11.61 6.95
N GLU B 698 -0.96 12.12 7.69
CA GLU B 698 -0.70 11.69 9.07
C GLU B 698 -0.32 12.86 9.98
#